data_7DGW
# 
_entry.id   7DGW 
# 
_audit_conform.dict_name       mmcif_pdbx.dic 
_audit_conform.dict_version    5.392 
_audit_conform.dict_location   http://mmcif.pdb.org/dictionaries/ascii/mmcif_pdbx.dic 
# 
loop_
_database_2.database_id 
_database_2.database_code 
_database_2.pdbx_database_accession 
_database_2.pdbx_DOI 
PDB   7DGW         pdb_00007dgw 10.2210/pdb7dgw/pdb 
WWPDB D_1300019364 ?            ?                   
# 
loop_
_pdbx_audit_revision_history.ordinal 
_pdbx_audit_revision_history.data_content_type 
_pdbx_audit_revision_history.major_revision 
_pdbx_audit_revision_history.minor_revision 
_pdbx_audit_revision_history.revision_date 
1 'Structure model' 1 0 2021-11-24 
2 'Structure model' 1 1 2022-02-16 
3 'Structure model' 1 2 2022-02-23 
4 'Structure model' 1 3 2022-03-02 
5 'Structure model' 1 4 2024-05-29 
# 
_pdbx_audit_revision_details.ordinal             1 
_pdbx_audit_revision_details.revision_ordinal    1 
_pdbx_audit_revision_details.data_content_type   'Structure model' 
_pdbx_audit_revision_details.provider            repository 
_pdbx_audit_revision_details.type                'Initial release' 
_pdbx_audit_revision_details.description         ? 
_pdbx_audit_revision_details.details             ? 
# 
loop_
_pdbx_audit_revision_group.ordinal 
_pdbx_audit_revision_group.revision_ordinal 
_pdbx_audit_revision_group.data_content_type 
_pdbx_audit_revision_group.group 
1 2 'Structure model' 'Database references' 
2 3 'Structure model' 'Database references' 
3 3 'Structure model' 'Structure summary'   
4 4 'Structure model' 'Database references' 
5 5 'Structure model' 'Data collection'     
# 
loop_
_pdbx_audit_revision_category.ordinal 
_pdbx_audit_revision_category.revision_ordinal 
_pdbx_audit_revision_category.data_content_type 
_pdbx_audit_revision_category.category 
1 2 'Structure model' citation        
2 2 'Structure model' citation_author 
3 3 'Structure model' citation        
4 3 'Structure model' citation_author 
5 3 'Structure model' entity          
6 3 'Structure model' struct          
7 4 'Structure model' citation        
8 5 'Structure model' chem_comp_atom  
9 5 'Structure model' chem_comp_bond  
# 
loop_
_pdbx_audit_revision_item.ordinal 
_pdbx_audit_revision_item.revision_ordinal 
_pdbx_audit_revision_item.data_content_type 
_pdbx_audit_revision_item.item 
1  2 'Structure model' '_citation.country'                 
2  2 'Structure model' '_citation.journal_abbrev'          
3  2 'Structure model' '_citation.journal_id_ASTM'         
4  2 'Structure model' '_citation.journal_id_CSD'          
5  2 'Structure model' '_citation.journal_id_ISSN'         
6  2 'Structure model' '_citation.pdbx_database_id_DOI'    
7  2 'Structure model' '_citation.title'                   
8  2 'Structure model' '_citation.year'                    
9  3 'Structure model' '_citation.pdbx_database_id_PubMed' 
10 3 'Structure model' '_citation.title'                   
11 3 'Structure model' '_citation_author.identifier_ORCID' 
12 3 'Structure model' '_entity.pdbx_description'          
13 3 'Structure model' '_struct.title'                     
14 4 'Structure model' '_citation.journal_volume'          
15 4 'Structure model' '_citation.page_first'              
16 4 'Structure model' '_citation.page_last'               
# 
_pdbx_database_status.status_code                     REL 
_pdbx_database_status.status_code_sf                  REL 
_pdbx_database_status.status_code_mr                  ? 
_pdbx_database_status.entry_id                        7DGW 
_pdbx_database_status.recvd_initial_deposition_date   2020-11-12 
_pdbx_database_status.SG_entry                        N 
_pdbx_database_status.deposit_site                    PDBJ 
_pdbx_database_status.process_site                    PDBJ 
_pdbx_database_status.status_code_cs                  ? 
_pdbx_database_status.status_code_nmr_data            ? 
_pdbx_database_status.methods_development_category    ? 
_pdbx_database_status.pdb_format_compatible           Y 
# 
loop_
_audit_author.name 
_audit_author.pdbx_ordinal 
_audit_author.identifier_ORCID 
'Xu, Y.'   1 0000-0003-3335-3278 
'Liao, S.' 2 0000-0002-5083-667X 
'Chen, Q.' 3 0000-0002-3301-3065 
'Liu, H.'  4 0000-0002-5926-820X 
# 
_citation.abstract                  ? 
_citation.abstract_id_CAS           ? 
_citation.book_id_ISBN              ? 
_citation.book_publisher            ? 
_citation.book_publisher_city       ? 
_citation.book_title                ? 
_citation.coordinate_linkage        ? 
_citation.country                   UK 
_citation.database_id_Medline       ? 
_citation.details                   ? 
_citation.id                        primary 
_citation.journal_abbrev            Nature 
_citation.journal_id_ASTM           NATUAS 
_citation.journal_id_CSD            0006 
_citation.journal_id_ISSN           1476-4687 
_citation.journal_full              ? 
_citation.journal_issue             ? 
_citation.journal_volume            602 
_citation.language                  ? 
_citation.page_first                523 
_citation.page_last                 528 
_citation.title                     'A backbone-centred energy function of neural networks for protein design.' 
_citation.year                      2022 
_citation.database_id_CSD           ? 
_citation.pdbx_database_id_DOI      10.1038/s41586-021-04383-5 
_citation.pdbx_database_id_PubMed   35140398 
_citation.unpublished_flag          ? 
# 
loop_
_citation_author.citation_id 
_citation_author.name 
_citation_author.ordinal 
_citation_author.identifier_ORCID 
primary 'Huang, B.' 1  ? 
primary 'Xu, Y.'    2  ? 
primary 'Hu, X.'    3  ? 
primary 'Liu, Y.'   4  ? 
primary 'Liao, S.'  5  ? 
primary 'Zhang, J.' 6  ? 
primary 'Huang, C.' 7  ? 
primary 'Hong, J.'  8  ? 
primary 'Chen, Q.'  9  ? 
primary 'Liu, H.'   10 ? 
# 
loop_
_entity.id 
_entity.type 
_entity.src_method 
_entity.pdbx_description 
_entity.formula_weight 
_entity.pdbx_number_of_molecules 
_entity.pdbx_ec 
_entity.pdbx_mutation 
_entity.pdbx_fragment 
_entity.details 
1 polymer     man 'de novo designed protein H4A2S'                      11349.265 1  ? ? ? ? 
2 non-polymer syn '4-(2-HYDROXYETHYL)-1-PIPERAZINE ETHANESULFONIC ACID' 238.305   1  ? ? ? ? 
3 water       nat water                                                 18.015    84 ? ? ? ? 
# 
_entity_poly.entity_id                      1 
_entity_poly.type                           'polypeptide(L)' 
_entity_poly.nstd_linkage                   no 
_entity_poly.nstd_monomer                   no 
_entity_poly.pdbx_seq_one_letter_code       
;MGEDYLKLLEEALKIAREVLENYPLTPVMRAAARAIIEAVKMAKKYGDEELIKLVVEAARLLRQAAKQGDLELARQALAA
ARQALAFARRVAGLEHHHHHH
;
_entity_poly.pdbx_seq_one_letter_code_can   
;MGEDYLKLLEEALKIAREVLENYPLTPVMRAAARAIIEAVKMAKKYGDEELIKLVVEAARLLRQAAKQGDLELARQALAA
ARQALAFARRVAGLEHHHHHH
;
_entity_poly.pdbx_strand_id                 A 
_entity_poly.pdbx_target_identifier         ? 
# 
loop_
_pdbx_entity_nonpoly.entity_id 
_pdbx_entity_nonpoly.name 
_pdbx_entity_nonpoly.comp_id 
2 '4-(2-HYDROXYETHYL)-1-PIPERAZINE ETHANESULFONIC ACID' EPE 
3 water                                                 HOH 
# 
loop_
_entity_poly_seq.entity_id 
_entity_poly_seq.num 
_entity_poly_seq.mon_id 
_entity_poly_seq.hetero 
1 1   MET n 
1 2   GLY n 
1 3   GLU n 
1 4   ASP n 
1 5   TYR n 
1 6   LEU n 
1 7   LYS n 
1 8   LEU n 
1 9   LEU n 
1 10  GLU n 
1 11  GLU n 
1 12  ALA n 
1 13  LEU n 
1 14  LYS n 
1 15  ILE n 
1 16  ALA n 
1 17  ARG n 
1 18  GLU n 
1 19  VAL n 
1 20  LEU n 
1 21  GLU n 
1 22  ASN n 
1 23  TYR n 
1 24  PRO n 
1 25  LEU n 
1 26  THR n 
1 27  PRO n 
1 28  VAL n 
1 29  MET n 
1 30  ARG n 
1 31  ALA n 
1 32  ALA n 
1 33  ALA n 
1 34  ARG n 
1 35  ALA n 
1 36  ILE n 
1 37  ILE n 
1 38  GLU n 
1 39  ALA n 
1 40  VAL n 
1 41  LYS n 
1 42  MET n 
1 43  ALA n 
1 44  LYS n 
1 45  LYS n 
1 46  TYR n 
1 47  GLY n 
1 48  ASP n 
1 49  GLU n 
1 50  GLU n 
1 51  LEU n 
1 52  ILE n 
1 53  LYS n 
1 54  LEU n 
1 55  VAL n 
1 56  VAL n 
1 57  GLU n 
1 58  ALA n 
1 59  ALA n 
1 60  ARG n 
1 61  LEU n 
1 62  LEU n 
1 63  ARG n 
1 64  GLN n 
1 65  ALA n 
1 66  ALA n 
1 67  LYS n 
1 68  GLN n 
1 69  GLY n 
1 70  ASP n 
1 71  LEU n 
1 72  GLU n 
1 73  LEU n 
1 74  ALA n 
1 75  ARG n 
1 76  GLN n 
1 77  ALA n 
1 78  LEU n 
1 79  ALA n 
1 80  ALA n 
1 81  ALA n 
1 82  ARG n 
1 83  GLN n 
1 84  ALA n 
1 85  LEU n 
1 86  ALA n 
1 87  PHE n 
1 88  ALA n 
1 89  ARG n 
1 90  ARG n 
1 91  VAL n 
1 92  ALA n 
1 93  GLY n 
1 94  LEU n 
1 95  GLU n 
1 96  HIS n 
1 97  HIS n 
1 98  HIS n 
1 99  HIS n 
1 100 HIS n 
1 101 HIS n 
# 
_entity_src_gen.entity_id                          1 
_entity_src_gen.pdbx_src_id                        1 
_entity_src_gen.pdbx_alt_source_flag               sample 
_entity_src_gen.pdbx_seq_type                      'Biological sequence' 
_entity_src_gen.pdbx_beg_seq_num                   1 
_entity_src_gen.pdbx_end_seq_num                   101 
_entity_src_gen.gene_src_common_name               ? 
_entity_src_gen.gene_src_genus                     ? 
_entity_src_gen.pdbx_gene_src_gene                 ? 
_entity_src_gen.gene_src_species                   ? 
_entity_src_gen.gene_src_strain                    ? 
_entity_src_gen.gene_src_tissue                    ? 
_entity_src_gen.gene_src_tissue_fraction           ? 
_entity_src_gen.gene_src_details                   ? 
_entity_src_gen.pdbx_gene_src_fragment             ? 
_entity_src_gen.pdbx_gene_src_scientific_name      
;Escherichia coli 'BL21-Gold(DE3)pLysS AG'
;
_entity_src_gen.pdbx_gene_src_ncbi_taxonomy_id     866768 
_entity_src_gen.pdbx_gene_src_variant              ? 
_entity_src_gen.pdbx_gene_src_cell_line            ? 
_entity_src_gen.pdbx_gene_src_atcc                 ? 
_entity_src_gen.pdbx_gene_src_organ                ? 
_entity_src_gen.pdbx_gene_src_organelle            ? 
_entity_src_gen.pdbx_gene_src_cell                 ? 
_entity_src_gen.pdbx_gene_src_cellular_location    ? 
_entity_src_gen.host_org_common_name               ? 
_entity_src_gen.pdbx_host_org_scientific_name      
;Escherichia coli 'BL21-Gold(DE3)pLysS AG'
;
_entity_src_gen.pdbx_host_org_ncbi_taxonomy_id     866768 
_entity_src_gen.host_org_genus                     ? 
_entity_src_gen.pdbx_host_org_gene                 ? 
_entity_src_gen.pdbx_host_org_organ                ? 
_entity_src_gen.host_org_species                   ? 
_entity_src_gen.pdbx_host_org_tissue               ? 
_entity_src_gen.pdbx_host_org_tissue_fraction      ? 
_entity_src_gen.pdbx_host_org_strain               ? 
_entity_src_gen.pdbx_host_org_variant              ? 
_entity_src_gen.pdbx_host_org_cell_line            ? 
_entity_src_gen.pdbx_host_org_atcc                 ? 
_entity_src_gen.pdbx_host_org_culture_collection   ? 
_entity_src_gen.pdbx_host_org_cell                 ? 
_entity_src_gen.pdbx_host_org_organelle            ? 
_entity_src_gen.pdbx_host_org_cellular_location    ? 
_entity_src_gen.pdbx_host_org_vector_type          ? 
_entity_src_gen.pdbx_host_org_vector               ? 
_entity_src_gen.host_org_details                   ? 
_entity_src_gen.expression_system_id               ? 
_entity_src_gen.plasmid_name                       ? 
_entity_src_gen.plasmid_details                    ? 
_entity_src_gen.pdbx_description                   ? 
# 
loop_
_chem_comp.id 
_chem_comp.type 
_chem_comp.mon_nstd_flag 
_chem_comp.name 
_chem_comp.pdbx_synonyms 
_chem_comp.formula 
_chem_comp.formula_weight 
ALA 'L-peptide linking' y ALANINE                                               ?     'C3 H7 N O2'     89.093  
ARG 'L-peptide linking' y ARGININE                                              ?     'C6 H15 N4 O2 1' 175.209 
ASN 'L-peptide linking' y ASPARAGINE                                            ?     'C4 H8 N2 O3'    132.118 
ASP 'L-peptide linking' y 'ASPARTIC ACID'                                       ?     'C4 H7 N O4'     133.103 
EPE non-polymer         . '4-(2-HYDROXYETHYL)-1-PIPERAZINE ETHANESULFONIC ACID' HEPES 'C8 H18 N2 O4 S' 238.305 
GLN 'L-peptide linking' y GLUTAMINE                                             ?     'C5 H10 N2 O3'   146.144 
GLU 'L-peptide linking' y 'GLUTAMIC ACID'                                       ?     'C5 H9 N O4'     147.129 
GLY 'peptide linking'   y GLYCINE                                               ?     'C2 H5 N O2'     75.067  
HIS 'L-peptide linking' y HISTIDINE                                             ?     'C6 H10 N3 O2 1' 156.162 
HOH non-polymer         . WATER                                                 ?     'H2 O'           18.015  
ILE 'L-peptide linking' y ISOLEUCINE                                            ?     'C6 H13 N O2'    131.173 
LEU 'L-peptide linking' y LEUCINE                                               ?     'C6 H13 N O2'    131.173 
LYS 'L-peptide linking' y LYSINE                                                ?     'C6 H15 N2 O2 1' 147.195 
MET 'L-peptide linking' y METHIONINE                                            ?     'C5 H11 N O2 S'  149.211 
PHE 'L-peptide linking' y PHENYLALANINE                                         ?     'C9 H11 N O2'    165.189 
PRO 'L-peptide linking' y PROLINE                                               ?     'C5 H9 N O2'     115.130 
THR 'L-peptide linking' y THREONINE                                             ?     'C4 H9 N O3'     119.119 
TYR 'L-peptide linking' y TYROSINE                                              ?     'C9 H11 N O3'    181.189 
VAL 'L-peptide linking' y VALINE                                                ?     'C5 H11 N O2'    117.146 
# 
loop_
_pdbx_poly_seq_scheme.asym_id 
_pdbx_poly_seq_scheme.entity_id 
_pdbx_poly_seq_scheme.seq_id 
_pdbx_poly_seq_scheme.mon_id 
_pdbx_poly_seq_scheme.ndb_seq_num 
_pdbx_poly_seq_scheme.pdb_seq_num 
_pdbx_poly_seq_scheme.auth_seq_num 
_pdbx_poly_seq_scheme.pdb_mon_id 
_pdbx_poly_seq_scheme.auth_mon_id 
_pdbx_poly_seq_scheme.pdb_strand_id 
_pdbx_poly_seq_scheme.pdb_ins_code 
_pdbx_poly_seq_scheme.hetero 
A 1 1   MET 1   1   ?  ?   ?   A . n 
A 1 2   GLY 2   2   2  GLY GLY A . n 
A 1 3   GLU 3   3   3  GLU GLU A . n 
A 1 4   ASP 4   4   4  ASP ASP A . n 
A 1 5   TYR 5   5   5  TYR TYR A . n 
A 1 6   LEU 6   6   6  LEU LEU A . n 
A 1 7   LYS 7   7   7  LYS LYS A . n 
A 1 8   LEU 8   8   8  LEU LEU A . n 
A 1 9   LEU 9   9   9  LEU LEU A . n 
A 1 10  GLU 10  10  10 GLU GLU A . n 
A 1 11  GLU 11  11  11 GLU GLU A . n 
A 1 12  ALA 12  12  12 ALA ALA A . n 
A 1 13  LEU 13  13  13 LEU LEU A . n 
A 1 14  LYS 14  14  14 LYS LYS A . n 
A 1 15  ILE 15  15  15 ILE ILE A . n 
A 1 16  ALA 16  16  16 ALA ALA A . n 
A 1 17  ARG 17  17  17 ARG ARG A . n 
A 1 18  GLU 18  18  18 GLU GLU A . n 
A 1 19  VAL 19  19  19 VAL VAL A . n 
A 1 20  LEU 20  20  20 LEU LEU A . n 
A 1 21  GLU 21  21  21 GLU GLU A . n 
A 1 22  ASN 22  22  22 ASN ASN A . n 
A 1 23  TYR 23  23  23 TYR TYR A . n 
A 1 24  PRO 24  24  24 PRO PRO A . n 
A 1 25  LEU 25  25  25 LEU LEU A . n 
A 1 26  THR 26  26  26 THR THR A . n 
A 1 27  PRO 27  27  27 PRO PRO A . n 
A 1 28  VAL 28  28  28 VAL VAL A . n 
A 1 29  MET 29  29  29 MET MET A . n 
A 1 30  ARG 30  30  30 ARG ARG A . n 
A 1 31  ALA 31  31  31 ALA ALA A . n 
A 1 32  ALA 32  32  32 ALA ALA A . n 
A 1 33  ALA 33  33  33 ALA ALA A . n 
A 1 34  ARG 34  34  34 ARG ARG A . n 
A 1 35  ALA 35  35  35 ALA ALA A . n 
A 1 36  ILE 36  36  36 ILE ILE A . n 
A 1 37  ILE 37  37  37 ILE ILE A . n 
A 1 38  GLU 38  38  38 GLU GLU A . n 
A 1 39  ALA 39  39  39 ALA ALA A . n 
A 1 40  VAL 40  40  40 VAL VAL A . n 
A 1 41  LYS 41  41  41 LYS LYS A . n 
A 1 42  MET 42  42  42 MET MET A . n 
A 1 43  ALA 43  43  43 ALA ALA A . n 
A 1 44  LYS 44  44  44 LYS LYS A . n 
A 1 45  LYS 45  45  45 LYS LYS A . n 
A 1 46  TYR 46  46  46 TYR TYR A . n 
A 1 47  GLY 47  47  47 GLY GLY A . n 
A 1 48  ASP 48  48  48 ASP ASP A . n 
A 1 49  GLU 49  49  49 GLU GLU A . n 
A 1 50  GLU 50  50  50 GLU GLU A . n 
A 1 51  LEU 51  51  51 LEU LEU A . n 
A 1 52  ILE 52  52  52 ILE ILE A . n 
A 1 53  LYS 53  53  53 LYS LYS A . n 
A 1 54  LEU 54  54  54 LEU LEU A . n 
A 1 55  VAL 55  55  55 VAL VAL A . n 
A 1 56  VAL 56  56  56 VAL VAL A . n 
A 1 57  GLU 57  57  57 GLU GLU A . n 
A 1 58  ALA 58  58  58 ALA ALA A . n 
A 1 59  ALA 59  59  59 ALA ALA A . n 
A 1 60  ARG 60  60  60 ARG ARG A . n 
A 1 61  LEU 61  61  61 LEU LEU A . n 
A 1 62  LEU 62  62  62 LEU LEU A . n 
A 1 63  ARG 63  63  63 ARG ARG A . n 
A 1 64  GLN 64  64  64 GLN GLN A . n 
A 1 65  ALA 65  65  65 ALA ALA A . n 
A 1 66  ALA 66  66  66 ALA ALA A . n 
A 1 67  LYS 67  67  67 LYS LYS A . n 
A 1 68  GLN 68  68  68 GLN GLN A . n 
A 1 69  GLY 69  69  69 GLY GLY A . n 
A 1 70  ASP 70  70  70 ASP ASP A . n 
A 1 71  LEU 71  71  71 LEU LEU A . n 
A 1 72  GLU 72  72  72 GLU GLU A . n 
A 1 73  LEU 73  73  73 LEU LEU A . n 
A 1 74  ALA 74  74  74 ALA ALA A . n 
A 1 75  ARG 75  75  75 ARG ARG A . n 
A 1 76  GLN 76  76  76 GLN GLN A . n 
A 1 77  ALA 77  77  77 ALA ALA A . n 
A 1 78  LEU 78  78  78 LEU LEU A . n 
A 1 79  ALA 79  79  79 ALA ALA A . n 
A 1 80  ALA 80  80  80 ALA ALA A . n 
A 1 81  ALA 81  81  81 ALA ALA A . n 
A 1 82  ARG 82  82  82 ARG ARG A . n 
A 1 83  GLN 83  83  83 GLN GLN A . n 
A 1 84  ALA 84  84  84 ALA ALA A . n 
A 1 85  LEU 85  85  85 LEU LEU A . n 
A 1 86  ALA 86  86  86 ALA ALA A . n 
A 1 87  PHE 87  87  87 PHE PHE A . n 
A 1 88  ALA 88  88  88 ALA ALA A . n 
A 1 89  ARG 89  89  89 ARG ARG A . n 
A 1 90  ARG 90  90  90 ARG ARG A . n 
A 1 91  VAL 91  91  91 VAL VAL A . n 
A 1 92  ALA 92  92  92 ALA ALA A . n 
A 1 93  GLY 93  93  93 GLY GLY A . n 
A 1 94  LEU 94  94  94 LEU LEU A . n 
A 1 95  GLU 95  95  95 GLU GLU A . n 
A 1 96  HIS 96  96  ?  ?   ?   A . n 
A 1 97  HIS 97  97  ?  ?   ?   A . n 
A 1 98  HIS 98  98  ?  ?   ?   A . n 
A 1 99  HIS 99  99  ?  ?   ?   A . n 
A 1 100 HIS 100 100 ?  ?   ?   A . n 
A 1 101 HIS 101 101 ?  ?   ?   A . n 
# 
loop_
_pdbx_nonpoly_scheme.asym_id 
_pdbx_nonpoly_scheme.entity_id 
_pdbx_nonpoly_scheme.mon_id 
_pdbx_nonpoly_scheme.ndb_seq_num 
_pdbx_nonpoly_scheme.pdb_seq_num 
_pdbx_nonpoly_scheme.auth_seq_num 
_pdbx_nonpoly_scheme.pdb_mon_id 
_pdbx_nonpoly_scheme.auth_mon_id 
_pdbx_nonpoly_scheme.pdb_strand_id 
_pdbx_nonpoly_scheme.pdb_ins_code 
B 2 EPE 1  201 101 EPE EPE A . 
C 3 HOH 1  301 39  HOH HOH A . 
C 3 HOH 2  302 8   HOH HOH A . 
C 3 HOH 3  303 78  HOH HOH A . 
C 3 HOH 4  304 83  HOH HOH A . 
C 3 HOH 5  305 60  HOH HOH A . 
C 3 HOH 6  306 58  HOH HOH A . 
C 3 HOH 7  307 75  HOH HOH A . 
C 3 HOH 8  308 53  HOH HOH A . 
C 3 HOH 9  309 11  HOH HOH A . 
C 3 HOH 10 310 17  HOH HOH A . 
C 3 HOH 11 311 36  HOH HOH A . 
C 3 HOH 12 312 51  HOH HOH A . 
C 3 HOH 13 313 7   HOH HOH A . 
C 3 HOH 14 314 9   HOH HOH A . 
C 3 HOH 15 315 41  HOH HOH A . 
C 3 HOH 16 316 22  HOH HOH A . 
C 3 HOH 17 317 82  HOH HOH A . 
C 3 HOH 18 318 55  HOH HOH A . 
C 3 HOH 19 319 10  HOH HOH A . 
C 3 HOH 20 320 43  HOH HOH A . 
C 3 HOH 21 321 33  HOH HOH A . 
C 3 HOH 22 322 72  HOH HOH A . 
C 3 HOH 23 323 3   HOH HOH A . 
C 3 HOH 24 324 24  HOH HOH A . 
C 3 HOH 25 325 14  HOH HOH A . 
C 3 HOH 26 326 62  HOH HOH A . 
C 3 HOH 27 327 57  HOH HOH A . 
C 3 HOH 28 328 1   HOH HOH A . 
C 3 HOH 29 329 23  HOH HOH A . 
C 3 HOH 30 330 19  HOH HOH A . 
C 3 HOH 31 331 27  HOH HOH A . 
C 3 HOH 32 332 20  HOH HOH A . 
C 3 HOH 33 333 28  HOH HOH A . 
C 3 HOH 34 334 42  HOH HOH A . 
C 3 HOH 35 335 56  HOH HOH A . 
C 3 HOH 36 336 40  HOH HOH A . 
C 3 HOH 37 337 2   HOH HOH A . 
C 3 HOH 38 338 32  HOH HOH A . 
C 3 HOH 39 339 12  HOH HOH A . 
C 3 HOH 40 340 80  HOH HOH A . 
C 3 HOH 41 341 35  HOH HOH A . 
C 3 HOH 42 342 26  HOH HOH A . 
C 3 HOH 43 343 37  HOH HOH A . 
C 3 HOH 44 344 15  HOH HOH A . 
C 3 HOH 45 345 16  HOH HOH A . 
C 3 HOH 46 346 70  HOH HOH A . 
C 3 HOH 47 347 50  HOH HOH A . 
C 3 HOH 48 348 13  HOH HOH A . 
C 3 HOH 49 349 46  HOH HOH A . 
C 3 HOH 50 350 48  HOH HOH A . 
C 3 HOH 51 351 47  HOH HOH A . 
C 3 HOH 52 352 38  HOH HOH A . 
C 3 HOH 53 353 5   HOH HOH A . 
C 3 HOH 54 354 44  HOH HOH A . 
C 3 HOH 55 355 29  HOH HOH A . 
C 3 HOH 56 356 54  HOH HOH A . 
C 3 HOH 57 357 30  HOH HOH A . 
C 3 HOH 58 358 81  HOH HOH A . 
C 3 HOH 59 359 67  HOH HOH A . 
C 3 HOH 60 360 77  HOH HOH A . 
C 3 HOH 61 361 4   HOH HOH A . 
C 3 HOH 62 362 69  HOH HOH A . 
C 3 HOH 63 363 66  HOH HOH A . 
C 3 HOH 64 364 52  HOH HOH A . 
C 3 HOH 65 365 49  HOH HOH A . 
C 3 HOH 66 366 68  HOH HOH A . 
C 3 HOH 67 367 65  HOH HOH A . 
C 3 HOH 68 368 73  HOH HOH A . 
C 3 HOH 69 369 25  HOH HOH A . 
C 3 HOH 70 370 76  HOH HOH A . 
C 3 HOH 71 371 71  HOH HOH A . 
C 3 HOH 72 372 6   HOH HOH A . 
C 3 HOH 73 373 63  HOH HOH A . 
C 3 HOH 74 374 18  HOH HOH A . 
C 3 HOH 75 375 79  HOH HOH A . 
C 3 HOH 76 376 34  HOH HOH A . 
C 3 HOH 77 377 59  HOH HOH A . 
C 3 HOH 78 378 74  HOH HOH A . 
C 3 HOH 79 379 61  HOH HOH A . 
C 3 HOH 80 380 21  HOH HOH A . 
C 3 HOH 81 381 64  HOH HOH A . 
C 3 HOH 82 382 31  HOH HOH A . 
C 3 HOH 83 383 45  HOH HOH A . 
C 3 HOH 84 384 84  HOH HOH A . 
# 
loop_
_pdbx_unobs_or_zero_occ_atoms.id 
_pdbx_unobs_or_zero_occ_atoms.PDB_model_num 
_pdbx_unobs_or_zero_occ_atoms.polymer_flag 
_pdbx_unobs_or_zero_occ_atoms.occupancy_flag 
_pdbx_unobs_or_zero_occ_atoms.auth_asym_id 
_pdbx_unobs_or_zero_occ_atoms.auth_comp_id 
_pdbx_unobs_or_zero_occ_atoms.auth_seq_id 
_pdbx_unobs_or_zero_occ_atoms.PDB_ins_code 
_pdbx_unobs_or_zero_occ_atoms.auth_atom_id 
_pdbx_unobs_or_zero_occ_atoms.label_alt_id 
_pdbx_unobs_or_zero_occ_atoms.label_asym_id 
_pdbx_unobs_or_zero_occ_atoms.label_comp_id 
_pdbx_unobs_or_zero_occ_atoms.label_seq_id 
_pdbx_unobs_or_zero_occ_atoms.label_atom_id 
1  1 Y 1 A LYS 14 ? CG  ? A LYS 14 CG  
2  1 Y 1 A LYS 14 ? CD  ? A LYS 14 CD  
3  1 Y 1 A LYS 14 ? CE  ? A LYS 14 CE  
4  1 Y 1 A LYS 14 ? NZ  ? A LYS 14 NZ  
5  1 Y 1 A GLU 21 ? CG  ? A GLU 21 CG  
6  1 Y 1 A GLU 21 ? CD  ? A GLU 21 CD  
7  1 Y 1 A GLU 21 ? OE1 ? A GLU 21 OE1 
8  1 Y 1 A GLU 21 ? OE2 ? A GLU 21 OE2 
9  1 Y 1 A LYS 67 ? CG  ? A LYS 67 CG  
10 1 Y 1 A LYS 67 ? CD  ? A LYS 67 CD  
11 1 Y 1 A LYS 67 ? CE  ? A LYS 67 CE  
12 1 Y 1 A LYS 67 ? NZ  ? A LYS 67 NZ  
13 1 Y 1 A GLN 68 ? CG  ? A GLN 68 CG  
14 1 Y 1 A GLN 68 ? CD  ? A GLN 68 CD  
15 1 Y 1 A GLN 68 ? OE1 ? A GLN 68 OE1 
16 1 Y 1 A GLN 68 ? NE2 ? A GLN 68 NE2 
17 1 Y 1 A GLU 95 ? CG  ? A GLU 95 CG  
18 1 Y 1 A GLU 95 ? CD  ? A GLU 95 CD  
19 1 Y 1 A GLU 95 ? OE1 ? A GLU 95 OE1 
20 1 Y 1 A GLU 95 ? OE2 ? A GLU 95 OE2 
# 
loop_
_software.citation_id 
_software.classification 
_software.compiler_name 
_software.compiler_version 
_software.contact_author 
_software.contact_author_email 
_software.date 
_software.description 
_software.dependencies 
_software.hardware 
_software.language 
_software.location 
_software.mods 
_software.name 
_software.os 
_software.os_version 
_software.type 
_software.version 
_software.pdbx_ordinal 
? refinement        ? ? ? ? ? ? ? ? ? ? ? PHENIX      ? ? ? 1.14_3260 1 
? 'data extraction' ? ? ? ? ? ? ? ? ? ? ? PDB_EXTRACT ? ? ? 3.27      2 
? 'data reduction'  ? ? ? ? ? ? ? ? ? ? ? XDS         ? ? ? .         3 
? 'data scaling'    ? ? ? ? ? ? ? ? ? ? ? XDS         ? ? ? .         4 
? phasing           ? ? ? ? ? ? ? ? ? ? ? PHENIX      ? ? ? .         5 
# 
_cell.angle_alpha                  90.000 
_cell.angle_alpha_esd              ? 
_cell.angle_beta                   90.000 
_cell.angle_beta_esd               ? 
_cell.angle_gamma                  90.000 
_cell.angle_gamma_esd              ? 
_cell.entry_id                     7DGW 
_cell.details                      ? 
_cell.formula_units_Z              ? 
_cell.length_a                     46.526 
_cell.length_a_esd                 ? 
_cell.length_b                     53.801 
_cell.length_b_esd                 ? 
_cell.length_c                     30.549 
_cell.length_c_esd                 ? 
_cell.volume                       ? 
_cell.volume_esd                   ? 
_cell.Z_PDB                        4 
_cell.reciprocal_angle_alpha       ? 
_cell.reciprocal_angle_beta        ? 
_cell.reciprocal_angle_gamma       ? 
_cell.reciprocal_angle_alpha_esd   ? 
_cell.reciprocal_angle_beta_esd    ? 
_cell.reciprocal_angle_gamma_esd   ? 
_cell.reciprocal_length_a          ? 
_cell.reciprocal_length_b          ? 
_cell.reciprocal_length_c          ? 
_cell.reciprocal_length_a_esd      ? 
_cell.reciprocal_length_b_esd      ? 
_cell.reciprocal_length_c_esd      ? 
_cell.pdbx_unique_axis             ? 
# 
_symmetry.entry_id                         7DGW 
_symmetry.cell_setting                     ? 
_symmetry.Int_Tables_number                18 
_symmetry.space_group_name_Hall            ? 
_symmetry.space_group_name_H-M             'P 21 21 2' 
_symmetry.pdbx_full_space_group_name_H-M   ? 
# 
_exptl.absorpt_coefficient_mu     ? 
_exptl.absorpt_correction_T_max   ? 
_exptl.absorpt_correction_T_min   ? 
_exptl.absorpt_correction_type    ? 
_exptl.absorpt_process_details    ? 
_exptl.entry_id                   7DGW 
_exptl.crystals_number            1 
_exptl.details                    ? 
_exptl.method                     'X-RAY DIFFRACTION' 
_exptl.method_details             ? 
# 
_exptl_crystal.colour                      ? 
_exptl_crystal.density_diffrn              ? 
_exptl_crystal.density_Matthews            1.68 
_exptl_crystal.density_method              ? 
_exptl_crystal.density_percent_sol         26.98 
_exptl_crystal.description                 ? 
_exptl_crystal.F_000                       ? 
_exptl_crystal.id                          1 
_exptl_crystal.preparation                 ? 
_exptl_crystal.size_max                    ? 
_exptl_crystal.size_mid                    ? 
_exptl_crystal.size_min                    ? 
_exptl_crystal.size_rad                    ? 
_exptl_crystal.colour_lustre               ? 
_exptl_crystal.colour_modifier             ? 
_exptl_crystal.colour_primary              ? 
_exptl_crystal.density_meas                ? 
_exptl_crystal.density_meas_esd            ? 
_exptl_crystal.density_meas_gt             ? 
_exptl_crystal.density_meas_lt             ? 
_exptl_crystal.density_meas_temp           ? 
_exptl_crystal.density_meas_temp_esd       ? 
_exptl_crystal.density_meas_temp_gt        ? 
_exptl_crystal.density_meas_temp_lt        ? 
_exptl_crystal.pdbx_crystal_image_url      ? 
_exptl_crystal.pdbx_crystal_image_format   ? 
_exptl_crystal.pdbx_mosaicity              ? 
_exptl_crystal.pdbx_mosaicity_esd          ? 
# 
_exptl_crystal_grow.apparatus       ? 
_exptl_crystal_grow.atmosphere      ? 
_exptl_crystal_grow.crystal_id      1 
_exptl_crystal_grow.details         ? 
_exptl_crystal_grow.method          'VAPOR DIFFUSION, SITTING DROP' 
_exptl_crystal_grow.method_ref      ? 
_exptl_crystal_grow.pH              7.5 
_exptl_crystal_grow.pressure        ? 
_exptl_crystal_grow.pressure_esd    ? 
_exptl_crystal_grow.seeding         ? 
_exptl_crystal_grow.seeding_ref     ? 
_exptl_crystal_grow.temp            291 
_exptl_crystal_grow.temp_details    ? 
_exptl_crystal_grow.temp_esd        ? 
_exptl_crystal_grow.time            ? 
_exptl_crystal_grow.pdbx_details    '0.1M HEPES pH 7.5, 20% PEG 10000' 
_exptl_crystal_grow.pdbx_pH_range   ? 
# 
_diffrn.ambient_environment              ? 
_diffrn.ambient_temp                     100 
_diffrn.ambient_temp_details             ? 
_diffrn.ambient_temp_esd                 ? 
_diffrn.crystal_id                       1 
_diffrn.crystal_support                  ? 
_diffrn.crystal_treatment                ? 
_diffrn.details                          ? 
_diffrn.id                               1 
_diffrn.ambient_pressure                 ? 
_diffrn.ambient_pressure_esd             ? 
_diffrn.ambient_pressure_gt              ? 
_diffrn.ambient_pressure_lt              ? 
_diffrn.ambient_temp_gt                  ? 
_diffrn.ambient_temp_lt                  ? 
_diffrn.pdbx_serial_crystal_experiment   N 
# 
_diffrn_detector.details                      ? 
_diffrn_detector.detector                     PIXEL 
_diffrn_detector.diffrn_id                    1 
_diffrn_detector.type                         'DECTRIS PILATUS3 6M' 
_diffrn_detector.area_resol_mean              ? 
_diffrn_detector.dtime                        ? 
_diffrn_detector.pdbx_frames_total            ? 
_diffrn_detector.pdbx_collection_time_total   ? 
_diffrn_detector.pdbx_collection_date         2020-07-17 
_diffrn_detector.pdbx_frequency               ? 
# 
_diffrn_radiation.collimation                      ? 
_diffrn_radiation.diffrn_id                        1 
_diffrn_radiation.filter_edge                      ? 
_diffrn_radiation.inhomogeneity                    ? 
_diffrn_radiation.monochromator                    ? 
_diffrn_radiation.polarisn_norm                    ? 
_diffrn_radiation.polarisn_ratio                   ? 
_diffrn_radiation.probe                            ? 
_diffrn_radiation.type                             ? 
_diffrn_radiation.xray_symbol                      ? 
_diffrn_radiation.wavelength_id                    1 
_diffrn_radiation.pdbx_monochromatic_or_laue_m_l   M 
_diffrn_radiation.pdbx_wavelength_list             ? 
_diffrn_radiation.pdbx_wavelength                  ? 
_diffrn_radiation.pdbx_diffrn_protocol             'SINGLE WAVELENGTH' 
_diffrn_radiation.pdbx_analyzer                    ? 
_diffrn_radiation.pdbx_scattering_type             x-ray 
# 
_diffrn_radiation_wavelength.id           1 
_diffrn_radiation_wavelength.wavelength   0.9785 
_diffrn_radiation_wavelength.wt           1.0 
# 
_diffrn_source.current                     ? 
_diffrn_source.details                     ? 
_diffrn_source.diffrn_id                   1 
_diffrn_source.power                       ? 
_diffrn_source.size                        ? 
_diffrn_source.source                      SYNCHROTRON 
_diffrn_source.target                      ? 
_diffrn_source.type                        'SSRF BEAMLINE BL19U1' 
_diffrn_source.voltage                     ? 
_diffrn_source.take-off_angle              ? 
_diffrn_source.pdbx_wavelength_list        0.9785 
_diffrn_source.pdbx_wavelength             ? 
_diffrn_source.pdbx_synchrotron_beamline   BL19U1 
_diffrn_source.pdbx_synchrotron_site       SSRF 
# 
_reflns.B_iso_Wilson_estimate            ? 
_reflns.entry_id                         7DGW 
_reflns.data_reduction_details           ? 
_reflns.data_reduction_method            ? 
_reflns.d_resolution_high                1.35 
_reflns.d_resolution_low                 35.192 
_reflns.details                          ? 
_reflns.limit_h_max                      ? 
_reflns.limit_h_min                      ? 
_reflns.limit_k_max                      ? 
_reflns.limit_k_min                      ? 
_reflns.limit_l_max                      ? 
_reflns.limit_l_min                      ? 
_reflns.number_all                       ? 
_reflns.number_obs                       17343 
_reflns.observed_criterion               ? 
_reflns.observed_criterion_F_max         ? 
_reflns.observed_criterion_F_min         ? 
_reflns.observed_criterion_I_max         ? 
_reflns.observed_criterion_I_min         ? 
_reflns.observed_criterion_sigma_F       ? 
_reflns.observed_criterion_sigma_I       ? 
_reflns.percent_possible_obs             99.5 
_reflns.R_free_details                   ? 
_reflns.Rmerge_F_all                     ? 
_reflns.Rmerge_F_obs                     ? 
_reflns.Friedel_coverage                 ? 
_reflns.number_gt                        ? 
_reflns.threshold_expression             ? 
_reflns.pdbx_redundancy                  12.0 
_reflns.pdbx_Rmerge_I_obs                0.041 
_reflns.pdbx_Rmerge_I_all                ? 
_reflns.pdbx_Rsym_value                  ? 
_reflns.pdbx_netI_over_av_sigmaI         ? 
_reflns.pdbx_netI_over_sigmaI            29.0 
_reflns.pdbx_res_netI_over_av_sigmaI_2   ? 
_reflns.pdbx_res_netI_over_sigmaI_2      ? 
_reflns.pdbx_chi_squared                 ? 
_reflns.pdbx_scaling_rejects             ? 
_reflns.pdbx_d_res_high_opt              ? 
_reflns.pdbx_d_res_low_opt               ? 
_reflns.pdbx_d_res_opt_method            ? 
_reflns.phase_calculation_details        ? 
_reflns.pdbx_Rrim_I_all                  ? 
_reflns.pdbx_Rpim_I_all                  ? 
_reflns.pdbx_d_opt                       ? 
_reflns.pdbx_number_measured_all         ? 
_reflns.pdbx_diffrn_id                   1 
_reflns.pdbx_ordinal                     1 
_reflns.pdbx_CC_half                     0.999 
_reflns.pdbx_CC_star                     ? 
_reflns.pdbx_R_split                     ? 
# 
_reflns_shell.d_res_high                  1.35 
_reflns_shell.d_res_low                   1.37 
_reflns_shell.meanI_over_sigI_all         ? 
_reflns_shell.meanI_over_sigI_obs         ? 
_reflns_shell.number_measured_all         ? 
_reflns_shell.number_measured_obs         ? 
_reflns_shell.number_possible             ? 
_reflns_shell.number_unique_all           ? 
_reflns_shell.number_unique_obs           1641 
_reflns_shell.percent_possible_all        ? 
_reflns_shell.percent_possible_obs        ? 
_reflns_shell.Rmerge_F_all                ? 
_reflns_shell.Rmerge_F_obs                ? 
_reflns_shell.Rmerge_I_all                ? 
_reflns_shell.Rmerge_I_obs                0.248 
_reflns_shell.meanI_over_sigI_gt          ? 
_reflns_shell.meanI_over_uI_all           ? 
_reflns_shell.meanI_over_uI_gt            ? 
_reflns_shell.number_measured_gt          ? 
_reflns_shell.number_unique_gt            ? 
_reflns_shell.percent_possible_gt         ? 
_reflns_shell.Rmerge_F_gt                 ? 
_reflns_shell.Rmerge_I_gt                 ? 
_reflns_shell.pdbx_redundancy             ? 
_reflns_shell.pdbx_Rsym_value             ? 
_reflns_shell.pdbx_chi_squared            ? 
_reflns_shell.pdbx_netI_over_sigmaI_all   ? 
_reflns_shell.pdbx_netI_over_sigmaI_obs   ? 
_reflns_shell.pdbx_Rrim_I_all             ? 
_reflns_shell.pdbx_Rpim_I_all             ? 
_reflns_shell.pdbx_rejects                ? 
_reflns_shell.pdbx_ordinal                1 
_reflns_shell.pdbx_diffrn_id              1 
_reflns_shell.pdbx_CC_half                0.986 
_reflns_shell.pdbx_CC_star                ? 
_reflns_shell.pdbx_R_split                ? 
# 
_refine.aniso_B[1][1]                            ? 
_refine.aniso_B[1][2]                            ? 
_refine.aniso_B[1][3]                            ? 
_refine.aniso_B[2][2]                            ? 
_refine.aniso_B[2][3]                            ? 
_refine.aniso_B[3][3]                            ? 
_refine.B_iso_max                                62.770 
_refine.B_iso_mean                               22.6246 
_refine.B_iso_min                                12.740 
_refine.correlation_coeff_Fo_to_Fc               ? 
_refine.correlation_coeff_Fo_to_Fc_free          ? 
_refine.details                                  ? 
_refine.diff_density_max                         ? 
_refine.diff_density_max_esd                     ? 
_refine.diff_density_min                         ? 
_refine.diff_density_min_esd                     ? 
_refine.diff_density_rms                         ? 
_refine.diff_density_rms_esd                     ? 
_refine.entry_id                                 7DGW 
_refine.pdbx_refine_id                           'X-RAY DIFFRACTION' 
_refine.ls_abs_structure_details                 ? 
_refine.ls_abs_structure_Flack                   ? 
_refine.ls_abs_structure_Flack_esd               ? 
_refine.ls_abs_structure_Rogers                  ? 
_refine.ls_abs_structure_Rogers_esd              ? 
_refine.ls_d_res_high                            1.3500 
_refine.ls_d_res_low                             35.1920 
_refine.ls_extinction_coef                       ? 
_refine.ls_extinction_coef_esd                   ? 
_refine.ls_extinction_expression                 ? 
_refine.ls_extinction_method                     ? 
_refine.ls_goodness_of_fit_all                   ? 
_refine.ls_goodness_of_fit_all_esd               ? 
_refine.ls_goodness_of_fit_obs                   ? 
_refine.ls_goodness_of_fit_obs_esd               ? 
_refine.ls_hydrogen_treatment                    ? 
_refine.ls_matrix_type                           ? 
_refine.ls_number_constraints                    ? 
_refine.ls_number_parameters                     ? 
_refine.ls_number_reflns_all                     ? 
_refine.ls_number_reflns_obs                     17343 
_refine.ls_number_reflns_R_free                  1734 
_refine.ls_number_reflns_R_work                  15609 
_refine.ls_number_restraints                     ? 
_refine.ls_percent_reflns_obs                    99.1700 
_refine.ls_percent_reflns_R_free                 10.0000 
_refine.ls_R_factor_all                          ? 
_refine.ls_R_factor_obs                          0.1944 
_refine.ls_R_factor_R_free                       0.2267 
_refine.ls_R_factor_R_free_error                 ? 
_refine.ls_R_factor_R_free_error_details         ? 
_refine.ls_R_factor_R_work                       0.1909 
_refine.ls_R_Fsqd_factor_obs                     ? 
_refine.ls_R_I_factor_obs                        ? 
_refine.ls_redundancy_reflns_all                 ? 
_refine.ls_redundancy_reflns_obs                 ? 
_refine.ls_restrained_S_all                      ? 
_refine.ls_restrained_S_obs                      ? 
_refine.ls_shift_over_esd_max                    ? 
_refine.ls_shift_over_esd_mean                   ? 
_refine.ls_structure_factor_coef                 ? 
_refine.ls_weighting_details                     ? 
_refine.ls_weighting_scheme                      ? 
_refine.ls_wR_factor_all                         ? 
_refine.ls_wR_factor_obs                         ? 
_refine.ls_wR_factor_R_free                      ? 
_refine.ls_wR_factor_R_work                      ? 
_refine.occupancy_max                            ? 
_refine.occupancy_min                            ? 
_refine.solvent_model_details                    'FLAT BULK SOLVENT MODEL' 
_refine.solvent_model_param_bsol                 ? 
_refine.solvent_model_param_ksol                 ? 
_refine.pdbx_R_complete                          ? 
_refine.ls_R_factor_gt                           ? 
_refine.ls_goodness_of_fit_gt                    ? 
_refine.ls_goodness_of_fit_ref                   ? 
_refine.ls_shift_over_su_max                     ? 
_refine.ls_shift_over_su_max_lt                  ? 
_refine.ls_shift_over_su_mean                    ? 
_refine.ls_shift_over_su_mean_lt                 ? 
_refine.pdbx_ls_sigma_I                          ? 
_refine.pdbx_ls_sigma_F                          1.360 
_refine.pdbx_ls_sigma_Fsqd                       ? 
_refine.pdbx_data_cutoff_high_absF               ? 
_refine.pdbx_data_cutoff_high_rms_absF           ? 
_refine.pdbx_data_cutoff_low_absF                ? 
_refine.pdbx_isotropic_thermal_model             ? 
_refine.pdbx_ls_cross_valid_method               THROUGHOUT 
_refine.pdbx_method_to_determine_struct          'MOLECULAR REPLACEMENT' 
_refine.pdbx_starting_model                      ? 
_refine.pdbx_stereochemistry_target_values       ML 
_refine.pdbx_R_Free_selection_details            ? 
_refine.pdbx_stereochem_target_val_spec_case     ? 
_refine.pdbx_overall_ESU_R                       ? 
_refine.pdbx_overall_ESU_R_Free                  ? 
_refine.pdbx_solvent_vdw_probe_radii             1.1100 
_refine.pdbx_solvent_ion_probe_radii             ? 
_refine.pdbx_solvent_shrinkage_radii             0.9000 
_refine.pdbx_real_space_R                        ? 
_refine.pdbx_density_correlation                 ? 
_refine.pdbx_pd_number_of_powder_patterns        ? 
_refine.pdbx_pd_number_of_points                 ? 
_refine.pdbx_pd_meas_number_of_points            ? 
_refine.pdbx_pd_proc_ls_prof_R_factor            ? 
_refine.pdbx_pd_proc_ls_prof_wR_factor           ? 
_refine.pdbx_pd_Marquardt_correlation_coeff      ? 
_refine.pdbx_pd_Fsqrd_R_factor                   ? 
_refine.pdbx_pd_ls_matrix_band_width             ? 
_refine.pdbx_overall_phase_error                 28.2900 
_refine.pdbx_overall_SU_R_free_Cruickshank_DPI   ? 
_refine.pdbx_overall_SU_R_free_Blow_DPI          ? 
_refine.pdbx_overall_SU_R_Blow_DPI               ? 
_refine.pdbx_TLS_residual_ADP_flag               ? 
_refine.pdbx_diffrn_id                           1 
_refine.overall_SU_B                             ? 
_refine.overall_SU_ML                            0.1300 
_refine.overall_SU_R_Cruickshank_DPI             ? 
_refine.overall_SU_R_free                        ? 
_refine.overall_FOM_free_R_set                   ? 
_refine.overall_FOM_work_R_set                   ? 
_refine.pdbx_average_fsc_overall                 ? 
_refine.pdbx_average_fsc_work                    ? 
_refine.pdbx_average_fsc_free                    ? 
# 
_refine_hist.pdbx_refine_id                   'X-RAY DIFFRACTION' 
_refine_hist.cycle_id                         final 
_refine_hist.details                          ? 
_refine_hist.d_res_high                       1.3500 
_refine_hist.d_res_low                        35.1920 
_refine_hist.number_atoms_solvent             84 
_refine_hist.number_atoms_total               792 
_refine_hist.number_reflns_all                ? 
_refine_hist.number_reflns_obs                ? 
_refine_hist.number_reflns_R_free             ? 
_refine_hist.number_reflns_R_work             ? 
_refine_hist.R_factor_all                     ? 
_refine_hist.R_factor_obs                     ? 
_refine_hist.R_factor_R_free                  ? 
_refine_hist.R_factor_R_work                  ? 
_refine_hist.pdbx_number_residues_total       94 
_refine_hist.pdbx_B_iso_mean_ligand           ? 
_refine_hist.pdbx_B_iso_mean_solvent          33.84 
_refine_hist.pdbx_number_atoms_protein        708 
_refine_hist.pdbx_number_atoms_nucleic_acid   0 
_refine_hist.pdbx_number_atoms_ligand         0 
_refine_hist.pdbx_number_atoms_lipid          ? 
_refine_hist.pdbx_number_atoms_carb           ? 
_refine_hist.pdbx_pseudo_atom_details         ? 
# 
loop_
_refine_ls_shell.pdbx_refine_id 
_refine_ls_shell.d_res_high 
_refine_ls_shell.d_res_low 
_refine_ls_shell.number_reflns_all 
_refine_ls_shell.number_reflns_obs 
_refine_ls_shell.number_reflns_R_free 
_refine_ls_shell.number_reflns_R_work 
_refine_ls_shell.percent_reflns_obs 
_refine_ls_shell.percent_reflns_R_free 
_refine_ls_shell.R_factor_all 
_refine_ls_shell.R_factor_obs 
_refine_ls_shell.R_factor_R_free 
_refine_ls_shell.R_factor_R_free_error 
_refine_ls_shell.R_factor_R_work 
_refine_ls_shell.redundancy_reflns_all 
_refine_ls_shell.redundancy_reflns_obs 
_refine_ls_shell.wR_factor_all 
_refine_ls_shell.wR_factor_obs 
_refine_ls_shell.wR_factor_R_free 
_refine_ls_shell.wR_factor_R_work 
_refine_ls_shell.pdbx_R_complete 
_refine_ls_shell.pdbx_total_number_of_bins_used 
_refine_ls_shell.pdbx_phase_error 
_refine_ls_shell.pdbx_fsc_work 
_refine_ls_shell.pdbx_fsc_free 
'X-RAY DIFFRACTION' 1.35   1.3893 . . 137 1222 94.0000  . . . 0.3429 0.0000 0.2644 . . . . . . . . . . . 
'X-RAY DIFFRACTION' 1.3893 1.4341 . . 139 1269 99.0000  . . . 0.2836 0.0000 0.2281 . . . . . . . . . . . 
'X-RAY DIFFRACTION' 1.4341 1.4854 . . 142 1280 100.0000 . . . 0.2625 0.0000 0.2120 . . . . . . . . . . . 
'X-RAY DIFFRACTION' 1.4854 1.5449 . . 142 1283 99.0000  . . . 0.2203 0.0000 0.1852 . . . . . . . . . . . 
'X-RAY DIFFRACTION' 1.5449 1.6152 . . 143 1278 100.0000 . . . 0.2163 0.0000 0.1962 . . . . . . . . . . . 
'X-RAY DIFFRACTION' 1.6152 1.7003 . . 143 1292 99.0000  . . . 0.2189 0.0000 0.1960 . . . . . . . . . . . 
'X-RAY DIFFRACTION' 1.7003 1.8069 . . 145 1297 100.0000 . . . 0.2543 0.0000 0.1941 . . . . . . . . . . . 
'X-RAY DIFFRACTION' 1.8069 1.9464 . . 143 1292 100.0000 . . . 0.2480 0.0000 0.2065 . . . . . . . . . . . 
'X-RAY DIFFRACTION' 1.9464 2.1422 . . 147 1323 100.0000 . . . 0.2448 0.0000 0.1892 . . . . . . . . . . . 
'X-RAY DIFFRACTION' 2.1422 2.4521 . . 147 1314 100.0000 . . . 0.2056 0.0000 0.1804 . . . . . . . . . . . 
'X-RAY DIFFRACTION' 2.4521 3.0891 . . 150 1350 100.0000 . . . 0.2241 0.0000 0.1907 . . . . . . . . . . . 
'X-RAY DIFFRACTION' 3.0891 35.192 . . 156 1409 100.0000 . . . 0.2101 0.0000 0.1819 . . . . . . . . . . . 
# 
_struct.entry_id                     7DGW 
_struct.title                        'De novo designed protein H4A2S' 
_struct.pdbx_model_details           ? 
_struct.pdbx_formula_weight          ? 
_struct.pdbx_formula_weight_method   ? 
_struct.pdbx_model_type_details      ? 
_struct.pdbx_CASP_flag               N 
# 
_struct_keywords.entry_id        7DGW 
_struct_keywords.text            'Designed protein, DE NOVO PROTEIN' 
_struct_keywords.pdbx_keywords   'DE NOVO PROTEIN' 
# 
loop_
_struct_asym.id 
_struct_asym.pdbx_blank_PDB_chainid_flag 
_struct_asym.pdbx_modified 
_struct_asym.entity_id 
_struct_asym.details 
A N N 1 ? 
B N N 2 ? 
C N N 3 ? 
# 
_struct_ref.id                         1 
_struct_ref.db_name                    PDB 
_struct_ref.db_code                    7DGW 
_struct_ref.pdbx_db_accession          7DGW 
_struct_ref.pdbx_db_isoform            ? 
_struct_ref.entity_id                  1 
_struct_ref.pdbx_seq_one_letter_code   ? 
_struct_ref.pdbx_align_begin           1 
# 
_struct_ref_seq.align_id                      1 
_struct_ref_seq.ref_id                        1 
_struct_ref_seq.pdbx_PDB_id_code              7DGW 
_struct_ref_seq.pdbx_strand_id                A 
_struct_ref_seq.seq_align_beg                 1 
_struct_ref_seq.pdbx_seq_align_beg_ins_code   ? 
_struct_ref_seq.seq_align_end                 101 
_struct_ref_seq.pdbx_seq_align_end_ins_code   ? 
_struct_ref_seq.pdbx_db_accession             7DGW 
_struct_ref_seq.db_align_beg                  1 
_struct_ref_seq.pdbx_db_align_beg_ins_code    ? 
_struct_ref_seq.db_align_end                  101 
_struct_ref_seq.pdbx_db_align_end_ins_code    ? 
_struct_ref_seq.pdbx_auth_seq_align_beg       1 
_struct_ref_seq.pdbx_auth_seq_align_end       101 
# 
_pdbx_struct_assembly.id                   1 
_pdbx_struct_assembly.details              author_defined_assembly 
_pdbx_struct_assembly.method_details       ? 
_pdbx_struct_assembly.oligomeric_details   monomeric 
_pdbx_struct_assembly.oligomeric_count     1 
# 
loop_
_pdbx_struct_assembly_prop.biol_id 
_pdbx_struct_assembly_prop.type 
_pdbx_struct_assembly_prop.value 
_pdbx_struct_assembly_prop.details 
1 'ABSA (A^2)' 260  ? 
1 MORE         3    ? 
1 'SSA (A^2)'  5580 ? 
# 
_pdbx_struct_assembly_gen.assembly_id       1 
_pdbx_struct_assembly_gen.oper_expression   1 
_pdbx_struct_assembly_gen.asym_id_list      A,B,C 
# 
_pdbx_struct_assembly_auth_evidence.id                     1 
_pdbx_struct_assembly_auth_evidence.assembly_id            1 
_pdbx_struct_assembly_auth_evidence.experimental_support   'gel filtration' 
_pdbx_struct_assembly_auth_evidence.details                ? 
# 
_pdbx_struct_oper_list.id                   1 
_pdbx_struct_oper_list.type                 'identity operation' 
_pdbx_struct_oper_list.name                 1_555 
_pdbx_struct_oper_list.symmetry_operation   x,y,z 
_pdbx_struct_oper_list.matrix[1][1]         1.0000000000 
_pdbx_struct_oper_list.matrix[1][2]         0.0000000000 
_pdbx_struct_oper_list.matrix[1][3]         0.0000000000 
_pdbx_struct_oper_list.vector[1]            0.0000000000 
_pdbx_struct_oper_list.matrix[2][1]         0.0000000000 
_pdbx_struct_oper_list.matrix[2][2]         1.0000000000 
_pdbx_struct_oper_list.matrix[2][3]         0.0000000000 
_pdbx_struct_oper_list.vector[2]            0.0000000000 
_pdbx_struct_oper_list.matrix[3][1]         0.0000000000 
_pdbx_struct_oper_list.matrix[3][2]         0.0000000000 
_pdbx_struct_oper_list.matrix[3][3]         1.0000000000 
_pdbx_struct_oper_list.vector[3]            0.0000000000 
# 
loop_
_struct_conf.conf_type_id 
_struct_conf.id 
_struct_conf.pdbx_PDB_helix_id 
_struct_conf.beg_label_comp_id 
_struct_conf.beg_label_asym_id 
_struct_conf.beg_label_seq_id 
_struct_conf.pdbx_beg_PDB_ins_code 
_struct_conf.end_label_comp_id 
_struct_conf.end_label_asym_id 
_struct_conf.end_label_seq_id 
_struct_conf.pdbx_end_PDB_ins_code 
_struct_conf.beg_auth_comp_id 
_struct_conf.beg_auth_asym_id 
_struct_conf.beg_auth_seq_id 
_struct_conf.end_auth_comp_id 
_struct_conf.end_auth_asym_id 
_struct_conf.end_auth_seq_id 
_struct_conf.pdbx_PDB_helix_class 
_struct_conf.details 
_struct_conf.pdbx_PDB_helix_length 
HELX_P HELX_P1 AA1 ASP A 4  ? TYR A 23 ? ASP A 4  TYR A 23 1 ? 20 
HELX_P HELX_P2 AA2 THR A 26 ? GLY A 47 ? THR A 26 GLY A 47 1 ? 22 
HELX_P HELX_P3 AA3 ASP A 48 ? GLY A 69 ? ASP A 48 GLY A 69 1 ? 22 
HELX_P HELX_P4 AA4 ASP A 70 ? GLU A 95 ? ASP A 70 GLU A 95 1 ? 26 
# 
_struct_conf_type.id          HELX_P 
_struct_conf_type.criteria    ? 
_struct_conf_type.reference   ? 
# 
loop_
_pdbx_validate_close_contact.id 
_pdbx_validate_close_contact.PDB_model_num 
_pdbx_validate_close_contact.auth_atom_id_1 
_pdbx_validate_close_contact.auth_asym_id_1 
_pdbx_validate_close_contact.auth_comp_id_1 
_pdbx_validate_close_contact.auth_seq_id_1 
_pdbx_validate_close_contact.PDB_ins_code_1 
_pdbx_validate_close_contact.label_alt_id_1 
_pdbx_validate_close_contact.auth_atom_id_2 
_pdbx_validate_close_contact.auth_asym_id_2 
_pdbx_validate_close_contact.auth_comp_id_2 
_pdbx_validate_close_contact.auth_seq_id_2 
_pdbx_validate_close_contact.PDB_ins_code_2 
_pdbx_validate_close_contact.label_alt_id_2 
_pdbx_validate_close_contact.dist 
1 1 O A HOH 331 ? ? O A HOH 366 ? ? 1.84 
2 1 O A HOH 322 ? ? O A HOH 368 ? ? 2.07 
# 
_pdbx_validate_torsion.id              1 
_pdbx_validate_torsion.PDB_model_num   1 
_pdbx_validate_torsion.auth_comp_id    ASP 
_pdbx_validate_torsion.auth_asym_id    A 
_pdbx_validate_torsion.auth_seq_id     4 
_pdbx_validate_torsion.PDB_ins_code    ? 
_pdbx_validate_torsion.label_alt_id    ? 
_pdbx_validate_torsion.phi             -65.24 
_pdbx_validate_torsion.psi             84.52 
# 
_pdbx_refine_tls.id               1 
_pdbx_refine_tls.pdbx_refine_id   'X-RAY DIFFRACTION' 
_pdbx_refine_tls.details          ? 
_pdbx_refine_tls.method           refined 
_pdbx_refine_tls.origin_x         0.0301 
_pdbx_refine_tls.origin_y         0.6484 
_pdbx_refine_tls.origin_z         -0.0891 
_pdbx_refine_tls.T[1][1]          0.1283 
_pdbx_refine_tls.T[1][1]_esd      ? 
_pdbx_refine_tls.T[1][2]          -0.0046 
_pdbx_refine_tls.T[1][2]_esd      ? 
_pdbx_refine_tls.T[1][3]          0.0067 
_pdbx_refine_tls.T[1][3]_esd      ? 
_pdbx_refine_tls.T[2][2]          0.1335 
_pdbx_refine_tls.T[2][2]_esd      ? 
_pdbx_refine_tls.T[2][3]          0.0109 
_pdbx_refine_tls.T[2][3]_esd      ? 
_pdbx_refine_tls.T[3][3]          0.1346 
_pdbx_refine_tls.T[3][3]_esd      ? 
_pdbx_refine_tls.L[1][1]          0.9735 
_pdbx_refine_tls.L[1][1]_esd      ? 
_pdbx_refine_tls.L[1][2]          -0.4288 
_pdbx_refine_tls.L[1][2]_esd      ? 
_pdbx_refine_tls.L[1][3]          0.2745 
_pdbx_refine_tls.L[1][3]_esd      ? 
_pdbx_refine_tls.L[2][2]          1.0147 
_pdbx_refine_tls.L[2][2]_esd      ? 
_pdbx_refine_tls.L[2][3]          0.3785 
_pdbx_refine_tls.L[2][3]_esd      ? 
_pdbx_refine_tls.L[3][3]          0.7322 
_pdbx_refine_tls.L[3][3]_esd      ? 
_pdbx_refine_tls.S[1][1]          -0.0609 
_pdbx_refine_tls.S[1][1]_esd      ? 
_pdbx_refine_tls.S[1][2]          -0.0122 
_pdbx_refine_tls.S[1][2]_esd      ? 
_pdbx_refine_tls.S[1][3]          -0.0486 
_pdbx_refine_tls.S[1][3]_esd      ? 
_pdbx_refine_tls.S[2][1]          0.0021 
_pdbx_refine_tls.S[2][1]_esd      ? 
_pdbx_refine_tls.S[2][2]          0.0328 
_pdbx_refine_tls.S[2][2]_esd      ? 
_pdbx_refine_tls.S[2][3]          -0.0330 
_pdbx_refine_tls.S[2][3]_esd      ? 
_pdbx_refine_tls.S[3][1]          -0.0009 
_pdbx_refine_tls.S[3][1]_esd      ? 
_pdbx_refine_tls.S[3][2]          -0.0017 
_pdbx_refine_tls.S[3][2]_esd      ? 
_pdbx_refine_tls.S[3][3]          -0.0392 
_pdbx_refine_tls.S[3][3]_esd      ? 
# 
_pdbx_refine_tls_group.id                  1 
_pdbx_refine_tls_group.pdbx_refine_id      'X-RAY DIFFRACTION' 
_pdbx_refine_tls_group.refine_tls_id       1 
_pdbx_refine_tls_group.beg_label_asym_id   ? 
_pdbx_refine_tls_group.beg_label_seq_id    ? 
_pdbx_refine_tls_group.beg_auth_asym_id    ? 
_pdbx_refine_tls_group.beg_auth_seq_id     ? 
_pdbx_refine_tls_group.beg_PDB_ins_code    ? 
_pdbx_refine_tls_group.end_label_asym_id   ? 
_pdbx_refine_tls_group.end_label_seq_id    ? 
_pdbx_refine_tls_group.end_auth_asym_id    ? 
_pdbx_refine_tls_group.end_auth_seq_id     ? 
_pdbx_refine_tls_group.end_PDB_ins_code    ? 
_pdbx_refine_tls_group.selection           ? 
_pdbx_refine_tls_group.selection_details   all 
# 
_pdbx_entry_details.entry_id                 7DGW 
_pdbx_entry_details.has_ligand_of_interest   N 
_pdbx_entry_details.compound_details         ? 
_pdbx_entry_details.source_details           ? 
_pdbx_entry_details.nonpolymer_details       ? 
_pdbx_entry_details.sequence_details         ? 
# 
loop_
_pdbx_unobs_or_zero_occ_residues.id 
_pdbx_unobs_or_zero_occ_residues.PDB_model_num 
_pdbx_unobs_or_zero_occ_residues.polymer_flag 
_pdbx_unobs_or_zero_occ_residues.occupancy_flag 
_pdbx_unobs_or_zero_occ_residues.auth_asym_id 
_pdbx_unobs_or_zero_occ_residues.auth_comp_id 
_pdbx_unobs_or_zero_occ_residues.auth_seq_id 
_pdbx_unobs_or_zero_occ_residues.PDB_ins_code 
_pdbx_unobs_or_zero_occ_residues.label_asym_id 
_pdbx_unobs_or_zero_occ_residues.label_comp_id 
_pdbx_unobs_or_zero_occ_residues.label_seq_id 
1 1 Y 1 A MET 1   ? A MET 1   
2 1 Y 1 A HIS 96  ? A HIS 96  
3 1 Y 1 A HIS 97  ? A HIS 97  
4 1 Y 1 A HIS 98  ? A HIS 98  
5 1 Y 1 A HIS 99  ? A HIS 99  
6 1 Y 1 A HIS 100 ? A HIS 100 
7 1 Y 1 A HIS 101 ? A HIS 101 
8 1 N 0 A EPE 201 ? B EPE ?   
# 
loop_
_chem_comp_atom.comp_id 
_chem_comp_atom.atom_id 
_chem_comp_atom.type_symbol 
_chem_comp_atom.pdbx_aromatic_flag 
_chem_comp_atom.pdbx_stereo_config 
_chem_comp_atom.pdbx_ordinal 
ALA N    N N N 1   
ALA CA   C N S 2   
ALA C    C N N 3   
ALA O    O N N 4   
ALA CB   C N N 5   
ALA OXT  O N N 6   
ALA H    H N N 7   
ALA H2   H N N 8   
ALA HA   H N N 9   
ALA HB1  H N N 10  
ALA HB2  H N N 11  
ALA HB3  H N N 12  
ALA HXT  H N N 13  
ARG N    N N N 14  
ARG CA   C N S 15  
ARG C    C N N 16  
ARG O    O N N 17  
ARG CB   C N N 18  
ARG CG   C N N 19  
ARG CD   C N N 20  
ARG NE   N N N 21  
ARG CZ   C N N 22  
ARG NH1  N N N 23  
ARG NH2  N N N 24  
ARG OXT  O N N 25  
ARG H    H N N 26  
ARG H2   H N N 27  
ARG HA   H N N 28  
ARG HB2  H N N 29  
ARG HB3  H N N 30  
ARG HG2  H N N 31  
ARG HG3  H N N 32  
ARG HD2  H N N 33  
ARG HD3  H N N 34  
ARG HE   H N N 35  
ARG HH11 H N N 36  
ARG HH12 H N N 37  
ARG HH21 H N N 38  
ARG HH22 H N N 39  
ARG HXT  H N N 40  
ASN N    N N N 41  
ASN CA   C N S 42  
ASN C    C N N 43  
ASN O    O N N 44  
ASN CB   C N N 45  
ASN CG   C N N 46  
ASN OD1  O N N 47  
ASN ND2  N N N 48  
ASN OXT  O N N 49  
ASN H    H N N 50  
ASN H2   H N N 51  
ASN HA   H N N 52  
ASN HB2  H N N 53  
ASN HB3  H N N 54  
ASN HD21 H N N 55  
ASN HD22 H N N 56  
ASN HXT  H N N 57  
ASP N    N N N 58  
ASP CA   C N S 59  
ASP C    C N N 60  
ASP O    O N N 61  
ASP CB   C N N 62  
ASP CG   C N N 63  
ASP OD1  O N N 64  
ASP OD2  O N N 65  
ASP OXT  O N N 66  
ASP H    H N N 67  
ASP H2   H N N 68  
ASP HA   H N N 69  
ASP HB2  H N N 70  
ASP HB3  H N N 71  
ASP HD2  H N N 72  
ASP HXT  H N N 73  
EPE N1   N N N 74  
EPE C2   C N N 75  
EPE C3   C N N 76  
EPE N4   N N N 77  
EPE C5   C N N 78  
EPE C6   C N N 79  
EPE C7   C N N 80  
EPE C8   C N N 81  
EPE O8   O N N 82  
EPE C9   C N N 83  
EPE C10  C N N 84  
EPE S    S N N 85  
EPE O1S  O N N 86  
EPE O2S  O N N 87  
EPE O3S  O N N 88  
EPE H21  H N N 89  
EPE H22  H N N 90  
EPE H31  H N N 91  
EPE H32  H N N 92  
EPE H51  H N N 93  
EPE H52  H N N 94  
EPE H61  H N N 95  
EPE H62  H N N 96  
EPE H71  H N N 97  
EPE H72  H N N 98  
EPE H81  H N N 99  
EPE H82  H N N 100 
EPE HO8  H N N 101 
EPE H91  H N N 102 
EPE H92  H N N 103 
EPE H101 H N N 104 
EPE H102 H N N 105 
EPE HOS3 H N N 106 
GLN N    N N N 107 
GLN CA   C N S 108 
GLN C    C N N 109 
GLN O    O N N 110 
GLN CB   C N N 111 
GLN CG   C N N 112 
GLN CD   C N N 113 
GLN OE1  O N N 114 
GLN NE2  N N N 115 
GLN OXT  O N N 116 
GLN H    H N N 117 
GLN H2   H N N 118 
GLN HA   H N N 119 
GLN HB2  H N N 120 
GLN HB3  H N N 121 
GLN HG2  H N N 122 
GLN HG3  H N N 123 
GLN HE21 H N N 124 
GLN HE22 H N N 125 
GLN HXT  H N N 126 
GLU N    N N N 127 
GLU CA   C N S 128 
GLU C    C N N 129 
GLU O    O N N 130 
GLU CB   C N N 131 
GLU CG   C N N 132 
GLU CD   C N N 133 
GLU OE1  O N N 134 
GLU OE2  O N N 135 
GLU OXT  O N N 136 
GLU H    H N N 137 
GLU H2   H N N 138 
GLU HA   H N N 139 
GLU HB2  H N N 140 
GLU HB3  H N N 141 
GLU HG2  H N N 142 
GLU HG3  H N N 143 
GLU HE2  H N N 144 
GLU HXT  H N N 145 
GLY N    N N N 146 
GLY CA   C N N 147 
GLY C    C N N 148 
GLY O    O N N 149 
GLY OXT  O N N 150 
GLY H    H N N 151 
GLY H2   H N N 152 
GLY HA2  H N N 153 
GLY HA3  H N N 154 
GLY HXT  H N N 155 
HIS N    N N N 156 
HIS CA   C N S 157 
HIS C    C N N 158 
HIS O    O N N 159 
HIS CB   C N N 160 
HIS CG   C Y N 161 
HIS ND1  N Y N 162 
HIS CD2  C Y N 163 
HIS CE1  C Y N 164 
HIS NE2  N Y N 165 
HIS OXT  O N N 166 
HIS H    H N N 167 
HIS H2   H N N 168 
HIS HA   H N N 169 
HIS HB2  H N N 170 
HIS HB3  H N N 171 
HIS HD1  H N N 172 
HIS HD2  H N N 173 
HIS HE1  H N N 174 
HIS HE2  H N N 175 
HIS HXT  H N N 176 
HOH O    O N N 177 
HOH H1   H N N 178 
HOH H2   H N N 179 
ILE N    N N N 180 
ILE CA   C N S 181 
ILE C    C N N 182 
ILE O    O N N 183 
ILE CB   C N S 184 
ILE CG1  C N N 185 
ILE CG2  C N N 186 
ILE CD1  C N N 187 
ILE OXT  O N N 188 
ILE H    H N N 189 
ILE H2   H N N 190 
ILE HA   H N N 191 
ILE HB   H N N 192 
ILE HG12 H N N 193 
ILE HG13 H N N 194 
ILE HG21 H N N 195 
ILE HG22 H N N 196 
ILE HG23 H N N 197 
ILE HD11 H N N 198 
ILE HD12 H N N 199 
ILE HD13 H N N 200 
ILE HXT  H N N 201 
LEU N    N N N 202 
LEU CA   C N S 203 
LEU C    C N N 204 
LEU O    O N N 205 
LEU CB   C N N 206 
LEU CG   C N N 207 
LEU CD1  C N N 208 
LEU CD2  C N N 209 
LEU OXT  O N N 210 
LEU H    H N N 211 
LEU H2   H N N 212 
LEU HA   H N N 213 
LEU HB2  H N N 214 
LEU HB3  H N N 215 
LEU HG   H N N 216 
LEU HD11 H N N 217 
LEU HD12 H N N 218 
LEU HD13 H N N 219 
LEU HD21 H N N 220 
LEU HD22 H N N 221 
LEU HD23 H N N 222 
LEU HXT  H N N 223 
LYS N    N N N 224 
LYS CA   C N S 225 
LYS C    C N N 226 
LYS O    O N N 227 
LYS CB   C N N 228 
LYS CG   C N N 229 
LYS CD   C N N 230 
LYS CE   C N N 231 
LYS NZ   N N N 232 
LYS OXT  O N N 233 
LYS H    H N N 234 
LYS H2   H N N 235 
LYS HA   H N N 236 
LYS HB2  H N N 237 
LYS HB3  H N N 238 
LYS HG2  H N N 239 
LYS HG3  H N N 240 
LYS HD2  H N N 241 
LYS HD3  H N N 242 
LYS HE2  H N N 243 
LYS HE3  H N N 244 
LYS HZ1  H N N 245 
LYS HZ2  H N N 246 
LYS HZ3  H N N 247 
LYS HXT  H N N 248 
MET N    N N N 249 
MET CA   C N S 250 
MET C    C N N 251 
MET O    O N N 252 
MET CB   C N N 253 
MET CG   C N N 254 
MET SD   S N N 255 
MET CE   C N N 256 
MET OXT  O N N 257 
MET H    H N N 258 
MET H2   H N N 259 
MET HA   H N N 260 
MET HB2  H N N 261 
MET HB3  H N N 262 
MET HG2  H N N 263 
MET HG3  H N N 264 
MET HE1  H N N 265 
MET HE2  H N N 266 
MET HE3  H N N 267 
MET HXT  H N N 268 
PHE N    N N N 269 
PHE CA   C N S 270 
PHE C    C N N 271 
PHE O    O N N 272 
PHE CB   C N N 273 
PHE CG   C Y N 274 
PHE CD1  C Y N 275 
PHE CD2  C Y N 276 
PHE CE1  C Y N 277 
PHE CE2  C Y N 278 
PHE CZ   C Y N 279 
PHE OXT  O N N 280 
PHE H    H N N 281 
PHE H2   H N N 282 
PHE HA   H N N 283 
PHE HB2  H N N 284 
PHE HB3  H N N 285 
PHE HD1  H N N 286 
PHE HD2  H N N 287 
PHE HE1  H N N 288 
PHE HE2  H N N 289 
PHE HZ   H N N 290 
PHE HXT  H N N 291 
PRO N    N N N 292 
PRO CA   C N S 293 
PRO C    C N N 294 
PRO O    O N N 295 
PRO CB   C N N 296 
PRO CG   C N N 297 
PRO CD   C N N 298 
PRO OXT  O N N 299 
PRO H    H N N 300 
PRO HA   H N N 301 
PRO HB2  H N N 302 
PRO HB3  H N N 303 
PRO HG2  H N N 304 
PRO HG3  H N N 305 
PRO HD2  H N N 306 
PRO HD3  H N N 307 
PRO HXT  H N N 308 
THR N    N N N 309 
THR CA   C N S 310 
THR C    C N N 311 
THR O    O N N 312 
THR CB   C N R 313 
THR OG1  O N N 314 
THR CG2  C N N 315 
THR OXT  O N N 316 
THR H    H N N 317 
THR H2   H N N 318 
THR HA   H N N 319 
THR HB   H N N 320 
THR HG1  H N N 321 
THR HG21 H N N 322 
THR HG22 H N N 323 
THR HG23 H N N 324 
THR HXT  H N N 325 
TYR N    N N N 326 
TYR CA   C N S 327 
TYR C    C N N 328 
TYR O    O N N 329 
TYR CB   C N N 330 
TYR CG   C Y N 331 
TYR CD1  C Y N 332 
TYR CD2  C Y N 333 
TYR CE1  C Y N 334 
TYR CE2  C Y N 335 
TYR CZ   C Y N 336 
TYR OH   O N N 337 
TYR OXT  O N N 338 
TYR H    H N N 339 
TYR H2   H N N 340 
TYR HA   H N N 341 
TYR HB2  H N N 342 
TYR HB3  H N N 343 
TYR HD1  H N N 344 
TYR HD2  H N N 345 
TYR HE1  H N N 346 
TYR HE2  H N N 347 
TYR HH   H N N 348 
TYR HXT  H N N 349 
VAL N    N N N 350 
VAL CA   C N S 351 
VAL C    C N N 352 
VAL O    O N N 353 
VAL CB   C N N 354 
VAL CG1  C N N 355 
VAL CG2  C N N 356 
VAL OXT  O N N 357 
VAL H    H N N 358 
VAL H2   H N N 359 
VAL HA   H N N 360 
VAL HB   H N N 361 
VAL HG11 H N N 362 
VAL HG12 H N N 363 
VAL HG13 H N N 364 
VAL HG21 H N N 365 
VAL HG22 H N N 366 
VAL HG23 H N N 367 
VAL HXT  H N N 368 
# 
loop_
_chem_comp_bond.comp_id 
_chem_comp_bond.atom_id_1 
_chem_comp_bond.atom_id_2 
_chem_comp_bond.value_order 
_chem_comp_bond.pdbx_aromatic_flag 
_chem_comp_bond.pdbx_stereo_config 
_chem_comp_bond.pdbx_ordinal 
ALA N   CA   sing N N 1   
ALA N   H    sing N N 2   
ALA N   H2   sing N N 3   
ALA CA  C    sing N N 4   
ALA CA  CB   sing N N 5   
ALA CA  HA   sing N N 6   
ALA C   O    doub N N 7   
ALA C   OXT  sing N N 8   
ALA CB  HB1  sing N N 9   
ALA CB  HB2  sing N N 10  
ALA CB  HB3  sing N N 11  
ALA OXT HXT  sing N N 12  
ARG N   CA   sing N N 13  
ARG N   H    sing N N 14  
ARG N   H2   sing N N 15  
ARG CA  C    sing N N 16  
ARG CA  CB   sing N N 17  
ARG CA  HA   sing N N 18  
ARG C   O    doub N N 19  
ARG C   OXT  sing N N 20  
ARG CB  CG   sing N N 21  
ARG CB  HB2  sing N N 22  
ARG CB  HB3  sing N N 23  
ARG CG  CD   sing N N 24  
ARG CG  HG2  sing N N 25  
ARG CG  HG3  sing N N 26  
ARG CD  NE   sing N N 27  
ARG CD  HD2  sing N N 28  
ARG CD  HD3  sing N N 29  
ARG NE  CZ   sing N N 30  
ARG NE  HE   sing N N 31  
ARG CZ  NH1  sing N N 32  
ARG CZ  NH2  doub N N 33  
ARG NH1 HH11 sing N N 34  
ARG NH1 HH12 sing N N 35  
ARG NH2 HH21 sing N N 36  
ARG NH2 HH22 sing N N 37  
ARG OXT HXT  sing N N 38  
ASN N   CA   sing N N 39  
ASN N   H    sing N N 40  
ASN N   H2   sing N N 41  
ASN CA  C    sing N N 42  
ASN CA  CB   sing N N 43  
ASN CA  HA   sing N N 44  
ASN C   O    doub N N 45  
ASN C   OXT  sing N N 46  
ASN CB  CG   sing N N 47  
ASN CB  HB2  sing N N 48  
ASN CB  HB3  sing N N 49  
ASN CG  OD1  doub N N 50  
ASN CG  ND2  sing N N 51  
ASN ND2 HD21 sing N N 52  
ASN ND2 HD22 sing N N 53  
ASN OXT HXT  sing N N 54  
ASP N   CA   sing N N 55  
ASP N   H    sing N N 56  
ASP N   H2   sing N N 57  
ASP CA  C    sing N N 58  
ASP CA  CB   sing N N 59  
ASP CA  HA   sing N N 60  
ASP C   O    doub N N 61  
ASP C   OXT  sing N N 62  
ASP CB  CG   sing N N 63  
ASP CB  HB2  sing N N 64  
ASP CB  HB3  sing N N 65  
ASP CG  OD1  doub N N 66  
ASP CG  OD2  sing N N 67  
ASP OD2 HD2  sing N N 68  
ASP OXT HXT  sing N N 69  
EPE N1  C2   sing N N 70  
EPE N1  C6   sing N N 71  
EPE N1  C9   sing N N 72  
EPE C2  C3   sing N N 73  
EPE C2  H21  sing N N 74  
EPE C2  H22  sing N N 75  
EPE C3  N4   sing N N 76  
EPE C3  H31  sing N N 77  
EPE C3  H32  sing N N 78  
EPE N4  C5   sing N N 79  
EPE N4  C7   sing N N 80  
EPE C5  C6   sing N N 81  
EPE C5  H51  sing N N 82  
EPE C5  H52  sing N N 83  
EPE C6  H61  sing N N 84  
EPE C6  H62  sing N N 85  
EPE C7  C8   sing N N 86  
EPE C7  H71  sing N N 87  
EPE C7  H72  sing N N 88  
EPE C8  O8   sing N N 89  
EPE C8  H81  sing N N 90  
EPE C8  H82  sing N N 91  
EPE O8  HO8  sing N N 92  
EPE C9  C10  sing N N 93  
EPE C9  H91  sing N N 94  
EPE C9  H92  sing N N 95  
EPE C10 S    sing N N 96  
EPE C10 H101 sing N N 97  
EPE C10 H102 sing N N 98  
EPE S   O1S  doub N N 99  
EPE S   O2S  doub N N 100 
EPE S   O3S  sing N N 101 
EPE O3S HOS3 sing N N 102 
GLN N   CA   sing N N 103 
GLN N   H    sing N N 104 
GLN N   H2   sing N N 105 
GLN CA  C    sing N N 106 
GLN CA  CB   sing N N 107 
GLN CA  HA   sing N N 108 
GLN C   O    doub N N 109 
GLN C   OXT  sing N N 110 
GLN CB  CG   sing N N 111 
GLN CB  HB2  sing N N 112 
GLN CB  HB3  sing N N 113 
GLN CG  CD   sing N N 114 
GLN CG  HG2  sing N N 115 
GLN CG  HG3  sing N N 116 
GLN CD  OE1  doub N N 117 
GLN CD  NE2  sing N N 118 
GLN NE2 HE21 sing N N 119 
GLN NE2 HE22 sing N N 120 
GLN OXT HXT  sing N N 121 
GLU N   CA   sing N N 122 
GLU N   H    sing N N 123 
GLU N   H2   sing N N 124 
GLU CA  C    sing N N 125 
GLU CA  CB   sing N N 126 
GLU CA  HA   sing N N 127 
GLU C   O    doub N N 128 
GLU C   OXT  sing N N 129 
GLU CB  CG   sing N N 130 
GLU CB  HB2  sing N N 131 
GLU CB  HB3  sing N N 132 
GLU CG  CD   sing N N 133 
GLU CG  HG2  sing N N 134 
GLU CG  HG3  sing N N 135 
GLU CD  OE1  doub N N 136 
GLU CD  OE2  sing N N 137 
GLU OE2 HE2  sing N N 138 
GLU OXT HXT  sing N N 139 
GLY N   CA   sing N N 140 
GLY N   H    sing N N 141 
GLY N   H2   sing N N 142 
GLY CA  C    sing N N 143 
GLY CA  HA2  sing N N 144 
GLY CA  HA3  sing N N 145 
GLY C   O    doub N N 146 
GLY C   OXT  sing N N 147 
GLY OXT HXT  sing N N 148 
HIS N   CA   sing N N 149 
HIS N   H    sing N N 150 
HIS N   H2   sing N N 151 
HIS CA  C    sing N N 152 
HIS CA  CB   sing N N 153 
HIS CA  HA   sing N N 154 
HIS C   O    doub N N 155 
HIS C   OXT  sing N N 156 
HIS CB  CG   sing N N 157 
HIS CB  HB2  sing N N 158 
HIS CB  HB3  sing N N 159 
HIS CG  ND1  sing Y N 160 
HIS CG  CD2  doub Y N 161 
HIS ND1 CE1  doub Y N 162 
HIS ND1 HD1  sing N N 163 
HIS CD2 NE2  sing Y N 164 
HIS CD2 HD2  sing N N 165 
HIS CE1 NE2  sing Y N 166 
HIS CE1 HE1  sing N N 167 
HIS NE2 HE2  sing N N 168 
HIS OXT HXT  sing N N 169 
HOH O   H1   sing N N 170 
HOH O   H2   sing N N 171 
ILE N   CA   sing N N 172 
ILE N   H    sing N N 173 
ILE N   H2   sing N N 174 
ILE CA  C    sing N N 175 
ILE CA  CB   sing N N 176 
ILE CA  HA   sing N N 177 
ILE C   O    doub N N 178 
ILE C   OXT  sing N N 179 
ILE CB  CG1  sing N N 180 
ILE CB  CG2  sing N N 181 
ILE CB  HB   sing N N 182 
ILE CG1 CD1  sing N N 183 
ILE CG1 HG12 sing N N 184 
ILE CG1 HG13 sing N N 185 
ILE CG2 HG21 sing N N 186 
ILE CG2 HG22 sing N N 187 
ILE CG2 HG23 sing N N 188 
ILE CD1 HD11 sing N N 189 
ILE CD1 HD12 sing N N 190 
ILE CD1 HD13 sing N N 191 
ILE OXT HXT  sing N N 192 
LEU N   CA   sing N N 193 
LEU N   H    sing N N 194 
LEU N   H2   sing N N 195 
LEU CA  C    sing N N 196 
LEU CA  CB   sing N N 197 
LEU CA  HA   sing N N 198 
LEU C   O    doub N N 199 
LEU C   OXT  sing N N 200 
LEU CB  CG   sing N N 201 
LEU CB  HB2  sing N N 202 
LEU CB  HB3  sing N N 203 
LEU CG  CD1  sing N N 204 
LEU CG  CD2  sing N N 205 
LEU CG  HG   sing N N 206 
LEU CD1 HD11 sing N N 207 
LEU CD1 HD12 sing N N 208 
LEU CD1 HD13 sing N N 209 
LEU CD2 HD21 sing N N 210 
LEU CD2 HD22 sing N N 211 
LEU CD2 HD23 sing N N 212 
LEU OXT HXT  sing N N 213 
LYS N   CA   sing N N 214 
LYS N   H    sing N N 215 
LYS N   H2   sing N N 216 
LYS CA  C    sing N N 217 
LYS CA  CB   sing N N 218 
LYS CA  HA   sing N N 219 
LYS C   O    doub N N 220 
LYS C   OXT  sing N N 221 
LYS CB  CG   sing N N 222 
LYS CB  HB2  sing N N 223 
LYS CB  HB3  sing N N 224 
LYS CG  CD   sing N N 225 
LYS CG  HG2  sing N N 226 
LYS CG  HG3  sing N N 227 
LYS CD  CE   sing N N 228 
LYS CD  HD2  sing N N 229 
LYS CD  HD3  sing N N 230 
LYS CE  NZ   sing N N 231 
LYS CE  HE2  sing N N 232 
LYS CE  HE3  sing N N 233 
LYS NZ  HZ1  sing N N 234 
LYS NZ  HZ2  sing N N 235 
LYS NZ  HZ3  sing N N 236 
LYS OXT HXT  sing N N 237 
MET N   CA   sing N N 238 
MET N   H    sing N N 239 
MET N   H2   sing N N 240 
MET CA  C    sing N N 241 
MET CA  CB   sing N N 242 
MET CA  HA   sing N N 243 
MET C   O    doub N N 244 
MET C   OXT  sing N N 245 
MET CB  CG   sing N N 246 
MET CB  HB2  sing N N 247 
MET CB  HB3  sing N N 248 
MET CG  SD   sing N N 249 
MET CG  HG2  sing N N 250 
MET CG  HG3  sing N N 251 
MET SD  CE   sing N N 252 
MET CE  HE1  sing N N 253 
MET CE  HE2  sing N N 254 
MET CE  HE3  sing N N 255 
MET OXT HXT  sing N N 256 
PHE N   CA   sing N N 257 
PHE N   H    sing N N 258 
PHE N   H2   sing N N 259 
PHE CA  C    sing N N 260 
PHE CA  CB   sing N N 261 
PHE CA  HA   sing N N 262 
PHE C   O    doub N N 263 
PHE C   OXT  sing N N 264 
PHE CB  CG   sing N N 265 
PHE CB  HB2  sing N N 266 
PHE CB  HB3  sing N N 267 
PHE CG  CD1  doub Y N 268 
PHE CG  CD2  sing Y N 269 
PHE CD1 CE1  sing Y N 270 
PHE CD1 HD1  sing N N 271 
PHE CD2 CE2  doub Y N 272 
PHE CD2 HD2  sing N N 273 
PHE CE1 CZ   doub Y N 274 
PHE CE1 HE1  sing N N 275 
PHE CE2 CZ   sing Y N 276 
PHE CE2 HE2  sing N N 277 
PHE CZ  HZ   sing N N 278 
PHE OXT HXT  sing N N 279 
PRO N   CA   sing N N 280 
PRO N   CD   sing N N 281 
PRO N   H    sing N N 282 
PRO CA  C    sing N N 283 
PRO CA  CB   sing N N 284 
PRO CA  HA   sing N N 285 
PRO C   O    doub N N 286 
PRO C   OXT  sing N N 287 
PRO CB  CG   sing N N 288 
PRO CB  HB2  sing N N 289 
PRO CB  HB3  sing N N 290 
PRO CG  CD   sing N N 291 
PRO CG  HG2  sing N N 292 
PRO CG  HG3  sing N N 293 
PRO CD  HD2  sing N N 294 
PRO CD  HD3  sing N N 295 
PRO OXT HXT  sing N N 296 
THR N   CA   sing N N 297 
THR N   H    sing N N 298 
THR N   H2   sing N N 299 
THR CA  C    sing N N 300 
THR CA  CB   sing N N 301 
THR CA  HA   sing N N 302 
THR C   O    doub N N 303 
THR C   OXT  sing N N 304 
THR CB  OG1  sing N N 305 
THR CB  CG2  sing N N 306 
THR CB  HB   sing N N 307 
THR OG1 HG1  sing N N 308 
THR CG2 HG21 sing N N 309 
THR CG2 HG22 sing N N 310 
THR CG2 HG23 sing N N 311 
THR OXT HXT  sing N N 312 
TYR N   CA   sing N N 313 
TYR N   H    sing N N 314 
TYR N   H2   sing N N 315 
TYR CA  C    sing N N 316 
TYR CA  CB   sing N N 317 
TYR CA  HA   sing N N 318 
TYR C   O    doub N N 319 
TYR C   OXT  sing N N 320 
TYR CB  CG   sing N N 321 
TYR CB  HB2  sing N N 322 
TYR CB  HB3  sing N N 323 
TYR CG  CD1  doub Y N 324 
TYR CG  CD2  sing Y N 325 
TYR CD1 CE1  sing Y N 326 
TYR CD1 HD1  sing N N 327 
TYR CD2 CE2  doub Y N 328 
TYR CD2 HD2  sing N N 329 
TYR CE1 CZ   doub Y N 330 
TYR CE1 HE1  sing N N 331 
TYR CE2 CZ   sing Y N 332 
TYR CE2 HE2  sing N N 333 
TYR CZ  OH   sing N N 334 
TYR OH  HH   sing N N 335 
TYR OXT HXT  sing N N 336 
VAL N   CA   sing N N 337 
VAL N   H    sing N N 338 
VAL N   H2   sing N N 339 
VAL CA  C    sing N N 340 
VAL CA  CB   sing N N 341 
VAL CA  HA   sing N N 342 
VAL C   O    doub N N 343 
VAL C   OXT  sing N N 344 
VAL CB  CG1  sing N N 345 
VAL CB  CG2  sing N N 346 
VAL CB  HB   sing N N 347 
VAL CG1 HG11 sing N N 348 
VAL CG1 HG12 sing N N 349 
VAL CG1 HG13 sing N N 350 
VAL CG2 HG21 sing N N 351 
VAL CG2 HG22 sing N N 352 
VAL CG2 HG23 sing N N 353 
VAL OXT HXT  sing N N 354 
# 
_atom_sites.entry_id                    7DGW 
_atom_sites.Cartn_transf_matrix[1][1]   ? 
_atom_sites.Cartn_transf_matrix[1][2]   ? 
_atom_sites.Cartn_transf_matrix[1][3]   ? 
_atom_sites.Cartn_transf_matrix[2][1]   ? 
_atom_sites.Cartn_transf_matrix[2][2]   ? 
_atom_sites.Cartn_transf_matrix[2][3]   ? 
_atom_sites.Cartn_transf_matrix[3][1]   ? 
_atom_sites.Cartn_transf_matrix[3][2]   ? 
_atom_sites.Cartn_transf_matrix[3][3]   ? 
_atom_sites.Cartn_transf_vector[1]      ? 
_atom_sites.Cartn_transf_vector[2]      ? 
_atom_sites.Cartn_transf_vector[3]      ? 
_atom_sites.fract_transf_matrix[1][1]   -0.01861741 
_atom_sites.fract_transf_matrix[1][2]   -0.00727666 
_atom_sites.fract_transf_matrix[1][3]   -0.00789882 
_atom_sites.fract_transf_matrix[2][1]   0.00227947 
_atom_sites.fract_transf_matrix[2][2]   0.01057489 
_atom_sites.fract_transf_matrix[2][3]   -0.01511464 
_atom_sites.fract_transf_matrix[3][1]   0.01585635 
_atom_sites.fract_transf_matrix[3][2]   -0.02453270 
_atom_sites.fract_transf_matrix[3][3]   -0.01477286 
_atom_sites.fract_transf_vector[1]      0.632578 
_atom_sites.fract_transf_vector[2]      0.244325 
_atom_sites.fract_transf_vector[3]      0.756855 
_atom_sites.solution_primary            ? 
_atom_sites.solution_secondary          ? 
_atom_sites.solution_hydrogens          ? 
_atom_sites.special_details             ? 
# 
loop_
_atom_type.symbol 
C 
N 
O 
S 
# 
loop_
_atom_site.group_PDB 
_atom_site.id 
_atom_site.type_symbol 
_atom_site.label_atom_id 
_atom_site.label_alt_id 
_atom_site.label_comp_id 
_atom_site.label_asym_id 
_atom_site.label_entity_id 
_atom_site.label_seq_id 
_atom_site.pdbx_PDB_ins_code 
_atom_site.Cartn_x 
_atom_site.Cartn_y 
_atom_site.Cartn_z 
_atom_site.occupancy 
_atom_site.B_iso_or_equiv 
_atom_site.pdbx_formal_charge 
_atom_site.auth_seq_id 
_atom_site.auth_comp_id 
_atom_site.auth_asym_id 
_atom_site.auth_atom_id 
_atom_site.pdbx_PDB_model_num 
ATOM   1   N N   . GLY A 1 2  ? 1.775   -8.268  -17.904 1.00 42.18 ? 2   GLY A N   1 
ATOM   2   C CA  . GLY A 1 2  ? 1.299   -7.256  -18.866 1.00 40.21 ? 2   GLY A CA  1 
ATOM   3   C C   . GLY A 1 2  ? 1.488   -5.864  -18.313 1.00 51.49 ? 2   GLY A C   1 
ATOM   4   O O   . GLY A 1 2  ? 1.604   -4.905  -19.100 1.00 60.69 ? 2   GLY A O   1 
ATOM   5   N N   . GLU A 1 3  ? 1.409   -5.765  -16.994 1.00 47.45 ? 3   GLU A N   1 
ATOM   6   C CA  . GLU A 1 3  ? 1.773   -4.501  -16.335 1.00 44.26 ? 3   GLU A CA  1 
ATOM   7   C C   . GLU A 1 3  ? 3.015   -4.864  -15.532 1.00 42.79 ? 3   GLU A C   1 
ATOM   8   O O   . GLU A 1 3  ? 3.149   -5.992  -15.025 1.00 46.57 ? 3   GLU A O   1 
ATOM   9   C CB  . GLU A 1 3  ? 0.693   -3.906  -15.440 1.00 39.73 ? 3   GLU A CB  1 
ATOM   10  C CG  . GLU A 1 3  ? 0.372   -4.797  -14.273 1.00 40.15 ? 3   GLU A CG  1 
ATOM   11  C CD  . GLU A 1 3  ? -0.198  -6.107  -14.745 1.00 43.52 ? 3   GLU A CD  1 
ATOM   12  O OE1 . GLU A 1 3  ? 0.587   -7.019  -14.972 1.00 46.76 ? 3   GLU A OE1 1 
ATOM   13  O OE2 . GLU A 1 3  ? -1.418  -6.170  -14.920 1.00 42.66 ? 3   GLU A OE2 1 
ATOM   14  N N   . ASP A 1 4  ? 3.946   -3.958  -15.620 1.00 38.61 ? 4   ASP A N   1 
ATOM   15  C CA  . ASP A 1 4  ? 5.194   -4.002  -14.865 1.00 26.00 ? 4   ASP A CA  1 
ATOM   16  C C   . ASP A 1 4  ? 4.812   -3.858  -13.394 1.00 23.58 ? 4   ASP A C   1 
ATOM   17  O O   . ASP A 1 4  ? 4.791   -2.765  -12.881 1.00 19.44 ? 4   ASP A O   1 
ATOM   18  C CB  . ASP A 1 4  ? 6.054   -2.877  -15.408 1.00 29.71 ? 4   ASP A CB  1 
ATOM   19  C CG  . ASP A 1 4  ? 7.473   -3.043  -14.984 1.00 29.18 ? 4   ASP A CG  1 
ATOM   20  O OD1 . ASP A 1 4  ? 7.684   -3.584  -13.919 1.00 29.05 ? 4   ASP A OD1 1 
ATOM   21  O OD2 . ASP A 1 4  ? 8.335   -2.631  -15.760 1.00 39.53 ? 4   ASP A OD2 1 
ATOM   22  N N   . TYR A 1 5  ? 4.463   -4.965  -12.779 1.00 18.81 ? 5   TYR A N   1 
ATOM   23  C CA  . TYR A 1 5  ? 4.138   -4.978  -11.356 1.00 20.29 ? 5   TYR A CA  1 
ATOM   24  C C   . TYR A 1 5  ? 5.311   -4.497  -10.516 1.00 17.61 ? 5   TYR A C   1 
ATOM   25  O O   . TYR A 1 5  ? 5.119   -3.802  -9.513  1.00 17.90 ? 5   TYR A O   1 
ATOM   26  C CB  . TYR A 1 5  ? 3.736   -6.383  -10.914 1.00 20.75 ? 5   TYR A CB  1 
ATOM   27  C CG  . TYR A 1 5  ? 2.291   -6.771  -11.170 1.00 18.60 ? 5   TYR A CG  1 
ATOM   28  C CD1 . TYR A 1 5  ? 1.247   -5.878  -10.942 1.00 21.84 ? 5   TYR A CD1 1 
ATOM   29  C CD2 . TYR A 1 5  ? 1.978   -8.046  -11.626 1.00 23.10 ? 5   TYR A CD2 1 
ATOM   30  C CE1 . TYR A 1 5  ? -0.067  -6.249  -11.165 1.00 22.24 ? 5   TYR A CE1 1 
ATOM   31  C CE2 . TYR A 1 5  ? 0.673   -8.419  -11.857 1.00 22.06 ? 5   TYR A CE2 1 
ATOM   32  C CZ  . TYR A 1 5  ? -0.341  -7.520  -11.620 1.00 18.37 ? 5   TYR A CZ  1 
ATOM   33  O OH  . TYR A 1 5  ? -1.646  -7.897  -11.853 1.00 23.49 ? 5   TYR A OH  1 
ATOM   34  N N   . LEU A 1 6  ? 6.534   -4.863  -10.894 1.00 17.95 ? 6   LEU A N   1 
ATOM   35  C CA  . LEU A 1 6  ? 7.689   -4.388  -10.135 1.00 19.38 ? 6   LEU A CA  1 
ATOM   36  C C   . LEU A 1 6  ? 7.792   -2.868  -10.185 1.00 19.53 ? 6   LEU A C   1 
ATOM   37  O O   . LEU A 1 6  ? 8.124   -2.229  -9.180  1.00 19.14 ? 6   LEU A O   1 
ATOM   38  C CB  . LEU A 1 6  ? 8.968   -5.056  -10.638 1.00 24.35 ? 6   LEU A CB  1 
ATOM   39  C CG  . LEU A 1 6  ? 9.145   -6.485  -10.117 1.00 24.14 ? 6   LEU A CG  1 
ATOM   40  C CD1 . LEU A 1 6  ? 10.030  -7.305  -11.046 1.00 30.88 ? 6   LEU A CD1 1 
ATOM   41  C CD2 . LEU A 1 6  ? 9.696   -6.479  -8.693  1.00 32.49 ? 6   LEU A CD2 1 
ATOM   42  N N   . LYS A 1 7  ? 7.481   -2.271  -11.340 1.00 17.80 ? 7   LYS A N   1 
ATOM   43  C CA  . LYS A 1 7  ? 7.438   -0.811  -11.435 1.00 19.47 ? 7   LYS A CA  1 
ATOM   44  C C   . LYS A 1 7  ? 6.353   -0.235  -10.532 1.00 18.98 ? 7   LYS A C   1 
ATOM   45  O O   . LYS A 1 7  ? 6.565   0.779   -9.854  1.00 20.06 ? 7   LYS A O   1 
ATOM   46  C CB  . LYS A 1 7  ? 7.195   -0.408  -12.893 1.00 23.46 ? 7   LYS A CB  1 
ATOM   47  C CG  . LYS A 1 7  ? 7.418   1.064   -13.237 1.00 33.04 ? 7   LYS A CG  1 
ATOM   48  C CD  . LYS A 1 7  ? 8.377   1.742   -12.286 1.00 42.20 ? 7   LYS A CD  1 
ATOM   49  C CE  . LYS A 1 7  ? 8.355   3.246   -12.475 1.00 50.19 ? 7   LYS A CE  1 
ATOM   50  N NZ  . LYS A 1 7  ? 9.319   3.908   -11.559 1.00 54.09 ? 7   LYS A NZ  1 
ATOM   51  N N   . LEU A 1 8  ? 5.179   -0.867  -10.508 1.00 18.76 ? 8   LEU A N   1 
ATOM   52  C CA  . LEU A 1 8  ? 4.090   -0.356  -9.680  1.00 16.52 ? 8   LEU A CA  1 
ATOM   53  C C   . LEU A 1 8  ? 4.433   -0.447  -8.200  1.00 17.18 ? 8   LEU A C   1 
ATOM   54  O O   . LEU A 1 8  ? 4.078   0.443   -7.417  1.00 16.69 ? 8   LEU A O   1 
ATOM   55  C CB  . LEU A 1 8  ? 2.795   -1.108  -10.000 1.00 18.68 ? 8   LEU A CB  1 
ATOM   56  C CG  . LEU A 1 8  ? 2.225   -0.841  -11.390 1.00 18.60 ? 8   LEU A CG  1 
ATOM   57  C CD1 . LEU A 1 8  ? 1.186   -1.890  -11.760 1.00 19.10 ? 8   LEU A CD1 1 
ATOM   58  C CD2 . LEU A 1 8  ? 1.612   0.545   -11.456 1.00 20.02 ? 8   LEU A CD2 1 
ATOM   59  N N   . LEU A 1 9  ? 5.137   -1.512  -7.797  1.00 15.29 ? 9   LEU A N   1 
ATOM   60  C CA  . LEU A 1 9  ? 5.524   -1.653  -6.399  1.00 16.08 ? 9   LEU A CA  1 
ATOM   61  C C   . LEU A 1 9  ? 6.590   -0.630  -6.025  1.00 17.58 ? 9   LEU A C   1 
ATOM   62  O O   . LEU A 1 9  ? 6.568   -0.080  -4.914  1.00 17.14 ? 9   LEU A O   1 
ATOM   63  C CB  . LEU A 1 9  ? 6.014   -3.080  -6.136  1.00 16.42 ? 9   LEU A CB  1 
ATOM   64  C CG  . LEU A 1 9  ? 4.912   -4.137  -6.195  1.00 14.65 ? 9   LEU A CG  1 
ATOM   65  C CD1 . LEU A 1 9  ? 5.521   -5.539  -6.122  1.00 17.67 ? 9   LEU A CD1 1 
ATOM   66  C CD2 . LEU A 1 9  ? 3.894   -3.920  -5.089  1.00 17.26 ? 9   LEU A CD2 1 
ATOM   67  N N   . GLU A 1 10 ? 7.517   -0.344  -6.946  1.00 16.33 ? 10  GLU A N   1 
ATOM   68  C CA  . GLU A 1 10 ? 8.485   0.722   -6.724  1.00 17.46 ? 10  GLU A CA  1 
ATOM   69  C C   . GLU A 1 10 ? 7.781   2.054   -6.518  1.00 16.72 ? 10  GLU A C   1 
ATOM   70  O O   . GLU A 1 10 ? 8.141   2.824   -5.620  1.00 18.61 ? 10  GLU A O   1 
ATOM   71  C CB  . GLU A 1 10 ? 9.441   0.805   -7.911  1.00 17.16 ? 10  GLU A CB  1 
ATOM   72  C CG  . GLU A 1 10 ? 10.432  1.964   -7.811  1.00 23.38 ? 10  GLU A CG  1 
ATOM   73  C CD  . GLU A 1 10 ? 11.297  2.096   -9.048  1.00 33.96 ? 10  GLU A CD  1 
ATOM   74  O OE1 . GLU A 1 10 ? 11.136  1.276   -9.975  1.00 41.87 ? 10  GLU A OE1 1 
ATOM   75  O OE2 . GLU A 1 10 ? 12.135  3.019   -9.094  1.00 42.15 ? 10  GLU A OE2 1 
ATOM   76  N N   . GLU A 1 11 ? 6.765   2.337   -7.329  1.00 17.66 ? 11  GLU A N   1 
ATOM   77  C CA  . GLU A 1 11 ? 6.017   3.577   -7.150  1.00 19.53 ? 11  GLU A CA  1 
ATOM   78  C C   . GLU A 1 11 ? 5.189   3.559   -5.873  1.00 17.34 ? 11  GLU A C   1 
ATOM   79  O O   . GLU A 1 11 ? 4.915   4.625   -5.307  1.00 18.51 ? 11  GLU A O   1 
ATOM   80  C CB  . GLU A 1 11 ? 5.121   3.824   -8.360  1.00 23.59 ? 11  GLU A CB  1 
ATOM   81  C CG  . GLU A 1 11 ? 5.863   4.226   -9.620  1.00 26.45 ? 11  GLU A CG  1 
ATOM   82  C CD  . GLU A 1 11 ? 6.441   5.630   -9.533  1.00 36.90 ? 11  GLU A CD  1 
ATOM   83  O OE1 . GLU A 1 11 ? 5.901   6.455   -8.763  1.00 40.57 ? 11  GLU A OE1 1 
ATOM   84  O OE2 . GLU A 1 11 ? 7.433   5.910   -10.236 1.00 41.03 ? 11  GLU A OE2 1 
ATOM   85  N N   . ALA A 1 12 ? 4.747   2.382   -5.422  1.00 17.81 ? 12  ALA A N   1 
ATOM   86  C CA  . ALA A 1 12 ? 4.020   2.296   -4.157  1.00 16.61 ? 12  ALA A CA  1 
ATOM   87  C C   . ALA A 1 12 ? 4.914   2.690   -2.988  1.00 18.74 ? 12  ALA A C   1 
ATOM   88  O O   . ALA A 1 12 ? 4.498   3.435   -2.093  1.00 16.81 ? 12  ALA A O   1 
ATOM   89  C CB  . ALA A 1 12 ? 3.471   0.882   -3.960  1.00 17.32 ? 12  ALA A CB  1 
ATOM   90  N N   . LEU A 1 13 ? 6.149   2.196   -2.976  1.00 17.68 ? 13  LEU A N   1 
ATOM   91  C CA  . LEU A 1 13 ? 7.104   2.638   -1.969  1.00 18.59 ? 13  LEU A CA  1 
ATOM   92  C C   . LEU A 1 13 ? 7.350   4.134   -2.080  1.00 17.37 ? 13  LEU A C   1 
ATOM   93  O O   . LEU A 1 13 ? 7.461   4.828   -1.062  1.00 18.02 ? 13  LEU A O   1 
ATOM   94  C CB  . LEU A 1 13 ? 8.418   1.865   -2.118  1.00 18.19 ? 13  LEU A CB  1 
ATOM   95  C CG  . LEU A 1 13 ? 8.347   0.374   -1.807  1.00 17.92 ? 13  LEU A CG  1 
ATOM   96  C CD1 . LEU A 1 13 ? 9.667   -0.313  -2.161  1.00 20.12 ? 13  LEU A CD1 1 
ATOM   97  C CD2 . LEU A 1 13 ? 7.989   0.160   -0.352  1.00 19.32 ? 13  LEU A CD2 1 
ATOM   98  N N   . LYS A 1 14 ? 7.413   4.656   -3.308  1.00 16.81 ? 14  LYS A N   1 
ATOM   99  C CA  . LYS A 1 14 ? 7.725   6.069   -3.503  1.00 19.16 ? 14  LYS A CA  1 
ATOM   100 C C   . LYS A 1 14 ? 6.644   6.959   -2.909  1.00 16.79 ? 14  LYS A C   1 
ATOM   101 O O   . LYS A 1 14 ? 6.940   7.901   -2.164  1.00 17.65 ? 14  LYS A O   1 
ATOM   102 C CB  . LYS A 1 14 ? 7.905   6.360   -4.992  1.00 23.90 ? 14  LYS A CB  1 
ATOM   103 N N   . ILE A 1 15 ? 5.380   6.677   -3.215  1.00 18.55 ? 15  ILE A N   1 
ATOM   104 C CA  . ILE A 1 15 ? 4.315   7.513   -2.664  1.00 17.68 ? 15  ILE A CA  1 
ATOM   105 C C   . ILE A 1 15 ? 4.220   7.345   -1.155  1.00 18.83 ? 15  ILE A C   1 
ATOM   106 O O   . ILE A 1 15 ? 4.006   8.321   -0.426  1.00 17.06 ? 15  ILE A O   1 
ATOM   107 C CB  . ILE A 1 15 ? 2.967   7.276   -3.371  1.00 20.96 ? 15  ILE A CB  1 
ATOM   108 C CG1 . ILE A 1 15 ? 1.918   8.269   -2.858  1.00 23.42 ? 15  ILE A CG1 1 
ATOM   109 C CG2 . ILE A 1 15 ? 2.452   5.878   -3.114  1.00 19.52 ? 15  ILE A CG2 1 
ATOM   110 C CD1 . ILE A 1 15 ? 2.323   9.734   -2.957  1.00 26.71 ? 15  ILE A CD1 1 
ATOM   111 N N   . ALA A 1 16 ? 4.410   6.126   -0.657  1.00 16.08 ? 16  ALA A N   1 
ATOM   112 C CA  . ALA A 1 16 ? 4.288   5.888   0.775   1.00 16.32 ? 16  ALA A CA  1 
ATOM   113 C C   . ALA A 1 16 ? 5.358   6.645   1.544   1.00 17.40 ? 16  ALA A C   1 
ATOM   114 O O   . ALA A 1 16 ? 5.068   7.291   2.559   1.00 16.84 ? 16  ALA A O   1 
ATOM   115 C CB  . ALA A 1 16 ? 4.374   4.393   1.080   1.00 18.78 ? 16  ALA A CB  1 
ATOM   116 N N   . ARG A 1 17 ? 6.600   6.589   1.069   1.00 17.93 ? 17  ARG A N   1 
ATOM   117 C CA  . ARG A 1 17 ? 7.668   7.285   1.769   1.00 19.74 ? 17  ARG A CA  1 
ATOM   118 C C   . ARG A 1 17 ? 7.545   8.796   1.628   1.00 16.75 ? 17  ARG A C   1 
ATOM   119 O O   . ARG A 1 17 ? 7.881   9.531   2.565   1.00 19.54 ? 17  ARG A O   1 
ATOM   120 C CB  . ARG A 1 17 ? 9.028   6.738   1.330   1.00 20.94 ? 17  ARG A CB  1 
ATOM   121 C CG  . ARG A 1 17 ? 9.196   5.305   1.821   1.00 20.58 ? 17  ARG A CG  1 
ATOM   122 C CD  . ARG A 1 17 ? 10.454  4.601   1.365   1.00 20.58 ? 17  ARG A CD  1 
ATOM   123 N NE  . ARG A 1 17 ? 10.585  3.345   2.104   1.00 26.06 ? 17  ARG A NE  1 
ATOM   124 C CZ  . ARG A 1 17 ? 11.008  2.195   1.596   1.00 22.60 ? 17  ARG A CZ  1 
ATOM   125 N NH1 . ARG A 1 17 ? 11.377  2.110   0.324   1.00 23.86 ? 17  ARG A NH1 1 
ATOM   126 N NH2 . ARG A 1 17 ? 11.074  1.123   2.373   1.00 29.10 ? 17  ARG A NH2 1 
ATOM   127 N N   . GLU A 1 18 ? 7.042   9.280   0.489   1.00 17.39 ? 18  GLU A N   1 
ATOM   128 C CA  . GLU A 1 18 ? 6.759   10.708  0.368   1.00 21.22 ? 18  GLU A CA  1 
ATOM   129 C C   . GLU A 1 18 ? 5.696   11.145  1.368   1.00 17.57 ? 18  GLU A C   1 
ATOM   130 O O   . GLU A 1 18 ? 5.842   12.182  2.028   1.00 16.79 ? 18  GLU A O   1 
ATOM   131 C CB  . GLU A 1 18 ? 6.318   11.041  -1.052  1.00 19.43 ? 18  GLU A CB  1 
ATOM   132 C CG  . GLU A 1 18 ? 7.456   11.076  -2.060  1.00 26.87 ? 18  GLU A CG  1 
ATOM   133 C CD  . GLU A 1 18 ? 6.957   11.205  -3.485  1.00 38.85 ? 18  GLU A CD  1 
ATOM   134 O OE1 . GLU A 1 18 ? 5.726   11.259  -3.683  1.00 41.57 ? 18  GLU A OE1 1 
ATOM   135 O OE2 . GLU A 1 18 ? 7.800   11.259  -4.406  1.00 43.88 ? 18  GLU A OE2 1 
ATOM   136 N N   . VAL A 1 19 ? 4.632   10.357  1.513   1.00 16.47 ? 19  VAL A N   1 
ATOM   137 C CA  . VAL A 1 19 ? 3.564   10.706  2.444   1.00 15.05 ? 19  VAL A CA  1 
ATOM   138 C C   . VAL A 1 19 ? 4.080   10.716  3.874   1.00 16.90 ? 19  VAL A C   1 
ATOM   139 O O   . VAL A 1 19 ? 3.768   11.622  4.648   1.00 16.67 ? 19  VAL A O   1 
ATOM   140 C CB  . VAL A 1 19 ? 2.372   9.751   2.259   1.00 17.49 ? 19  VAL A CB  1 
ATOM   141 C CG1 . VAL A 1 19 ? 1.452   9.780   3.478   1.00 20.36 ? 19  VAL A CG1 1 
ATOM   142 C CG2 . VAL A 1 19 ? 1.617   10.113  1.002   1.00 15.52 ? 19  VAL A CG2 1 
ATOM   143 N N   . LEU A 1 20 ? 4.907   9.735   4.243   1.00 15.80 ? 20  LEU A N   1 
ATOM   144 C CA  . LEU A 1 20 ? 5.447   9.709   5.594   1.00 19.13 ? 20  LEU A CA  1 
ATOM   145 C C   . LEU A 1 20 ? 6.178   10.998  5.890   1.00 21.64 ? 20  LEU A C   1 
ATOM   146 O O   . LEU A 1 20 ? 6.039   11.572  6.979   1.00 26.51 ? 20  LEU A O   1 
ATOM   147 C CB  . LEU A 1 20 ? 6.417   8.540   5.738   1.00 21.21 ? 20  LEU A CB  1 
ATOM   148 C CG  . LEU A 1 20 ? 5.747   7.233   6.106   1.00 19.42 ? 20  LEU A CG  1 
ATOM   149 C CD1 . LEU A 1 20 ? 6.803   6.145   6.164   1.00 21.33 ? 20  LEU A CD1 1 
ATOM   150 C CD2 . LEU A 1 20 ? 5.024   7.377   7.437   1.00 19.43 ? 20  LEU A CD2 1 
ATOM   151 N N   . GLU A 1 21 ? 6.936   11.486  4.932   1.00 17.92 ? 21  GLU A N   1 
ATOM   152 C CA  . GLU A 1 21 ? 7.731   12.714  5.146   1.00 21.12 ? 21  GLU A CA  1 
ATOM   153 C C   . GLU A 1 21 ? 6.854   13.970  5.087   1.00 17.35 ? 21  GLU A C   1 
ATOM   154 O O   . GLU A 1 21 ? 7.119   14.891  5.829   1.00 20.31 ? 21  GLU A O   1 
ATOM   155 C CB  . GLU A 1 21 ? 8.868   12.737  4.123   1.00 25.27 ? 21  GLU A CB  1 
ATOM   156 N N   . ASN A 1 22 ? 5.804   13.961  4.274   1.00 17.26 ? 22  ASN A N   1 
ATOM   157 C CA  . ASN A 1 22 ? 5.008   15.188  4.031   1.00 18.32 ? 22  ASN A CA  1 
ATOM   158 C C   . ASN A 1 22 ? 3.788   15.336  4.940   1.00 16.27 ? 22  ASN A C   1 
ATOM   159 O O   . ASN A 1 22 ? 3.230   16.410  4.945   1.00 17.92 ? 22  ASN A O   1 
ATOM   160 C CB  . ASN A 1 22 ? 4.581   15.256  2.573   1.00 20.73 ? 22  ASN A CB  1 
ATOM   161 C CG  . ASN A 1 22 ? 5.765   15.388  1.647   1.00 28.19 ? 22  ASN A CG  1 
ATOM   162 O OD1 . ASN A 1 22 ? 6.842   15.756  2.071   1.00 30.30 ? 22  ASN A OD1 1 
ATOM   163 N ND2 . ASN A 1 22 ? 5.577   15.057  0.393   1.00 27.98 ? 22  ASN A ND2 1 
ATOM   164 N N   . TYR A 1 23 ? 3.435   14.331  5.739   1.00 14.30 ? 23  TYR A N   1 
ATOM   165 C CA  . TYR A 1 23 ? 2.212   14.421  6.580   1.00 13.23 ? 23  TYR A CA  1 
ATOM   166 C C   . TYR A 1 23 ? 2.524   14.126  8.039   1.00 14.78 ? 23  TYR A C   1 
ATOM   167 O O   . TYR A 1 23 ? 1.902   13.279  8.624   1.00 15.21 ? 23  TYR A O   1 
ATOM   168 C CB  . TYR A 1 23 ? 1.114   13.507  6.023   1.00 15.56 ? 23  TYR A CB  1 
ATOM   169 C CG  . TYR A 1 23 ? 0.581   14.028  4.724   1.00 17.00 ? 23  TYR A CG  1 
ATOM   170 C CD1 . TYR A 1 23 ? 1.193   13.729  3.522   1.00 17.88 ? 23  TYR A CD1 1 
ATOM   171 C CD2 . TYR A 1 23 ? -0.513  14.863  4.704   1.00 16.86 ? 23  TYR A CD2 1 
ATOM   172 C CE1 . TYR A 1 23 ? 0.751   14.269  2.338   1.00 17.66 ? 23  TYR A CE1 1 
ATOM   173 C CE2 . TYR A 1 23 ? -0.982  15.395  3.523   1.00 21.57 ? 23  TYR A CE2 1 
ATOM   174 C CZ  . TYR A 1 23 ? -0.347  15.096  2.346   1.00 19.46 ? 23  TYR A CZ  1 
ATOM   175 O OH  . TYR A 1 23 ? -0.798  15.605  1.184   1.00 29.37 ? 23  TYR A OH  1 
ATOM   176 N N   . PRO A 1 24 ? 3.418   14.900  8.699   1.00 14.36 ? 24  PRO A N   1 
ATOM   177 C CA  . PRO A 1 24 ? 3.765   14.640  10.078  1.00 14.66 ? 24  PRO A CA  1 
ATOM   178 C C   . PRO A 1 24 ? 2.609   14.779  11.083  1.00 16.86 ? 24  PRO A C   1 
ATOM   179 O O   . PRO A 1 24 ? 2.679   14.161  12.085  1.00 18.46 ? 24  PRO A O   1 
ATOM   180 C CB  . PRO A 1 24 ? 4.879   15.664  10.371  1.00 18.14 ? 24  PRO A CB  1 
ATOM   181 C CG  . PRO A 1 24 ? 4.606   16.778  9.409   1.00 16.73 ? 24  PRO A CG  1 
ATOM   182 C CD  . PRO A 1 24 ? 4.119   16.063  8.179   1.00 16.10 ? 24  PRO A CD  1 
ATOM   183 N N   . LEU A 1 25 ? 1.599   15.590  10.758  1.00 15.05 ? 25  LEU A N   1 
ATOM   184 C CA  . LEU A 1 25 ? 0.469   15.816  11.687  1.00 14.94 ? 25  LEU A CA  1 
ATOM   185 C C   . LEU A 1 25 ? -0.823  15.201  11.138  1.00 16.13 ? 25  LEU A C   1 
ATOM   186 O O   . LEU A 1 25 ? -1.863  15.594  11.580  1.00 16.73 ? 25  LEU A O   1 
ATOM   187 C CB  . LEU A 1 25 ? 0.319   17.323  11.908  1.00 17.34 ? 25  LEU A CB  1 
ATOM   188 C CG  . LEU A 1 25 ? 1.567   18.014  12.452  1.00 18.08 ? 25  LEU A CG  1 
ATOM   189 C CD1 . LEU A 1 25 ? 1.295   19.479  12.703  1.00 20.02 ? 25  LEU A CD1 1 
ATOM   190 C CD2 . LEU A 1 25 ? 2.013   17.330  13.723  1.00 20.61 ? 25  LEU A CD2 1 
ATOM   191 N N   . THR A 1 26 ? -0.724  14.238  10.226  1.00 15.54 ? 26  THR A N   1 
ATOM   192 C CA  . THR A 1 26 ? -1.946  13.590  9.685   1.00 15.94 ? 26  THR A CA  1 
ATOM   193 C C   . THR A 1 26 ? -1.827  12.076  9.874   1.00 13.93 ? 26  THR A C   1 
ATOM   194 O O   . THR A 1 26 ? -1.445  11.396  8.931   1.00 14.28 ? 26  THR A O   1 
ATOM   195 C CB  . THR A 1 26 ? -2.208  13.972  8.229   1.00 13.94 ? 26  THR A CB  1 
ATOM   196 O OG1 . THR A 1 26 ? -2.147  15.385  8.074   1.00 16.83 ? 26  THR A OG1 1 
ATOM   197 C CG2 . THR A 1 26 ? -3.568  13.509  7.759   1.00 15.97 ? 26  THR A CG2 1 
ATOM   198 N N   . PRO A 1 27 ? -2.137  11.551  11.066  1.00 13.88 ? 27  PRO A N   1 
ATOM   199 C CA  . PRO A 1 27 ? -1.971  10.139  11.358  1.00 17.67 ? 27  PRO A CA  1 
ATOM   200 C C   . PRO A 1 27 ? -2.564  9.136   10.366  1.00 15.39 ? 27  PRO A C   1 
ATOM   201 O O   . PRO A 1 27 ? -1.900  8.196   10.076  1.00 15.71 ? 27  PRO A O   1 
ATOM   202 C CB  . PRO A 1 27 ? -2.533  9.958   12.763  1.00 15.73 ? 27  PRO A CB  1 
ATOM   203 C CG  . PRO A 1 27 ? -2.312  11.308  13.391  1.00 15.02 ? 27  PRO A CG  1 
ATOM   204 C CD  . PRO A 1 27 ? -2.551  12.287  12.253  1.00 16.12 ? 27  PRO A CD  1 
ATOM   205 N N   . VAL A 1 28 ? -3.757  9.383   9.848   1.00 14.52 ? 28  VAL A N   1 
ATOM   206 C CA  . VAL A 1 28 ? -4.349  8.401   8.895   1.00 13.85 ? 28  VAL A CA  1 
ATOM   207 C C   . VAL A 1 28 ? -3.476  8.269   7.638   1.00 14.23 ? 28  VAL A C   1 
ATOM   208 O O   . VAL A 1 28 ? -3.348  7.175   7.142   1.00 14.05 ? 28  VAL A O   1 
ATOM   209 C CB  . VAL A 1 28 ? -5.829  8.699   8.590   1.00 16.02 ? 28  VAL A CB  1 
ATOM   210 C CG1 . VAL A 1 28 ? -6.022  9.933   7.722   1.00 15.49 ? 28  VAL A CG1 1 
ATOM   211 C CG2 . VAL A 1 28 ? -6.504  7.471   7.990   1.00 17.86 ? 28  VAL A CG2 1 
ATOM   212 N N   . MET A 1 29 ? -2.890  9.354   7.154   1.00 15.28 ? 29  MET A N   1 
ATOM   213 C CA  . MET A 1 29 ? -2.006  9.288   5.969   1.00 15.80 ? 29  MET A CA  1 
ATOM   214 C C   . MET A 1 29 ? -0.754  8.472   6.304   1.00 13.28 ? 29  MET A C   1 
ATOM   215 O O   . MET A 1 29 ? -0.364  7.677   5.474   1.00 14.13 ? 29  MET A O   1 
ATOM   216 C CB  . MET A 1 29 ? -1.599  10.687  5.507   1.00 14.43 ? 29  MET A CB  1 
ATOM   217 C CG  . MET A 1 29 ? -2.765  11.511  5.021   1.00 17.40 ? 29  MET A CG  1 
ATOM   218 S SD  . MET A 1 29 ? -3.352  11.001  3.386   1.00 17.43 ? 29  MET A SD  1 
ATOM   219 C CE  . MET A 1 29 ? -2.112  11.752  2.334   1.00 19.07 ? 29  MET A CE  1 
ATOM   220 N N   . ARG A 1 30 ? -0.162  8.692   7.477   1.00 13.60 ? 30  ARG A N   1 
ATOM   221 C CA  . ARG A 1 30 ? 1.083   7.965   7.847   1.00 13.33 ? 30  ARG A CA  1 
ATOM   222 C C   . ARG A 1 30 ? 0.769   6.487   8.083   1.00 14.84 ? 30  ARG A C   1 
ATOM   223 O O   . ARG A 1 30 ? 1.565   5.672   7.694   1.00 14.16 ? 30  ARG A O   1 
ATOM   224 C CB  . ARG A 1 30 ? 1.732   8.620   9.067   1.00 15.09 ? 30  ARG A CB  1 
ATOM   225 C CG  . ARG A 1 30 ? 2.208   10.033  8.776   1.00 17.50 ? 30  ARG A CG  1 
ATOM   226 C CD  . ARG A 1 30 ? 3.344   10.542  9.649   1.00 19.46 ? 30  ARG A CD  1 
ATOM   227 N NE  . ARG A 1 30 ? 3.036   10.448  11.054  1.00 18.28 ? 30  ARG A NE  1 
ATOM   228 C CZ  . ARG A 1 30 ? 3.773   10.961  12.021  1.00 16.85 ? 30  ARG A CZ  1 
ATOM   229 N NH1 . ARG A 1 30 ? 4.889   11.595  11.731  1.00 17.97 ? 30  ARG A NH1 1 
ATOM   230 N NH2 . ARG A 1 30 ? 3.386   10.828  13.270  1.00 21.04 ? 30  ARG A NH2 1 
ATOM   231 N N   . ALA A 1 31 ? -0.380  6.189   8.665   1.00 15.88 ? 31  ALA A N   1 
ATOM   232 C CA  . ALA A 1 31 ? -0.766  4.787   8.922   1.00 16.28 ? 31  ALA A CA  1 
ATOM   233 C C   . ALA A 1 31 ? -0.919  4.064   7.586   1.00 14.86 ? 31  ALA A C   1 
ATOM   234 O O   . ALA A 1 31 ? -0.447  2.947   7.475   1.00 14.92 ? 31  ALA A O   1 
ATOM   235 C CB  . ALA A 1 31 ? -2.030  4.728   9.733   1.00 16.70 ? 31  ALA A CB  1 
ATOM   236 N N   . ALA A 1 32 ? -1.568  4.710   6.629   1.00 13.52 ? 32  ALA A N   1 
ATOM   237 C CA  . ALA A 1 32 ? -1.731  4.116   5.286   1.00 12.91 ? 32  ALA A CA  1 
ATOM   238 C C   . ALA A 1 32 ? -0.351  3.884   4.663   1.00 12.81 ? 32  ALA A C   1 
ATOM   239 O O   . ALA A 1 32 ? -0.103  2.802   4.187   1.00 13.34 ? 32  ALA A O   1 
ATOM   240 C CB  . ALA A 1 32 ? -2.593  5.000   4.433   1.00 14.06 ? 32  ALA A CB  1 
ATOM   241 N N   . ALA A 1 33 ? 0.510   4.881   4.723   1.00 13.00 ? 33  ALA A N   1 
ATOM   242 C CA  . ALA A 1 33 ? 1.859   4.757   4.143   1.00 13.29 ? 33  ALA A CA  1 
ATOM   243 C C   . ALA A 1 33 ? 2.639   3.595   4.786   1.00 15.85 ? 33  ALA A C   1 
ATOM   244 O O   . ALA A 1 33 ? 3.219   2.842   4.050   1.00 14.82 ? 33  ALA A O   1 
ATOM   245 C CB  . ALA A 1 33 ? 2.570   6.072   4.262   1.00 13.78 ? 33  ALA A CB  1 
ATOM   246 N N   . ARG A 1 34 ? 2.642   3.466   6.110   1.00 14.34 ? 34  ARG A N   1 
ATOM   247 C CA  . ARG A 1 34 ? 3.399   2.376   6.792   1.00 16.74 ? 34  ARG A CA  1 
ATOM   248 C C   . ARG A 1 34 ? 2.838   1.008   6.404   1.00 14.72 ? 34  ARG A C   1 
ATOM   249 O O   . ARG A 1 34 ? 3.618   0.095   6.215   1.00 14.57 ? 34  ARG A O   1 
ATOM   250 C CB  . ARG A 1 34 ? 3.362   2.557   8.306   1.00 16.86 ? 34  ARG A CB  1 
ATOM   251 C CG  . ARG A 1 34 ? 4.146   3.769   8.770   1.00 20.12 ? 34  ARG A CG  1 
ATOM   252 C CD  . ARG A 1 34 ? 4.358   3.720   10.257  1.00 25.22 ? 34  ARG A CD  1 
ATOM   253 N NE  . ARG A 1 34 ? 4.563   5.060   10.772  1.00 28.79 ? 34  ARG A NE  1 
ATOM   254 C CZ  . ARG A 1 34 ? 3.612   5.849   11.259  1.00 27.41 ? 34  ARG A CZ  1 
ATOM   255 N NH1 . ARG A 1 34 ? 2.353   5.447   11.325  1.00 26.36 ? 34  ARG A NH1 1 
ATOM   256 N NH2 . ARG A 1 34 ? 3.943   7.051   11.681  1.00 30.21 ? 34  ARG A NH2 1 
ATOM   257 N N   . ALA A 1 35 ? 1.524   0.899   6.305   1.00 14.34 ? 35  ALA A N   1 
ATOM   258 C CA  . ALA A 1 35 ? 0.912   -0.388  5.929   1.00 15.43 ? 35  ALA A CA  1 
ATOM   259 C C   . ALA A 1 35 ? 1.296   -0.734  4.489   1.00 14.59 ? 35  ALA A C   1 
ATOM   260 O O   . ALA A 1 35 ? 1.590   -1.891  4.244   1.00 14.29 ? 35  ALA A O   1 
ATOM   261 C CB  . ALA A 1 35 ? -0.577  -0.310  6.124   1.00 14.77 ? 35  ALA A CB  1 
ATOM   262 N N   . ILE A 1 36 ? 1.320   0.246   3.598   1.00 12.79 ? 36  ILE A N   1 
ATOM   263 C CA  . ILE A 1 36 ? 1.719   0.010   2.179   1.00 15.46 ? 36  ILE A CA  1 
ATOM   264 C C   . ILE A 1 36 ? 3.182   -0.447  2.117   1.00 13.88 ? 36  ILE A C   1 
ATOM   265 O O   . ILE A 1 36 ? 3.474   -1.379  1.404   1.00 15.61 ? 36  ILE A O   1 
ATOM   266 C CB  . ILE A 1 36 ? 1.478   1.257   1.310   1.00 13.63 ? 36  ILE A CB  1 
ATOM   267 C CG1 . ILE A 1 36 ? -0.016  1.513   1.118   1.00 13.22 ? 36  ILE A CG1 1 
ATOM   268 C CG2 . ILE A 1 36 ? 2.222   1.138   -0.005  1.00 14.83 ? 36  ILE A CG2 1 
ATOM   269 C CD1 . ILE A 1 36 ? -0.344  2.892   0.621   1.00 17.32 ? 36  ILE A CD1 1 
ATOM   270 N N   . ILE A 1 37 ? 4.058   0.165   2.899   1.00 13.99 ? 37  ILE A N   1 
ATOM   271 C CA  . ILE A 1 37 ? 5.489   -0.234  2.822   1.00 15.66 ? 37  ILE A CA  1 
ATOM   272 C C   . ILE A 1 37 ? 5.638   -1.686  3.289   1.00 15.95 ? 37  ILE A C   1 
ATOM   273 O O   . ILE A 1 37 ? 6.364   -2.427  2.631   1.00 15.52 ? 37  ILE A O   1 
ATOM   274 C CB  . ILE A 1 37 ? 6.352   0.750   3.617   1.00 16.80 ? 37  ILE A CB  1 
ATOM   275 C CG1 . ILE A 1 37 ? 6.336   2.137   2.975   1.00 15.14 ? 37  ILE A CG1 1 
ATOM   276 C CG2 . ILE A 1 37 ? 7.753   0.194   3.747   1.00 17.71 ? 37  ILE A CG2 1 
ATOM   277 C CD1 . ILE A 1 37 ? 6.656   3.240   3.933   1.00 19.54 ? 37  ILE A CD1 1 
ATOM   278 N N   . GLU A 1 38 ? 4.942   -2.076  4.344   1.00 15.10 ? 38  GLU A N   1 
ATOM   279 C CA  . GLU A 1 38 ? 5.035   -3.472  4.827   1.00 15.45 ? 38  GLU A CA  1 
ATOM   280 C C   . GLU A 1 38 ? 4.406   -4.400  3.780   1.00 14.10 ? 38  GLU A C   1 
ATOM   281 O O   . GLU A 1 38 ? 4.935   -5.459  3.547   1.00 16.00 ? 38  GLU A O   1 
ATOM   282 C CB  . GLU A 1 38 ? 4.404   -3.598  6.207   1.00 18.45 ? 38  GLU A CB  1 
ATOM   283 C CG  . GLU A 1 38 ? 4.718   -4.918  6.889   1.00 29.79 ? 38  GLU A CG  1 
ATOM   284 C CD  . GLU A 1 38 ? 6.181   -5.339  7.010   1.00 46.97 ? 38  GLU A CD  1 
ATOM   285 O OE1 . GLU A 1 38 ? 6.437   -6.541  6.923   1.00 50.93 ? 38  GLU A OE1 1 
ATOM   286 O OE2 . GLU A 1 38 ? 7.050   -4.478  7.176   1.00 52.72 ? 38  GLU A OE2 1 
ATOM   287 N N   . ALA A 1 39 ? 3.306   -3.986  3.176   1.00 14.60 ? 39  ALA A N   1 
ATOM   288 C CA  . ALA A 1 39 ? 2.624   -4.825  2.168   1.00 14.16 ? 39  ALA A CA  1 
ATOM   289 C C   . ALA A 1 39 ? 3.490   -5.012  0.916   1.00 15.78 ? 39  ALA A C   1 
ATOM   290 O O   . ALA A 1 39 ? 3.435   -6.067  0.357   1.00 13.57 ? 39  ALA A O   1 
ATOM   291 C CB  . ALA A 1 39 ? 1.290   -4.213  1.831   1.00 12.99 ? 39  ALA A CB  1 
ATOM   292 N N   . VAL A 1 40 ? 4.267   -4.015  0.531   1.00 14.24 ? 40  VAL A N   1 
ATOM   293 C CA  . VAL A 1 40 ? 5.174   -4.151  -0.648  1.00 14.33 ? 40  VAL A CA  1 
ATOM   294 C C   . VAL A 1 40 ? 6.223   -5.212  -0.327  1.00 14.81 ? 40  VAL A C   1 
ATOM   295 O O   . VAL A 1 40 ? 6.529   -5.985  -1.191  1.00 14.88 ? 40  VAL A O   1 
ATOM   296 C CB  . VAL A 1 40 ? 5.835   -2.815  -1.020  1.00 13.46 ? 40  VAL A CB  1 
ATOM   297 C CG1 . VAL A 1 40 ? 6.935   -3.020  -2.046  1.00 16.82 ? 40  VAL A CG1 1 
ATOM   298 C CG2 . VAL A 1 40 ? 4.806   -1.826  -1.539  1.00 14.47 ? 40  VAL A CG2 1 
ATOM   299 N N   . LYS A 1 41 ? 6.736   -5.213  0.898   1.00 13.85 ? 41  LYS A N   1 
ATOM   300 C CA  . LYS A 1 41 ? 7.722   -6.240  1.315   1.00 14.74 ? 41  LYS A CA  1 
ATOM   301 C C   . LYS A 1 41 ? 7.080   -7.623  1.179   1.00 12.90 ? 41  LYS A C   1 
ATOM   302 O O   . LYS A 1 41 ? 7.711   -8.516  0.676   1.00 14.97 ? 41  LYS A O   1 
ATOM   303 C CB  . LYS A 1 41 ? 8.195   -5.966  2.742   1.00 17.12 ? 41  LYS A CB  1 
ATOM   304 C CG  . LYS A 1 41 ? 9.257   -6.919  3.257   1.00 16.68 ? 41  LYS A CG  1 
ATOM   305 C CD  . LYS A 1 41 ? 9.740   -6.493  4.601   1.00 23.61 ? 41  LYS A CD  1 
ATOM   306 C CE  . LYS A 1 41 ? 10.829  -7.396  5.131   1.00 27.59 ? 41  LYS A CE  1 
ATOM   307 N NZ  . LYS A 1 41 ? 11.293  -6.950  6.463   1.00 32.14 ? 41  LYS A NZ  1 
ATOM   308 N N   . MET A 1 42 ? 5.831   -7.775  1.603   1.00 14.74 ? 42  MET A N   1 
ATOM   309 C CA  . MET A 1 42 ? 5.143   -9.082  1.483   1.00 16.74 ? 42  MET A CA  1 
ATOM   310 C C   . MET A 1 42 ? 4.916   -9.439  0.005   1.00 15.04 ? 42  MET A C   1 
ATOM   311 O O   . MET A 1 42 ? 5.129   -10.589 -0.362  1.00 15.92 ? 42  MET A O   1 
ATOM   312 C CB  . MET A 1 42 ? 3.824   -9.070  2.255   1.00 16.76 ? 42  MET A CB  1 
ATOM   313 C CG  . MET A 1 42 ? 4.045   -8.903  3.738   1.00 17.62 ? 42  MET A CG  1 
ATOM   314 S SD  . MET A 1 42 ? 5.052   -10.215 4.454   1.00 26.45 ? 42  MET A SD  1 
ATOM   315 C CE  . MET A 1 42 ? 6.657   -9.439  4.576   1.00 31.91 ? 42  MET A CE  1 
ATOM   316 N N   . ALA A 1 43 ? 4.541   -8.470  -0.816  1.00 13.38 ? 43  ALA A N   1 
ATOM   317 C CA  . ALA A 1 43 ? 4.327   -8.727  -2.247  1.00 15.36 ? 43  ALA A CA  1 
ATOM   318 C C   . ALA A 1 43 ? 5.622   -9.249  -2.879  1.00 13.47 ? 43  ALA A C   1 
ATOM   319 O O   . ALA A 1 43 ? 5.571   -10.202 -3.639  1.00 14.17 ? 43  ALA A O   1 
ATOM   320 C CB  . ALA A 1 43 ? 3.835   -7.475  -2.915  1.00 16.78 ? 43  ALA A CB  1 
ATOM   321 N N   . LYS A 1 44 ? 6.752   -8.650  -2.544  1.00 13.37 ? 44  LYS A N   1 
ATOM   322 C CA  . LYS A 1 44 ? 8.042   -9.083  -3.119  1.00 14.28 ? 44  LYS A CA  1 
ATOM   323 C C   . LYS A 1 44 ? 8.485   -10.420 -2.526  1.00 13.38 ? 44  LYS A C   1 
ATOM   324 O O   . LYS A 1 44 ? 9.242   -11.106 -3.180  1.00 16.54 ? 44  LYS A O   1 
ATOM   325 C CB  . LYS A 1 44 ? 9.070   -7.997  -2.833  1.00 16.77 ? 44  LYS A CB  1 
ATOM   326 C CG  . LYS A 1 44 ? 8.800   -6.721  -3.588  1.00 16.98 ? 44  LYS A CG  1 
ATOM   327 C CD  . LYS A 1 44 ? 9.804   -5.659  -3.269  1.00 22.11 ? 44  LYS A CD  1 
ATOM   328 C CE  . LYS A 1 44 ? 10.170  -4.865  -4.490  1.00 30.05 ? 44  LYS A CE  1 
ATOM   329 N NZ  . LYS A 1 44 ? 11.381  -4.058  -4.250  1.00 26.62 ? 44  LYS A NZ  1 
ATOM   330 N N   . LYS A 1 45 ? 8.034   -10.750 -1.330  1.00 15.72 ? 45  LYS A N   1 
ATOM   331 C CA  . LYS A 1 45 ? 8.416   -12.032 -0.707  1.00 15.27 ? 45  LYS A CA  1 
ATOM   332 C C   . LYS A 1 45 ? 7.648   -13.184 -1.360  1.00 18.78 ? 45  LYS A C   1 
ATOM   333 O O   . LYS A 1 45 ? 8.263   -14.175 -1.658  1.00 17.55 ? 45  LYS A O   1 
ATOM   334 C CB  . LYS A 1 45 ? 8.119   -11.992 0.793   1.00 21.60 ? 45  LYS A CB  1 
ATOM   335 C CG  . LYS A 1 45 ? 8.366   -13.296 1.530   1.00 23.40 ? 45  LYS A CG  1 
ATOM   336 C CD  . LYS A 1 45 ? 8.262   -13.137 3.016   1.00 25.75 ? 45  LYS A CD  1 
ATOM   337 C CE  . LYS A 1 45 ? 8.554   -14.417 3.756   1.00 34.45 ? 45  LYS A CE  1 
ATOM   338 N NZ  . LYS A 1 45 ? 9.876   -14.971 3.398   1.00 39.58 ? 45  LYS A NZ  1 
ATOM   339 N N   . TYR A 1 46 ? 6.358   -12.997 -1.612  1.00 17.83 ? 46  TYR A N   1 
ATOM   340 C CA  . TYR A 1 46 ? 5.484   -14.108 -2.070  1.00 17.66 ? 46  TYR A CA  1 
ATOM   341 C C   . TYR A 1 46 ? 5.184   -14.055 -3.570  1.00 20.49 ? 46  TYR A C   1 
ATOM   342 O O   . TYR A 1 46 ? 5.096   -15.109 -4.163  1.00 18.25 ? 46  TYR A O   1 
ATOM   343 C CB  . TYR A 1 46 ? 4.224   -14.144 -1.209  1.00 18.52 ? 46  TYR A CB  1 
ATOM   344 C CG  . TYR A 1 46 ? 4.462   -14.437 0.245   1.00 20.32 ? 46  TYR A CG  1 
ATOM   345 C CD1 . TYR A 1 46 ? 4.808   -15.706 0.670   1.00 26.28 ? 46  TYR A CD1 1 
ATOM   346 C CD2 . TYR A 1 46 ? 4.353   -13.454 1.210   1.00 21.87 ? 46  TYR A CD2 1 
ATOM   347 C CE1 . TYR A 1 46 ? 5.033   -15.988 2.002   1.00 30.09 ? 46  TYR A CE1 1 
ATOM   348 C CE2 . TYR A 1 46 ? 4.577   -13.724 2.546   1.00 27.51 ? 46  TYR A CE2 1 
ATOM   349 C CZ  . TYR A 1 46 ? 4.923   -14.998 2.947   1.00 28.96 ? 46  TYR A CZ  1 
ATOM   350 O OH  . TYR A 1 46 ? 5.154   -15.317 4.251   1.00 33.48 ? 46  TYR A OH  1 
ATOM   351 N N   . GLY A 1 47 ? 4.975   -12.876 -4.141  1.00 17.44 ? 47  GLY A N   1 
ATOM   352 C CA  . GLY A 1 47 ? 4.714   -12.739 -5.583  1.00 16.82 ? 47  GLY A CA  1 
ATOM   353 C C   . GLY A 1 47 ? 3.282   -13.033 -6.014  1.00 18.25 ? 47  GLY A C   1 
ATOM   354 O O   . GLY A 1 47 ? 3.041   -12.920 -7.170  1.00 21.23 ? 47  GLY A O   1 
ATOM   355 N N   . ASP A 1 48 ? 2.385   -13.366 -5.099  1.00 16.89 ? 48  ASP A N   1 
ATOM   356 C CA  . ASP A 1 48 ? 0.976   -13.678 -5.463  1.00 17.83 ? 48  ASP A CA  1 
ATOM   357 C C   . ASP A 1 48 ? 0.331   -12.472 -6.154  1.00 17.23 ? 48  ASP A C   1 
ATOM   358 O O   . ASP A 1 48 ? 0.362   -11.403 -5.605  1.00 17.23 ? 48  ASP A O   1 
ATOM   359 C CB  . ASP A 1 48 ? 0.173   -14.108 -4.240  1.00 22.15 ? 48  ASP A CB  1 
ATOM   360 C CG  . ASP A 1 48 ? 0.683   -15.397 -3.632  1.00 26.20 ? 48  ASP A CG  1 
ATOM   361 O OD1 . ASP A 1 48 ? 1.751   -15.369 -3.069  1.00 24.10 ? 48  ASP A OD1 1 
ATOM   362 O OD2 . ASP A 1 48 ? -0.003  -16.409 -3.754  1.00 27.10 ? 48  ASP A OD2 1 
ATOM   363 N N   . GLU A 1 49 ? -0.279  -12.688 -7.309  1.00 18.46 ? 49  GLU A N   1 
ATOM   364 C CA  . GLU A 1 49 ? -0.851  -11.569 -8.086  1.00 18.02 ? 49  GLU A CA  1 
ATOM   365 C C   . GLU A 1 49 ? -1.933  -10.820 -7.301  1.00 16.23 ? 49  GLU A C   1 
ATOM   366 O O   . GLU A 1 49 ? -1.961  -9.627  -7.413  1.00 16.78 ? 49  GLU A O   1 
ATOM   367 C CB  . GLU A 1 49 ? -1.381  -12.079 -9.419  1.00 19.99 ? 49  GLU A CB  1 
ATOM   368 C CG  . GLU A 1 49 ? -1.861  -10.952 -10.270 1.00 23.09 ? 49  GLU A CG  1 
ATOM   369 C CD  . GLU A 1 49 ? -2.254  -11.336 -11.674 1.00 27.89 ? 49  GLU A CD  1 
ATOM   370 O OE1 . GLU A 1 49 ? -2.701  -12.447 -11.866 1.00 26.31 ? 49  GLU A OE1 1 
ATOM   371 O OE2 . GLU A 1 49 ? -2.095  -10.502 -12.537 1.00 32.06 ? 49  GLU A OE2 1 
ATOM   372 N N   . GLU A 1 50 ? -2.769  -11.524 -6.542  1.00 16.82 ? 50  GLU A N   1 
ATOM   373 C CA  . GLU A 1 50 ? -3.856  -10.823 -5.804  1.00 14.69 ? 50  GLU A CA  1 
ATOM   374 C C   . GLU A 1 50 ? -3.258  -9.915  -4.725  1.00 15.41 ? 50  GLU A C   1 
ATOM   375 O O   . GLU A 1 50 ? -3.770  -8.838  -4.518  1.00 17.73 ? 50  GLU A O   1 
ATOM   376 C CB  . GLU A 1 50 ? -4.875  -11.813 -5.233  1.00 20.08 ? 50  GLU A CB  1 
ATOM   377 C CG  . GLU A 1 50 ? -6.182  -11.149 -4.827  1.00 23.26 ? 50  GLU A CG  1 
ATOM   378 C CD  . GLU A 1 50 ? -7.189  -10.956 -5.947  1.00 26.84 ? 50  GLU A CD  1 
ATOM   379 O OE1 . GLU A 1 50 ? -6.829  -11.108 -7.107  1.00 22.76 ? 50  GLU A OE1 1 
ATOM   380 O OE2 . GLU A 1 50 ? -8.308  -10.607 -5.623  1.00 24.53 ? 50  GLU A OE2 1 
ATOM   381 N N   . LEU A 1 51 ? -2.225  -10.398 -4.048  1.00 16.68 ? 51  LEU A N   1 
ATOM   382 C CA  . LEU A 1 51 ? -1.522  -9.623  -3.001  1.00 17.01 ? 51  LEU A CA  1 
ATOM   383 C C   . LEU A 1 51 ? -0.951  -8.370  -3.656  1.00 15.85 ? 51  LEU A C   1 
ATOM   384 O O   . LEU A 1 51 ? -1.130  -7.302  -3.126  1.00 15.68 ? 51  LEU A O   1 
ATOM   385 C CB  . LEU A 1 51 ? -0.426  -10.545 -2.453  1.00 17.67 ? 51  LEU A CB  1 
ATOM   386 C CG  . LEU A 1 51 ? 0.638   -9.926  -1.554  1.00 18.57 ? 51  LEU A CG  1 
ATOM   387 C CD1 . LEU A 1 51 ? 0.004   -9.140  -0.430  1.00 23.14 ? 51  LEU A CD1 1 
ATOM   388 C CD2 . LEU A 1 51 ? 1.522   -11.026 -0.976  1.00 18.40 ? 51  LEU A CD2 1 
ATOM   389 N N   . ILE A 1 52 ? -0.302  -8.536  -4.798  1.00 15.72 ? 52  ILE A N   1 
ATOM   390 C CA  . ILE A 1 52 ? 0.295   -7.384  -5.521  1.00 15.67 ? 52  ILE A CA  1 
ATOM   391 C C   . ILE A 1 52 ? -0.801  -6.366  -5.881  1.00 15.15 ? 52  ILE A C   1 
ATOM   392 O O   . ILE A 1 52 ? -0.611  -5.198  -5.658  1.00 14.70 ? 52  ILE A O   1 
ATOM   393 C CB  . ILE A 1 52 ? 1.045   -7.858  -6.780  1.00 16.49 ? 52  ILE A CB  1 
ATOM   394 C CG1 . ILE A 1 52 ? 2.276   -8.707  -6.462  1.00 16.39 ? 52  ILE A CG1 1 
ATOM   395 C CG2 . ILE A 1 52 ? 1.419   -6.676  -7.644  1.00 15.93 ? 52  ILE A CG2 1 
ATOM   396 C CD1 . ILE A 1 52 ? 2.769   -9.475  -7.650  1.00 18.17 ? 52  ILE A CD1 1 
ATOM   397 N N   . LYS A 1 53 ? -1.923  -6.844  -6.395  1.00 15.13 ? 53  LYS A N   1 
ATOM   398 C CA  . LYS A 1 53 ? -3.030  -5.951  -6.810  1.00 15.90 ? 53  LYS A CA  1 
ATOM   399 C C   . LYS A 1 53 ? -3.579  -5.174  -5.614  1.00 13.42 ? 53  LYS A C   1 
ATOM   400 O O   . LYS A 1 53 ? -3.908  -4.036  -5.788  1.00 15.46 ? 53  LYS A O   1 
ATOM   401 C CB  . LYS A 1 53 ? -4.122  -6.772  -7.496  1.00 16.79 ? 53  LYS A CB  1 
ATOM   402 C CG  . LYS A 1 53 ? -3.762  -7.189  -8.904  1.00 18.77 ? 53  LYS A CG  1 
ATOM   403 C CD  . LYS A 1 53 ? -4.753  -8.164  -9.451  1.00 31.29 ? 53  LYS A CD  1 
ATOM   404 C CE  . LYS A 1 53 ? -5.097  -7.883  -10.886 1.00 40.61 ? 53  LYS A CE  1 
ATOM   405 N NZ  . LYS A 1 53 ? -6.532  -8.161  -11.131 1.00 39.04 ? 53  LYS A NZ  1 
ATOM   406 N N   . LEU A 1 54 ? -3.683  -5.806  -4.458  1.00 14.30 ? 54  LEU A N   1 
ATOM   407 C CA  . LEU A 1 54 ? -4.182  -5.117  -3.248  1.00 13.49 ? 54  LEU A CA  1 
ATOM   408 C C   . LEU A 1 54 ? -3.231  -3.978  -2.859  1.00 15.17 ? 54  LEU A C   1 
ATOM   409 O O   . LEU A 1 54 ? -3.693  -2.918  -2.538  1.00 15.77 ? 54  LEU A O   1 
ATOM   410 C CB  . LEU A 1 54 ? -4.314  -6.133  -2.114  1.00 15.81 ? 54  LEU A CB  1 
ATOM   411 C CG  . LEU A 1 54 ? -5.543  -7.032  -2.203  1.00 15.17 ? 54  LEU A CG  1 
ATOM   412 C CD1 . LEU A 1 54 ? -5.468  -8.110  -1.159  1.00 18.58 ? 54  LEU A CD1 1 
ATOM   413 C CD2 . LEU A 1 54 ? -6.832  -6.235  -2.038  1.00 15.68 ? 54  LEU A CD2 1 
ATOM   414 N N   . VAL A 1 55 ? -1.935  -4.220  -2.965  1.00 15.17 ? 55  VAL A N   1 
ATOM   415 C CA  . VAL A 1 55 ? -0.921  -3.192  -2.601  1.00 15.40 ? 55  VAL A CA  1 
ATOM   416 C C   . VAL A 1 55 ? -0.974  -2.045  -3.614  1.00 14.32 ? 55  VAL A C   1 
ATOM   417 O O   . VAL A 1 55 ? -0.925  -0.909  -3.201  1.00 14.54 ? 55  VAL A O   1 
ATOM   418 C CB  . VAL A 1 55 ? 0.479   -3.825  -2.523  1.00 17.60 ? 55  VAL A CB  1 
ATOM   419 C CG1 . VAL A 1 55 ? 1.514   -2.763  -2.221  1.00 21.53 ? 55  VAL A CG1 1 
ATOM   420 C CG2 . VAL A 1 55 ? 0.528   -4.932  -1.499  1.00 21.06 ? 55  VAL A CG2 1 
ATOM   421 N N   . VAL A 1 56 ? -1.053  -2.374  -4.896  1.00 15.12 ? 56  VAL A N   1 
ATOM   422 C CA  . VAL A 1 56 ? -1.094  -1.335  -5.960  1.00 15.29 ? 56  VAL A CA  1 
ATOM   423 C C   . VAL A 1 56 ? -2.339  -0.459  -5.764  1.00 15.57 ? 56  VAL A C   1 
ATOM   424 O O   . VAL A 1 56 ? -2.210  0.730   -5.877  1.00 15.98 ? 56  VAL A O   1 
ATOM   425 C CB  . VAL A 1 56 ? -1.009  -1.957  -7.367  1.00 15.97 ? 56  VAL A CB  1 
ATOM   426 C CG1 . VAL A 1 56 ? -1.242  -0.924  -8.445  1.00 18.51 ? 56  VAL A CG1 1 
ATOM   427 C CG2 . VAL A 1 56 ? 0.329   -2.645  -7.575  1.00 18.74 ? 56  VAL A CG2 1 
ATOM   428 N N   . GLU A 1 57 ? -3.480  -1.071  -5.455  1.00 14.76 ? 57  GLU A N   1 
ATOM   429 C CA  . GLU A 1 57 ? -4.725  -0.294  -5.234  1.00 12.74 ? 57  GLU A CA  1 
ATOM   430 C C   . GLU A 1 57 ? -4.563  0.563   -3.971  1.00 15.45 ? 57  GLU A C   1 
ATOM   431 O O   . GLU A 1 57 ? -4.953  1.715   -4.012  1.00 13.94 ? 57  GLU A O   1 
ATOM   432 C CB  . GLU A 1 57 ? -5.945  -1.215  -5.207  1.00 16.03 ? 57  GLU A CB  1 
ATOM   433 C CG  . GLU A 1 57 ? -7.249  -0.468  -5.014  1.00 14.56 ? 57  GLU A CG  1 
ATOM   434 C CD  . GLU A 1 57 ? -7.562  0.616   -6.025  1.00 19.31 ? 57  GLU A CD  1 
ATOM   435 O OE1 . GLU A 1 57 ? -6.961  0.634   -7.083  1.00 17.94 ? 57  GLU A OE1 1 
ATOM   436 O OE2 . GLU A 1 57 ? -8.386  1.454   -5.707  1.00 17.65 ? 57  GLU A OE2 1 
ATOM   437 N N   . ALA A 1 58 ? -3.996  0.000   -2.909  1.00 13.08 ? 58  ALA A N   1 
ATOM   438 C CA  . ALA A 1 58 ? -3.760  0.802   -1.688  1.00 13.94 ? 58  ALA A CA  1 
ATOM   439 C C   . ALA A 1 58 ? -2.928  2.043   -2.048  1.00 13.05 ? 58  ALA A C   1 
ATOM   440 O O   . ALA A 1 58 ? -3.267  3.131   -1.636  1.00 14.02 ? 58  ALA A O   1 
ATOM   441 C CB  . ALA A 1 58 ? -3.064  -0.043  -0.651  1.00 16.04 ? 58  ALA A CB  1 
ATOM   442 N N   . ALA A 1 59 ? -1.839  1.847   -2.784  1.00 13.72 ? 59  ALA A N   1 
ATOM   443 C CA  . ALA A 1 59 ? -0.973  2.969   -3.190  1.00 15.49 ? 59  ALA A CA  1 
ATOM   444 C C   . ALA A 1 59 ? -1.728  3.952   -4.089  1.00 14.91 ? 59  ALA A C   1 
ATOM   445 O O   . ALA A 1 59 ? -1.517  5.119   -3.948  1.00 15.77 ? 59  ALA A O   1 
ATOM   446 C CB  . ALA A 1 59 ? 0.277   2.433   -3.848  1.00 14.38 ? 59  ALA A CB  1 
ATOM   447 N N   . ARG A 1 60 ? -2.579  3.472   -4.993  1.00 14.47 ? 60  ARG A N   1 
ATOM   448 C CA  . ARG A 1 60 ? -3.341  4.375   -5.890  1.00 15.38 ? 60  ARG A CA  1 
ATOM   449 C C   . ARG A 1 60 ? -4.247  5.273   -5.042  1.00 15.40 ? 60  ARG A C   1 
ATOM   450 O O   . ARG A 1 60 ? -4.324  6.458   -5.304  1.00 16.79 ? 60  ARG A O   1 
ATOM   451 C CB  . ARG A 1 60 ? -4.198  3.555   -6.856  1.00 14.48 ? 60  ARG A CB  1 
ATOM   452 C CG  . ARG A 1 60 ? -4.675  4.353   -8.058  1.00 19.07 ? 60  ARG A CG  1 
ATOM   453 C CD  . ARG A 1 60 ? -5.723  3.618   -8.861  1.00 19.19 ? 60  ARG A CD  1 
ATOM   454 N NE  . ARG A 1 60 ? -6.853  3.374   -7.993  1.00 20.17 ? 60  ARG A NE  1 
ATOM   455 C CZ  . ARG A 1 60 ? -7.757  4.274   -7.658  1.00 26.53 ? 60  ARG A CZ  1 
ATOM   456 N NH1 . ARG A 1 60 ? -7.714  5.492   -8.172  1.00 28.68 ? 60  ARG A NH1 1 
ATOM   457 N NH2 . ARG A 1 60 ? -8.716  3.950   -6.815  1.00 27.86 ? 60  ARG A NH2 1 
ATOM   458 N N   . LEU A 1 61 ? -4.896  4.671   -4.058  1.00 15.00 ? 61  LEU A N   1 
ATOM   459 C CA  . LEU A 1 61 ? -5.792  5.410   -3.142  1.00 13.90 ? 61  LEU A CA  1 
ATOM   460 C C   . LEU A 1 61 ? -4.983  6.457   -2.355  1.00 13.87 ? 61  LEU A C   1 
ATOM   461 O O   . LEU A 1 61 ? -5.398  7.573   -2.271  1.00 14.86 ? 61  LEU A O   1 
ATOM   462 C CB  . LEU A 1 61 ? -6.482  4.391   -2.226  1.00 14.46 ? 61  LEU A CB  1 
ATOM   463 C CG  . LEU A 1 61 ? -7.567  3.541   -2.896  1.00 13.01 ? 61  LEU A CG  1 
ATOM   464 C CD1 . LEU A 1 61 ? -7.901  2.321   -2.060  1.00 15.50 ? 61  LEU A CD1 1 
ATOM   465 C CD2 . LEU A 1 61 ? -8.827  4.349   -3.156  1.00 16.06 ? 61  LEU A CD2 1 
ATOM   466 N N   . LEU A 1 62 ? -3.846  6.069   -1.794  1.00 14.08 ? 62  LEU A N   1 
ATOM   467 C CA  . LEU A 1 62 ? -3.054  7.038   -0.995  1.00 12.97 ? 62  LEU A CA  1 
ATOM   468 C C   . LEU A 1 62 ? -2.529  8.144   -1.908  1.00 14.09 ? 62  LEU A C   1 
ATOM   469 O O   . LEU A 1 62 ? -2.523  9.275   -1.507  1.00 14.23 ? 62  LEU A O   1 
ATOM   470 C CB  . LEU A 1 62 ? -1.892  6.298   -0.332  1.00 14.04 ? 62  LEU A CB  1 
ATOM   471 C CG  . LEU A 1 62 ? -1.068  7.173   0.608   1.00 14.04 ? 62  LEU A CG  1 
ATOM   472 C CD1 . LEU A 1 62 ? -1.963  7.811   1.642   1.00 18.30 ? 62  LEU A CD1 1 
ATOM   473 C CD2 . LEU A 1 62 ? 0.062   6.400   1.254   1.00 15.56 ? 62  LEU A CD2 1 
ATOM   474 N N   . ARG A 1 63 ? -2.120  7.790   -3.117  1.00 16.62 ? 63  ARG A N   1 
ATOM   475 C CA  . ARG A 1 63 ? -1.610  8.795   -4.075  1.00 16.15 ? 63  ARG A CA  1 
ATOM   476 C C   . ARG A 1 63 ? -2.709  9.818   -4.347  1.00 17.29 ? 63  ARG A C   1 
ATOM   477 O O   . ARG A 1 63 ? -2.431  10.979  -4.330  1.00 19.14 ? 63  ARG A O   1 
ATOM   478 C CB  . ARG A 1 63 ? -1.155  8.096   -5.357  1.00 18.41 ? 63  ARG A CB  1 
ATOM   479 C CG  . ARG A 1 63 ? -0.409  8.967   -6.353  1.00 21.26 ? 63  ARG A CG  1 
ATOM   480 C CD  . ARG A 1 63 ? 0.144   8.126   -7.487  1.00 21.87 ? 63  ARG A CD  1 
ATOM   481 N NE  . ARG A 1 63 ? 1.174   7.188   -7.039  1.00 22.85 ? 63  ARG A NE  1 
ATOM   482 C CZ  . ARG A 1 63 ? 1.028   5.872   -6.908  1.00 23.83 ? 63  ARG A CZ  1 
ATOM   483 N NH1 . ARG A 1 63 ? -0.101  5.297   -7.259  1.00 21.05 ? 63  ARG A NH1 1 
ATOM   484 N NH2 . ARG A 1 63 ? 2.019   5.124   -6.450  1.00 22.37 ? 63  ARG A NH2 1 
ATOM   485 N N   . GLN A 1 64 ? -3.925  9.352   -4.569  1.00 18.71 ? 64  GLN A N   1 
ATOM   486 C CA  . GLN A 1 64 ? -5.045  10.288  -4.831  1.00 18.00 ? 64  GLN A CA  1 
ATOM   487 C C   . GLN A 1 64 ? -5.343  11.126  -3.578  1.00 19.57 ? 64  GLN A C   1 
ATOM   488 O O   . GLN A 1 64 ? -5.664  12.270  -3.714  1.00 19.44 ? 64  GLN A O   1 
ATOM   489 C CB  . GLN A 1 64 ? -6.258  9.505   -5.312  1.00 19.34 ? 64  GLN A CB  1 
ATOM   490 C CG  . GLN A 1 64 ? -7.417  10.415  -5.654  1.00 24.64 ? 64  GLN A CG  1 
ATOM   491 C CD  . GLN A 1 64 ? -8.569  9.705   -6.314  1.00 28.28 ? 64  GLN A CD  1 
ATOM   492 O OE1 . GLN A 1 64 ? -8.464  8.564   -6.730  1.00 25.17 ? 64  GLN A OE1 1 
ATOM   493 N NE2 . GLN A 1 64 ? -9.696  10.392  -6.365  1.00 28.39 ? 64  GLN A NE2 1 
ATOM   494 N N   . ALA A 1 65 ? -5.266  10.526  -2.396  1.00 18.60 ? 65  ALA A N   1 
ATOM   495 C CA  . ALA A 1 65 ? -5.482  11.282  -1.142  1.00 17.37 ? 65  ALA A CA  1 
ATOM   496 C C   . ALA A 1 65 ? -4.461  12.424  -1.078  1.00 19.43 ? 65  ALA A C   1 
ATOM   497 O O   . ALA A 1 65 ? -4.838  13.508  -0.782  1.00 19.14 ? 65  ALA A O   1 
ATOM   498 C CB  . ALA A 1 65 ? -5.326  10.370  0.050   1.00 16.76 ? 65  ALA A CB  1 
ATOM   499 N N   . ALA A 1 66 ? -3.200  12.138  -1.364  1.00 17.94 ? 66  ALA A N   1 
ATOM   500 C CA  . ALA A 1 66 ? -2.139  13.159  -1.297  1.00 18.40 ? 66  ALA A CA  1 
ATOM   501 C C   . ALA A 1 66 ? -2.283  14.189  -2.421  1.00 23.84 ? 66  ALA A C   1 
ATOM   502 O O   . ALA A 1 66 ? -2.104  15.362  -2.149  1.00 26.56 ? 66  ALA A O   1 
ATOM   503 C CB  . ALA A 1 66 ? -0.804  12.479  -1.362  1.00 22.64 ? 66  ALA A CB  1 
ATOM   504 N N   . LYS A 1 67 ? -2.631  13.761  -3.622  1.00 22.83 ? 67  LYS A N   1 
ATOM   505 C CA  . LYS A 1 67 ? -2.681  14.724  -4.747  1.00 25.70 ? 67  LYS A CA  1 
ATOM   506 C C   . LYS A 1 67 ? -3.941  15.583  -4.685  1.00 24.45 ? 67  LYS A C   1 
ATOM   507 O O   . LYS A 1 67 ? -3.841  16.759  -4.962  1.00 31.16 ? 67  LYS A O   1 
ATOM   508 C CB  . LYS A 1 67 ? -2.580  14.000  -6.093  1.00 31.30 ? 67  LYS A CB  1 
ATOM   509 N N   . GLN A 1 68 ? -5.073  15.002  -4.335  1.00 25.35 ? 68  GLN A N   1 
ATOM   510 C CA  . GLN A 1 68 ? -6.357  15.733  -4.350  1.00 22.95 ? 68  GLN A CA  1 
ATOM   511 C C   . GLN A 1 68 ? -6.761  16.247  -2.973  1.00 22.15 ? 68  GLN A C   1 
ATOM   512 O O   . GLN A 1 68 ? -7.648  17.027  -2.935  1.00 26.28 ? 68  GLN A O   1 
ATOM   513 C CB  . GLN A 1 68 ? -7.470  14.838  -4.877  1.00 35.30 ? 68  GLN A CB  1 
ATOM   514 N N   . GLY A 1 69 ? -6.142  15.783  -1.893  1.00 20.09 ? 69  GLY A N   1 
ATOM   515 C CA  . GLY A 1 69 ? -6.538  16.206  -0.538  1.00 21.41 ? 69  GLY A CA  1 
ATOM   516 C C   . GLY A 1 69 ? -7.707  15.382  -0.040  1.00 23.22 ? 69  GLY A C   1 
ATOM   517 O O   . GLY A 1 69 ? -8.276  15.764  0.921   1.00 22.51 ? 69  GLY A O   1 
ATOM   518 N N   . ASP A 1 70 ? -8.020  14.277  -0.728  1.00 21.50 ? 70  ASP A N   1 
ATOM   519 C CA  . ASP A 1 70 ? -9.161  13.379  -0.410  1.00 20.29 ? 70  ASP A CA  1 
ATOM   520 C C   . ASP A 1 70 ? -8.751  12.485  0.771   1.00 22.85 ? 70  ASP A C   1 
ATOM   521 O O   . ASP A 1 70 ? -8.478  11.307  0.602   1.00 19.45 ? 70  ASP A O   1 
ATOM   522 C CB  . ASP A 1 70 ? -9.604  12.573  -1.632  1.00 29.51 ? 70  ASP A CB  1 
ATOM   523 C CG  . ASP A 1 70 ? -10.013 13.359  -2.873  1.00 42.68 ? 70  ASP A CG  1 
ATOM   524 O OD1 . ASP A 1 70 ? -10.588 14.425  -2.733  1.00 46.51 ? 70  ASP A OD1 1 
ATOM   525 O OD2 . ASP A 1 70 ? -9.822  12.836  -3.972  1.00 44.94 ? 70  ASP A OD2 1 
ATOM   526 N N   . LEU A 1 71 ? -8.791  13.045  1.968   1.00 21.71 ? 71  LEU A N   1 
ATOM   527 C CA  . LEU A 1 71 ? -8.368  12.359  3.206   1.00 16.58 ? 71  LEU A CA  1 
ATOM   528 C C   . LEU A 1 71 ? -9.130  11.058  3.477   1.00 17.52 ? 71  LEU A C   1 
ATOM   529 O O   . LEU A 1 71 ? -8.552  10.156  4.002   1.00 19.26 ? 71  LEU A O   1 
ATOM   530 C CB  . LEU A 1 71 ? -8.535  13.351  4.351   1.00 17.65 ? 71  LEU A CB  1 
ATOM   531 C CG  . LEU A 1 71 ? -7.969  12.851  5.657   1.00 17.73 ? 71  LEU A CG  1 
ATOM   532 C CD1 . LEU A 1 71 ? -6.496  12.527  5.482   1.00 19.19 ? 71  LEU A CD1 1 
ATOM   533 C CD2 . LEU A 1 71 ? -8.161  13.897  6.739   1.00 18.38 ? 71  LEU A CD2 1 
ATOM   534 N N   . GLU A 1 72 ? -10.392 10.952  3.077   1.00 16.99 ? 72  GLU A N   1 
ATOM   535 C CA  . GLU A 1 72 ? -11.172 9.713   3.314   1.00 18.02 ? 72  GLU A CA  1 
ATOM   536 C C   . GLU A 1 72 ? -10.633 8.543   2.464   1.00 19.50 ? 72  GLU A C   1 
ATOM   537 O O   . GLU A 1 72 ? -10.794 7.423   2.870   1.00 20.63 ? 72  GLU A O   1 
ATOM   538 C CB  . GLU A 1 72 ? -12.662 10.020  3.160   1.00 20.88 ? 72  GLU A CB  1 
ATOM   539 C CG  . GLU A 1 72 ? -13.170 9.820   1.769   1.00 25.82 ? 72  GLU A CG  1 
ATOM   540 C CD  . GLU A 1 72 ? -12.873 10.939  0.793   1.00 26.20 ? 72  GLU A CD  1 
ATOM   541 O OE1 . GLU A 1 72 ? -11.986 11.761  1.064   1.00 26.33 ? 72  GLU A OE1 1 
ATOM   542 O OE2 . GLU A 1 72 ? -13.548 10.977  -0.232  1.00 34.36 ? 72  GLU A OE2 1 
ATOM   543 N N   . LEU A 1 73 ? -9.952  8.819   1.346   1.00 15.87 ? 73  LEU A N   1 
ATOM   544 C CA  . LEU A 1 73 ? -9.266  7.764   0.553   1.00 16.33 ? 73  LEU A CA  1 
ATOM   545 C C   . LEU A 1 73 ? -8.094  7.189   1.362   1.00 16.14 ? 73  LEU A C   1 
ATOM   546 O O   . LEU A 1 73 ? -7.747  6.076   1.101   1.00 15.90 ? 73  LEU A O   1 
ATOM   547 C CB  . LEU A 1 73 ? -8.770  8.364   -0.758  1.00 15.94 ? 73  LEU A CB  1 
ATOM   548 C CG  . LEU A 1 73 ? -9.847  8.884   -1.706  1.00 22.41 ? 73  LEU A CG  1 
ATOM   549 C CD1 . LEU A 1 73 ? -9.239  9.259   -3.025  1.00 27.61 ? 73  LEU A CD1 1 
ATOM   550 C CD2 . LEU A 1 73 ? -10.926 7.857   -1.934  1.00 26.89 ? 73  LEU A CD2 1 
ATOM   551 N N   . ALA A 1 74 ? -7.493  7.941   2.293   1.00 16.40 ? 74  ALA A N   1 
ATOM   552 C CA  . ALA A 1 74 ? -6.439  7.364   3.164   1.00 17.02 ? 74  ALA A CA  1 
ATOM   553 C C   . ALA A 1 74 ? -7.001  6.204   3.987   1.00 16.11 ? 74  ALA A C   1 
ATOM   554 O O   . ALA A 1 74 ? -6.313  5.224   4.168   1.00 17.14 ? 74  ALA A O   1 
ATOM   555 C CB  . ALA A 1 74 ? -5.819  8.427   4.036   1.00 16.75 ? 74  ALA A CB  1 
ATOM   556 N N   . ARG A 1 75 ? -8.226  6.328   4.488   1.00 16.81 ? 75  ARG A N   1 
ATOM   557 C CA  . ARG A 1 75 ? -8.875  5.215   5.209   1.00 18.28 ? 75  ARG A CA  1 
ATOM   558 C C   . ARG A 1 75 ? -9.018  4.018   4.266   1.00 15.77 ? 75  ARG A C   1 
ATOM   559 O O   . ARG A 1 75 ? -8.824  2.917   4.693   1.00 19.40 ? 75  ARG A O   1 
ATOM   560 C CB  . ARG A 1 75 ? -10.278 5.625   5.664   1.00 26.33 ? 75  ARG A CB  1 
ATOM   561 C CG  . ARG A 1 75 ? -10.407 5.879   7.150   1.00 22.80 ? 75  ARG A CG  1 
ATOM   562 C CD  . ARG A 1 75 ? -11.838 6.132   7.599   1.00 21.50 ? 75  ARG A CD  1 
ATOM   563 N NE  . ARG A 1 75 ? -12.406 4.847   7.926   1.00 23.86 ? 75  ARG A NE  1 
ATOM   564 C CZ  . ARG A 1 75 ? -12.377 4.253   9.100   1.00 27.86 ? 75  ARG A CZ  1 
ATOM   565 N NH1 . ARG A 1 75 ? -11.885 4.869   10.159  1.00 27.15 ? 75  ARG A NH1 1 
ATOM   566 N NH2 . ARG A 1 75 ? -12.865 3.036   9.196   1.00 34.93 ? 75  ARG A NH2 1 
ATOM   567 N N   . GLN A 1 76 ? -9.400  4.259   3.021   1.00 16.23 ? 76  GLN A N   1 
ATOM   568 C CA  . GLN A 1 76 ? -9.541  3.143   2.054   1.00 16.41 ? 76  GLN A CA  1 
ATOM   569 C C   . GLN A 1 76 ? -8.154  2.560   1.750   1.00 14.64 ? 76  GLN A C   1 
ATOM   570 O O   . GLN A 1 76 ? -8.044  1.378   1.627   1.00 15.31 ? 76  GLN A O   1 
ATOM   571 C CB  . GLN A 1 76 ? -10.257 3.635   0.803   1.00 17.47 ? 76  GLN A CB  1 
ATOM   572 C CG  . GLN A 1 76 ? -11.673 4.124   1.062   1.00 18.72 ? 76  GLN A CG  1 
ATOM   573 C CD  . GLN A 1 76 ? -12.265 4.787   -0.159  1.00 17.78 ? 76  GLN A CD  1 
ATOM   574 O OE1 . GLN A 1 76 ? -12.025 4.400   -1.277  1.00 26.77 ? 76  GLN A OE1 1 
ATOM   575 N NE2 . GLN A 1 76 ? -13.082 5.779   0.072   1.00 22.68 ? 76  GLN A NE2 1 
ATOM   576 N N   . ALA A 1 77 ? -7.147  3.414   1.619   1.00 13.70 ? 77  ALA A N   1 
ATOM   577 C CA  . ALA A 1 77 ? -5.774  2.942   1.341   1.00 13.65 ? 77  ALA A CA  1 
ATOM   578 C C   . ALA A 1 77 ? -5.296  2.043   2.488   1.00 14.77 ? 77  ALA A C   1 
ATOM   579 O O   . ALA A 1 77 ? -4.762  0.984   2.228   1.00 15.70 ? 77  ALA A O   1 
ATOM   580 C CB  . ALA A 1 77 ? -4.869  4.135   1.156   1.00 14.80 ? 77  ALA A CB  1 
ATOM   581 N N   . LEU A 1 78 ? -5.505  2.481   3.717   1.00 14.99 ? 78  LEU A N   1 
ATOM   582 C CA  . LEU A 1 78 ? -5.113  1.691   4.907   1.00 16.53 ? 78  LEU A CA  1 
ATOM   583 C C   . LEU A 1 78 ? -5.844  0.338   4.904   1.00 17.33 ? 78  LEU A C   1 
ATOM   584 O O   . LEU A 1 78 ? -5.219  -0.668  5.163   1.00 19.09 ? 78  LEU A O   1 
ATOM   585 C CB  . LEU A 1 78 ? -5.434  2.516   6.156   1.00 17.70 ? 78  LEU A CB  1 
ATOM   586 C CG  . LEU A 1 78 ? -5.093  1.824   7.471   1.00 17.20 ? 78  LEU A CG  1 
ATOM   587 C CD1 . LEU A 1 78 ? -3.593  1.613   7.571   1.00 22.07 ? 78  LEU A CD1 1 
ATOM   588 C CD2 . LEU A 1 78 ? -5.572  2.642   8.651   1.00 20.46 ? 78  LEU A CD2 1 
ATOM   589 N N   . ALA A 1 79 ? -7.138  0.326   4.598   1.00 16.47 ? 79  ALA A N   1 
ATOM   590 C CA  . ALA A 1 79 ? -7.892  -0.945  4.609   1.00 17.00 ? 79  ALA A CA  1 
ATOM   591 C C   . ALA A 1 79 ? -7.360  -1.885  3.517   1.00 17.83 ? 79  ALA A C   1 
ATOM   592 O O   . ALA A 1 79 ? -7.188  -3.054  3.796   1.00 18.75 ? 79  ALA A O   1 
ATOM   593 C CB  . ALA A 1 79 ? -9.360  -0.672  4.449   1.00 18.54 ? 79  ALA A CB  1 
ATOM   594 N N   . ALA A 1 80 ? -7.082  -1.356  2.324   1.00 16.57 ? 80  ALA A N   1 
ATOM   595 C CA  . ALA A 1 80 ? -6.558  -2.196  1.231   1.00 14.50 ? 80  ALA A CA  1 
ATOM   596 C C   . ALA A 1 80 ? -5.185  -2.764  1.616   1.00 14.93 ? 80  ALA A C   1 
ATOM   597 O O   . ALA A 1 80 ? -4.941  -3.893  1.344   1.00 15.84 ? 80  ALA A O   1 
ATOM   598 C CB  . ALA A 1 80 ? -6.493  -1.405  -0.040  1.00 16.15 ? 80  ALA A CB  1 
ATOM   599 N N   . ALA A 1 81 ? -4.339  -1.967  2.255   1.00 15.83 ? 81  ALA A N   1 
ATOM   600 C CA  . ALA A 1 81 ? -2.999  -2.470  2.624   1.00 14.66 ? 81  ALA A CA  1 
ATOM   601 C C   . ALA A 1 81 ? -3.141  -3.504  3.740   1.00 17.44 ? 81  ALA A C   1 
ATOM   602 O O   . ALA A 1 81 ? -2.400  -4.450  3.755   1.00 18.59 ? 81  ALA A O   1 
ATOM   603 C CB  . ALA A 1 81 ? -2.119  -1.321  3.016   1.00 14.85 ? 81  ALA A CB  1 
ATOM   604 N N   . ARG A 1 82 ? -4.089  -3.302  4.641   1.00 16.53 ? 82  ARG A N   1 
ATOM   605 C CA  . ARG A 1 82 ? -4.315  -4.287  5.723   1.00 18.74 ? 82  ARG A CA  1 
ATOM   606 C C   . ARG A 1 82 ? -4.833  -5.596  5.126   1.00 18.29 ? 82  ARG A C   1 
ATOM   607 O O   . ARG A 1 82 ? -4.446  -6.633  5.606   1.00 19.49 ? 82  ARG A O   1 
ATOM   608 C CB  . ARG A 1 82 ? -5.221  -3.699  6.801   1.00 21.83 ? 82  ARG A CB  1 
ATOM   609 C CG  . ARG A 1 82 ? -4.476  -2.755  7.729   1.00 24.65 ? 82  ARG A CG  1 
ATOM   610 C CD  . ARG A 1 82 ? -5.443  -1.942  8.546   1.00 31.51 ? 82  ARG A CD  1 
ATOM   611 N NE  . ARG A 1 82 ? -4.771  -1.269  9.628   1.00 43.21 ? 82  ARG A NE  1 
ATOM   612 C CZ  . ARG A 1 82 ? -5.332  -0.367  10.416  1.00 47.86 ? 82  ARG A CZ  1 
ATOM   613 N NH1 . ARG A 1 82 ? -6.586  -0.013  10.228  1.00 50.18 ? 82  ARG A NH1 1 
ATOM   614 N NH2 . ARG A 1 82 ? -4.632  0.184   11.382  1.00 48.01 ? 82  ARG A NH2 1 
ATOM   615 N N   . GLN A 1 83 ? -5.660  -5.521  4.091   1.00 17.39 ? 83  GLN A N   1 
ATOM   616 C CA  . GLN A 1 83 ? -6.123  -6.748  3.411   1.00 18.02 ? 83  GLN A CA  1 
ATOM   617 C C   . GLN A 1 83 ? -4.936  -7.420  2.712   1.00 19.18 ? 83  GLN A C   1 
ATOM   618 O O   . GLN A 1 83 ? -4.911  -8.621  2.643   1.00 18.57 ? 83  GLN A O   1 
ATOM   619 C CB  . GLN A 1 83 ? -7.194  -6.388  2.381   1.00 22.67 ? 83  GLN A CB  1 
ATOM   620 C CG  . GLN A 1 83 ? -8.510  -5.974  3.010   1.00 28.38 ? 83  GLN A CG  1 
ATOM   621 C CD  . GLN A 1 83 ? -9.369  -5.323  1.956   1.00 32.86 ? 83  GLN A CD  1 
ATOM   622 O OE1 . GLN A 1 83 ? -9.566  -5.892  0.888   1.00 35.26 ? 83  GLN A OE1 1 
ATOM   623 N NE2 . GLN A 1 83 ? -9.888  -4.149  2.281   1.00 28.20 ? 83  GLN A NE2 1 
ATOM   624 N N   . ALA A 1 84 ? -4.007  -6.640  2.169   1.00 18.38 ? 84  ALA A N   1 
ATOM   625 C CA  . ALA A 1 84 ? -2.813  -7.232  1.524   1.00 15.84 ? 84  ALA A CA  1 
ATOM   626 C C   . ALA A 1 84 ? -2.001  -7.980  2.590   1.00 16.46 ? 84  ALA A C   1 
ATOM   627 O O   . ALA A 1 84 ? -1.599  -9.083  2.351   1.00 16.94 ? 84  ALA A O   1 
ATOM   628 C CB  . ALA A 1 84 ? -2.005  -6.137  0.882   1.00 18.94 ? 84  ALA A CB  1 
ATOM   629 N N   . LEU A 1 85 ? -1.795  -7.358  3.739   1.00 17.65 ? 85  LEU A N   1 
ATOM   630 C CA  . LEU A 1 85 ? -1.025  -8.004  4.828   1.00 21.35 ? 85  LEU A CA  1 
ATOM   631 C C   . LEU A 1 85 ? -1.743  -9.280  5.277   1.00 23.24 ? 85  LEU A C   1 
ATOM   632 O O   . LEU A 1 85 ? -1.081  -10.261 5.488   1.00 20.96 ? 85  LEU A O   1 
ATOM   633 C CB  . LEU A 1 85 ? -0.829  -7.017  5.976   1.00 19.03 ? 85  LEU A CB  1 
ATOM   634 C CG  . LEU A 1 85 ? 0.077   -5.838  5.644   1.00 16.32 ? 85  LEU A CG  1 
ATOM   635 C CD1 . LEU A 1 85 ? 0.088   -4.834  6.774   1.00 19.45 ? 85  LEU A CD1 1 
ATOM   636 C CD2 . LEU A 1 85 ? 1.492   -6.287  5.338   1.00 19.56 ? 85  LEU A CD2 1 
ATOM   637 N N   . ALA A 1 86 ? -3.066  -9.241  5.410   1.00 21.37 ? 86  ALA A N   1 
ATOM   638 C CA  . ALA A 1 86 ? -3.815  -10.450 5.829   1.00 20.45 ? 86  ALA A CA  1 
ATOM   639 C C   . ALA A 1 86 ? -3.704  -11.505 4.730   1.00 22.92 ? 86  ALA A C   1 
ATOM   640 O O   . ALA A 1 86 ? -3.535  -12.663 5.044   1.00 25.71 ? 86  ALA A O   1 
ATOM   641 C CB  . ALA A 1 86 ? -5.251  -10.101 6.116   1.00 18.80 ? 86  ALA A CB  1 
ATOM   642 N N   . PHE A 1 87 ? -3.748  -11.088 3.474   1.00 18.67 ? 87  PHE A N   1 
ATOM   643 C CA  . PHE A 1 87 ? -3.596  -12.056 2.368   1.00 22.69 ? 87  PHE A CA  1 
ATOM   644 C C   . PHE A 1 87 ? -2.224  -12.723 2.492   1.00 21.83 ? 87  PHE A C   1 
ATOM   645 O O   . PHE A 1 87 ? -2.139  -13.935 2.365   1.00 21.09 ? 87  PHE A O   1 
ATOM   646 C CB  . PHE A 1 87 ? -3.772  -11.366 1.016   1.00 23.10 ? 87  PHE A CB  1 
ATOM   647 C CG  . PHE A 1 87 ? -3.833  -12.311 -0.147  1.00 24.98 ? 87  PHE A CG  1 
ATOM   648 C CD1 . PHE A 1 87 ? -2.690  -12.914 -0.628  1.00 27.12 ? 87  PHE A CD1 1 
ATOM   649 C CD2 . PHE A 1 87 ? -5.034  -12.579 -0.769  1.00 28.79 ? 87  PHE A CD2 1 
ATOM   650 C CE1 . PHE A 1 87 ? -2.737  -13.789 -1.700  1.00 27.24 ? 87  PHE A CE1 1 
ATOM   651 C CE2 . PHE A 1 87 ? -5.085  -13.458 -1.836  1.00 34.77 ? 87  PHE A CE2 1 
ATOM   652 C CZ  . PHE A 1 87 ? -3.942  -14.053 -2.303  1.00 31.79 ? 87  PHE A CZ  1 
ATOM   653 N N   . ALA A 1 88 ? -1.188  -11.922 2.727   1.00 19.70 ? 88  ALA A N   1 
ATOM   654 C CA  . ALA A 1 88 ? 0.189   -12.443 2.873   1.00 21.04 ? 88  ALA A CA  1 
ATOM   655 C C   . ALA A 1 88 ? 0.278   -13.407 4.061   1.00 22.40 ? 88  ALA A C   1 
ATOM   656 O O   . ALA A 1 88 ? 0.925   -14.418 3.929   1.00 24.64 ? 88  ALA A O   1 
ATOM   657 C CB  . ALA A 1 88 ? 1.153   -11.296 3.017   1.00 22.49 ? 88  ALA A CB  1 
ATOM   658 N N   . ARG A 1 89 ? -0.381  -13.089 5.170   1.00 22.15 ? 89  ARG A N   1 
ATOM   659 C CA  . ARG A 1 89 ? -0.360  -13.967 6.363   1.00 24.51 ? 89  ARG A CA  1 
ATOM   660 C C   . ARG A 1 89 ? -1.070  -15.284 6.031   1.00 24.35 ? 89  ARG A C   1 
ATOM   661 O O   . ARG A 1 89 ? -0.610  -16.310 6.491   1.00 27.22 ? 89  ARG A O   1 
ATOM   662 C CB  . ARG A 1 89 ? -0.949  -13.254 7.583   1.00 30.85 ? 89  ARG A CB  1 
ATOM   663 C CG  . ARG A 1 89 ? -0.160  -12.032 8.026   1.00 35.52 ? 89  ARG A CG  1 
ATOM   664 C CD  . ARG A 1 89 ? -0.538  -11.465 9.385   1.00 43.82 ? 89  ARG A CD  1 
ATOM   665 N NE  . ARG A 1 89 ? -0.671  -10.016 9.309   1.00 54.78 ? 89  ARG A NE  1 
ATOM   666 C CZ  . ARG A 1 89 ? 0.058   -9.138  9.988   1.00 60.36 ? 89  ARG A CZ  1 
ATOM   667 N NH1 . ARG A 1 89 ? 0.973   -9.556  10.845  1.00 62.77 ? 89  ARG A NH1 1 
ATOM   668 N NH2 . ARG A 1 89 ? -0.139  -7.843  9.827   1.00 59.56 ? 89  ARG A NH2 1 
ATOM   669 N N   . ARG A 1 90 ? -2.117  -15.236 5.214   1.00 25.83 ? 90  ARG A N   1 
ATOM   670 C CA  . ARG A 1 90 ? -2.848  -16.455 4.791   1.00 26.98 ? 90  ARG A CA  1 
ATOM   671 C C   . ARG A 1 90 ? -1.953  -17.285 3.877   1.00 22.99 ? 90  ARG A C   1 
ATOM   672 O O   . ARG A 1 90 ? -1.936  -18.487 4.010   1.00 25.13 ? 90  ARG A O   1 
ATOM   673 C CB  . ARG A 1 90 ? -4.158  -16.070 4.112   1.00 30.48 ? 90  ARG A CB  1 
ATOM   674 C CG  . ARG A 1 90 ? -5.200  -15.547 5.086   1.00 37.04 ? 90  ARG A CG  1 
ATOM   675 C CD  . ARG A 1 90 ? -6.584  -15.838 4.565   1.00 34.57 ? 90  ARG A CD  1 
ATOM   676 N NE  . ARG A 1 90 ? -6.782  -15.052 3.370   1.00 34.89 ? 90  ARG A NE  1 
ATOM   677 C CZ  . ARG A 1 90 ? -6.943  -13.747 3.406   1.00 36.89 ? 90  ARG A CZ  1 
ATOM   678 N NH1 . ARG A 1 90 ? -6.939  -13.115 4.561   1.00 36.06 ? 90  ARG A NH1 1 
ATOM   679 N NH2 . ARG A 1 90 ? -7.122  -13.078 2.292   1.00 41.09 ? 90  ARG A NH2 1 
ATOM   680 N N   . VAL A 1 91 ? -1.204  -16.643 2.989   1.00 24.64 ? 91  VAL A N   1 
ATOM   681 C CA  . VAL A 1 91 ? -0.271  -17.404 2.119   1.00 26.02 ? 91  VAL A CA  1 
ATOM   682 C C   . VAL A 1 91 ? 0.732   -18.125 3.023   1.00 23.22 ? 91  VAL A C   1 
ATOM   683 O O   . VAL A 1 91 ? 0.955   -19.306 2.831   1.00 25.84 ? 91  VAL A O   1 
ATOM   684 C CB  . VAL A 1 91 ? 0.452   -16.488 1.115   1.00 26.57 ? 91  VAL A CB  1 
ATOM   685 C CG1 . VAL A 1 91 ? 1.591   -17.217 0.433   1.00 25.79 ? 91  VAL A CG1 1 
ATOM   686 C CG2 . VAL A 1 91 ? -0.506  -15.923 0.081   1.00 26.71 ? 91  VAL A CG2 1 
ATOM   687 N N   . ALA A 1 92 ? 1.275   -17.430 4.009   1.00 23.32 ? 92  ALA A N   1 
ATOM   688 C CA  . ALA A 1 92 ? 2.248   -18.033 4.944   1.00 23.78 ? 92  ALA A CA  1 
ATOM   689 C C   . ALA A 1 92 ? 1.614   -19.188 5.739   1.00 24.81 ? 92  ALA A C   1 
ATOM   690 O O   . ALA A 1 92 ? 2.313   -20.154 6.007   1.00 26.53 ? 92  ALA A O   1 
ATOM   691 C CB  . ALA A 1 92 ? 2.768   -16.967 5.860   1.00 28.27 ? 92  ALA A CB  1 
ATOM   692 N N   . GLY A 1 93 ? 0.340   -19.073 6.093   1.00 24.12 ? 93  GLY A N   1 
ATOM   693 C CA  . GLY A 1 93 ? -0.375  -20.103 6.871   1.00 23.49 ? 93  GLY A CA  1 
ATOM   694 C C   . GLY A 1 93 ? -0.888  -21.248 6.019   1.00 24.54 ? 93  GLY A C   1 
ATOM   695 O O   . GLY A 1 93 ? -1.053  -22.324 6.566   1.00 28.82 ? 93  GLY A O   1 
ATOM   696 N N   . LEU A 1 94 ? -1.090  -21.030 4.719   1.00 24.77 ? 94  LEU A N   1 
ATOM   697 C CA  . LEU A 1 94 ? -1.674  -22.090 3.850   1.00 26.80 ? 94  LEU A CA  1 
ATOM   698 C C   . LEU A 1 94 ? -0.597  -22.837 3.066   1.00 25.07 ? 94  LEU A C   1 
ATOM   699 O O   . LEU A 1 94 ? -0.814  -24.003 2.786   1.00 27.25 ? 94  LEU A O   1 
ATOM   700 C CB  . LEU A 1 94 ? -2.643  -21.460 2.846   1.00 29.25 ? 94  LEU A CB  1 
ATOM   701 C CG  . LEU A 1 94 ? -3.968  -20.931 3.385   1.00 30.92 ? 94  LEU A CG  1 
ATOM   702 C CD1 . LEU A 1 94 ? -4.705  -20.189 2.287   1.00 37.18 ? 94  LEU A CD1 1 
ATOM   703 C CD2 . LEU A 1 94 ? -4.834  -22.063 3.921   1.00 27.60 ? 94  LEU A CD2 1 
ATOM   704 N N   . GLU A 1 95 ? 0.477   -22.156 2.672   1.00 26.94 ? 95  GLU A N   1 
ATOM   705 C CA  . GLU A 1 95 ? 1.517   -22.797 1.837   1.00 30.74 ? 95  GLU A CA  1 
ATOM   706 C C   . GLU A 1 95 ? 2.695   -23.226 2.713   1.00 33.53 ? 95  GLU A C   1 
ATOM   707 O O   . GLU A 1 95 ? 3.472   -23.987 2.194   1.00 36.14 ? 95  GLU A O   1 
ATOM   708 C CB  . GLU A 1 95 ? 1.893   -21.882 0.672   1.00 29.76 ? 95  GLU A CB  1 
HETATM 709 N N1  . EPE B 2 .  ? 0.312   19.477  4.160   0.00 30.94 ? 201 EPE A N1  1 
HETATM 710 C C2  . EPE B 2 .  ? 0.103   20.917  3.949   0.00 34.05 ? 201 EPE A C2  1 
HETATM 711 C C3  . EPE B 2 .  ? -0.613  21.144  2.617   0.00 36.26 ? 201 EPE A C3  1 
HETATM 712 N N4  . EPE B 2 .  ? -0.101  20.324  1.530   0.00 37.74 ? 201 EPE A N4  1 
HETATM 713 C C5  . EPE B 2 .  ? 0.371   18.983  1.816   0.00 35.41 ? 201 EPE A C5  1 
HETATM 714 C C6  . EPE B 2 .  ? 1.177   18.945  3.104   0.00 33.29 ? 201 EPE A C6  1 
HETATM 715 C C7  . EPE B 2 .  ? -0.487  20.663  0.170   0.00 40.88 ? 201 EPE A C7  1 
HETATM 716 C C8  . EPE B 2 .  ? -0.114  19.599  -0.861  0.00 42.65 ? 201 EPE A C8  1 
HETATM 717 O O8  . EPE B 2 .  ? 1.278   19.601  -1.095  0.00 44.03 ? 201 EPE A O8  1 
HETATM 718 C C9  . EPE B 2 .  ? 0.895   19.199  5.480   0.00 25.94 ? 201 EPE A C9  1 
HETATM 719 C C10 . EPE B 2 .  ? -0.033  18.221  6.194   0.00 20.74 ? 201 EPE A C10 1 
HETATM 720 S S   . EPE B 2 .  ? 0.284   18.075  7.969   0.00 16.89 ? 201 EPE A S   1 
HETATM 721 O O1S . EPE B 2 .  ? -0.864  18.620  8.688   0.00 16.07 ? 201 EPE A O1S 1 
HETATM 722 O O2S . EPE B 2 .  ? 1.482   18.828  8.326   0.00 16.38 ? 201 EPE A O2S 1 
HETATM 723 O O3S . EPE B 2 .  ? 0.457   16.669  8.327   0.00 15.41 ? 201 EPE A O3S 1 
HETATM 724 O O   . HOH C 3 .  ? 4.417   13.048  -3.126  1.00 39.81 ? 301 HOH A O   1 
HETATM 725 O O   . HOH C 3 .  ? 6.376   12.230  9.333   1.00 20.03 ? 302 HOH A O   1 
HETATM 726 O O   . HOH C 3 .  ? -6.277  -16.194 1.235   1.00 44.06 ? 303 HOH A O   1 
HETATM 727 O O   . HOH C 3 .  ? 7.949   -2.170  6.653   1.00 44.49 ? 304 HOH A O   1 
HETATM 728 O O   . HOH C 3 .  ? -2.959  16.582  0.294   1.00 35.25 ? 305 HOH A O   1 
HETATM 729 O O   . HOH C 3 .  ? 1.044   13.240  13.890  1.00 25.96 ? 306 HOH A O   1 
HETATM 730 O O   . HOH C 3 .  ? 7.469   18.043  3.257   1.00 36.67 ? 307 HOH A O   1 
HETATM 731 O O   . HOH C 3 .  ? 11.548  -15.937 1.529   1.00 39.20 ? 308 HOH A O   1 
HETATM 732 O O   . HOH C 3 .  ? -2.932  16.088  14.007  1.00 21.74 ? 309 HOH A O   1 
HETATM 733 O O   . HOH C 3 .  ? -7.272  -10.482 -9.701  1.00 27.92 ? 310 HOH A O   1 
HETATM 734 O O   . HOH C 3 .  ? -8.884  -9.570  -3.189  1.00 28.26 ? 311 HOH A O   1 
HETATM 735 O O   . HOH C 3 .  ? 9.531   8.599   -1.783  1.00 28.63 ? 312 HOH A O   1 
HETATM 736 O O   . HOH C 3 .  ? -3.079  -24.122 6.709   1.00 19.46 ? 313 HOH A O   1 
HETATM 737 O O   . HOH C 3 .  ? -5.031  -0.437  -8.686  1.00 22.35 ? 314 HOH A O   1 
HETATM 738 O O   . HOH C 3 .  ? 9.001   -2.569  1.918   1.00 29.69 ? 315 HOH A O   1 
HETATM 739 O O   . HOH C 3 .  ? -4.024  -7.151  8.260   1.00 31.95 ? 316 HOH A O   1 
HETATM 740 O O   . HOH C 3 .  ? -0.376  -16.939 9.145   1.00 45.21 ? 317 HOH A O   1 
HETATM 741 O O   . HOH C 3 .  ? 10.418  -3.501  -14.034 1.00 38.49 ? 318 HOH A O   1 
HETATM 742 O O   . HOH C 3 .  ? 0.560   -26.290 2.152   1.00 27.45 ? 319 HOH A O   1 
HETATM 743 O O   . HOH C 3 .  ? -7.086  -10.338 2.453   1.00 35.33 ? 320 HOH A O   1 
HETATM 744 O O   . HOH C 3 .  ? -14.482 13.091  -1.724  1.00 42.66 ? 321 HOH A O   1 
HETATM 745 O O   . HOH C 3 .  ? 5.302   -13.461 6.280   1.00 45.45 ? 322 HOH A O   1 
HETATM 746 O O   . HOH C 3 .  ? -0.083  1.309   9.661   1.00 23.22 ? 323 HOH A O   1 
HETATM 747 O O   . HOH C 3 .  ? 10.630  -1.742  -5.552  1.00 29.98 ? 324 HOH A O   1 
HETATM 748 O O   . HOH C 3 .  ? 11.750  -3.159  -1.663  1.00 30.80 ? 325 HOH A O   1 
HETATM 749 O O   . HOH C 3 .  ? 9.887   -3.330  -7.341  1.00 40.03 ? 326 HOH A O   1 
HETATM 750 O O   . HOH C 3 .  ? -9.192  18.118  -4.979  1.00 33.70 ? 327 HOH A O   1 
HETATM 751 O O   . HOH C 3 .  ? 10.445  -9.044  0.707   1.00 15.73 ? 328 HOH A O   1 
HETATM 752 O O   . HOH C 3 .  ? 6.126   -0.026  7.445   1.00 26.35 ? 329 HOH A O   1 
HETATM 753 O O   . HOH C 3 .  ? -3.427  -5.788  -12.341 1.00 29.56 ? 330 HOH A O   1 
HETATM 754 O O   . HOH C 3 .  ? 10.262  -16.132 -1.453  1.00 30.56 ? 331 HOH A O   1 
HETATM 755 O O   . HOH C 3 .  ? -8.928  0.726   -9.088  1.00 26.58 ? 332 HOH A O   1 
HETATM 756 O O   . HOH C 3 .  ? 2.534   -20.771 8.741   1.00 38.77 ? 333 HOH A O   1 
HETATM 757 O O   . HOH C 3 .  ? -0.346  -15.238 -8.510  1.00 24.88 ? 334 HOH A O   1 
HETATM 758 O O   . HOH C 3 .  ? -0.531  6.902   12.179  1.00 30.97 ? 335 HOH A O   1 
HETATM 759 O O   . HOH C 3 .  ? 0.984   2.999   11.691  1.00 32.81 ? 336 HOH A O   1 
HETATM 760 O O   . HOH C 3 .  ? 7.658   14.481  8.586   1.00 18.17 ? 337 HOH A O   1 
HETATM 761 O O   . HOH C 3 .  ? 4.276   7.372   -6.618  1.00 32.79 ? 338 HOH A O   1 
HETATM 762 O O   . HOH C 3 .  ? 1.924   2.225   -6.879  1.00 21.46 ? 339 HOH A O   1 
HETATM 763 O O   . HOH C 3 .  ? -0.104  12.322  -5.289  1.00 38.81 ? 340 HOH A O   1 
HETATM 764 O O   . HOH C 3 .  ? 11.577  4.060   -1.748  1.00 29.23 ? 341 HOH A O   1 
HETATM 765 O O   . HOH C 3 .  ? -8.413  -0.674  8.128   1.00 36.69 ? 342 HOH A O   1 
HETATM 766 O O   . HOH C 3 .  ? 7.400   5.193   10.404  1.00 33.43 ? 343 HOH A O   1 
HETATM 767 O O   . HOH C 3 .  ? -9.279  1.838   7.340   1.00 27.44 ? 344 HOH A O   1 
HETATM 768 O O   . HOH C 3 .  ? 6.806   7.497   11.476  1.00 29.91 ? 345 HOH A O   1 
HETATM 769 O O   . HOH C 3 .  ? 1.735   -9.944  6.161   1.00 33.05 ? 346 HOH A O   1 
HETATM 770 O O   . HOH C 3 .  ? -8.806  -4.307  5.871   1.00 37.54 ? 347 HOH A O   1 
HETATM 771 O O   . HOH C 3 .  ? -3.038  -14.400 -6.020  1.00 22.68 ? 348 HOH A O   1 
HETATM 772 O O   . HOH C 3 .  ? 10.036  8.474   4.265   1.00 40.74 ? 349 HOH A O   1 
HETATM 773 O O   . HOH C 3 .  ? 6.421   -17.555 -3.194  1.00 32.19 ? 350 HOH A O   1 
HETATM 774 O O   . HOH C 3 .  ? 1.382   15.821  -0.815  1.00 39.46 ? 351 HOH A O   1 
HETATM 775 O O   . HOH C 3 .  ? -14.446 8.099   -1.186  1.00 31.35 ? 352 HOH A O   1 
HETATM 776 O O   . HOH C 3 .  ? -4.502  -3.095  -8.551  1.00 18.72 ? 353 HOH A O   1 
HETATM 777 O O   . HOH C 3 .  ? 3.186   13.574  -0.602  1.00 28.97 ? 354 HOH A O   1 
HETATM 778 O O   . HOH C 3 .  ? -1.414  -16.462 -6.411  1.00 23.33 ? 355 HOH A O   1 
HETATM 779 O O   . HOH C 3 .  ? -9.732  -12.937 -4.337  1.00 34.53 ? 356 HOH A O   1 
HETATM 780 O O   . HOH C 3 .  ? -10.624 6.253   -6.032  1.00 28.20 ? 357 HOH A O   1 
HETATM 781 O O   . HOH C 3 .  ? -13.747 6.515   3.427   1.00 47.76 ? 358 HOH A O   1 
HETATM 782 O O   . HOH C 3 .  ? -0.162  -19.196 -2.252  1.00 35.20 ? 359 HOH A O   1 
HETATM 783 O O   . HOH C 3 .  ? 10.775  10.326  -3.764  1.00 44.50 ? 360 HOH A O   1 
HETATM 784 O O   . HOH C 3 .  ? 1.074   8.631   12.852  1.00 19.07 ? 361 HOH A O   1 
HETATM 785 O O   . HOH C 3 .  ? -2.585  -5.486  9.824   1.00 48.79 ? 362 HOH A O   1 
HETATM 786 O O   . HOH C 3 .  ? -12.787 11.171  -4.125  1.00 43.03 ? 363 HOH A O   1 
HETATM 787 O O   . HOH C 3 .  ? 9.938   14.418  1.537   1.00 54.12 ? 364 HOH A O   1 
HETATM 788 O O   . HOH C 3 .  ? -9.230  2.772   9.663   1.00 29.08 ? 365 HOH A O   1 
HETATM 789 O O   . HOH C 3 .  ? 9.286   -17.376 -2.400  1.00 51.03 ? 366 HOH A O   1 
HETATM 790 O O   . HOH C 3 .  ? -8.126  -6.665  6.299   1.00 45.00 ? 367 HOH A O   1 
HETATM 791 O O   . HOH C 3 .  ? 3.275   -13.027 6.263   1.00 50.64 ? 368 HOH A O   1 
HETATM 792 O O   . HOH C 3 .  ? 4.506   -6.187  -20.763 1.00 41.05 ? 369 HOH A O   1 
HETATM 793 O O   . HOH C 3 .  ? -16.378 2.244   9.825   1.00 39.16 ? 370 HOH A O   1 
HETATM 794 O O   . HOH C 3 .  ? -10.122 3.079   -10.112 1.00 45.52 ? 371 HOH A O   1 
HETATM 795 O O   . HOH C 3 .  ? -9.950  -9.325  -10.230 1.00 23.34 ? 372 HOH A O   1 
HETATM 796 O O   . HOH C 3 .  ? -3.779  10.607  -8.189  1.00 45.26 ? 373 HOH A O   1 
HETATM 797 O O   . HOH C 3 .  ? 10.950  9.826   0.149   1.00 37.91 ? 374 HOH A O   1 
HETATM 798 O O   . HOH C 3 .  ? 4.969   -20.660 8.986   1.00 42.84 ? 375 HOH A O   1 
HETATM 799 O O   . HOH C 3 .  ? -6.467  -3.995  -10.113 1.00 32.29 ? 376 HOH A O   1 
HETATM 800 O O   . HOH C 3 .  ? -0.477  15.053  15.634  1.00 25.56 ? 377 HOH A O   1 
HETATM 801 O O   . HOH C 3 .  ? 13.436  -9.727  3.825   1.00 42.96 ? 378 HOH A O   1 
HETATM 802 O O   . HOH C 3 .  ? 7.127   2.189   7.922   1.00 35.11 ? 379 HOH A O   1 
HETATM 803 O O   . HOH C 3 .  ? 11.024  -10.526 3.033   1.00 26.86 ? 380 HOH A O   1 
HETATM 804 O O   . HOH C 3 .  ? -9.533  -2.793  7.737   1.00 46.10 ? 381 HOH A O   1 
HETATM 805 O O   . HOH C 3 .  ? -2.692  -3.547  -10.678 1.00 25.63 ? 382 HOH A O   1 
HETATM 806 O O   . HOH C 3 .  ? -4.413  -17.414 -4.854  1.00 39.35 ? 383 HOH A O   1 
HETATM 807 O O   . HOH C 3 .  ? -8.825  -8.782  5.531   1.00 42.48 ? 384 HOH A O   1 
# 
loop_
_atom_site_anisotrop.id 
_atom_site_anisotrop.type_symbol 
_atom_site_anisotrop.pdbx_label_atom_id 
_atom_site_anisotrop.pdbx_label_alt_id 
_atom_site_anisotrop.pdbx_label_comp_id 
_atom_site_anisotrop.pdbx_label_asym_id 
_atom_site_anisotrop.pdbx_label_seq_id 
_atom_site_anisotrop.pdbx_PDB_ins_code 
_atom_site_anisotrop.U[1][1] 
_atom_site_anisotrop.U[2][2] 
_atom_site_anisotrop.U[3][3] 
_atom_site_anisotrop.U[1][2] 
_atom_site_anisotrop.U[1][3] 
_atom_site_anisotrop.U[2][3] 
_atom_site_anisotrop.pdbx_auth_seq_id 
_atom_site_anisotrop.pdbx_auth_comp_id 
_atom_site_anisotrop.pdbx_auth_asym_id 
_atom_site_anisotrop.pdbx_auth_atom_id 
1   N N   . GLY A 2  ? 0.5462 0.5410 0.5154 0.0169  -0.0092 -0.0523 2   GLY A N   
2   C CA  . GLY A 2  ? 0.5271 0.5224 0.4782 0.0180  -0.0049 -0.0514 2   GLY A CA  
3   C C   . GLY A 2  ? 0.6713 0.6673 0.6176 0.0129  0.0023  -0.0433 2   GLY A C   
4   O O   . GLY A 2  ? 0.7885 0.7891 0.7281 0.0118  0.0096  -0.0425 2   GLY A O   
5   N N   . GLU A 3  ? 0.6202 0.6121 0.5706 0.0097  0.0003  -0.0375 3   GLU A N   
6   C CA  . GLU A 3  ? 0.5810 0.5727 0.5281 0.0050  0.0060  -0.0304 3   GLU A CA  
7   C C   . GLU A 3  ? 0.5569 0.5550 0.5139 0.0023  0.0110  -0.0298 3   GLU A C   
8   O O   . GLU A 3  ? 0.5997 0.6003 0.5693 0.0031  0.0084  -0.0325 3   GLU A O   
9   C CB  . GLU A 3  ? 0.5239 0.5107 0.4750 0.0030  0.0022  -0.0256 3   GLU A CB  
10  C CG  . GLU A 3  ? 0.5231 0.5115 0.4908 0.0018  -0.0008 -0.0252 3   GLU A CG  
11  C CD  . GLU A 3  ? 0.5641 0.5507 0.5389 0.0048  -0.0078 -0.0301 3   GLU A CD  
12  O OE1 . GLU A 3  ? 0.6030 0.5918 0.5822 0.0070  -0.0088 -0.0353 3   GLU A OE1 
13  O OE2 . GLU A 3  ? 0.5536 0.5369 0.5302 0.0051  -0.0124 -0.0294 3   GLU A OE2 
14  N N   . ASP A 4  ? 0.5049 0.5055 0.4564 -0.0008 0.0181  -0.0265 4   ASP A N   
15  C CA  . ASP A 4  ? 0.3398 0.3474 0.3007 -0.0034 0.0229  -0.0264 4   ASP A CA  
16  C C   . ASP A 4  ? 0.3059 0.3122 0.2778 -0.0056 0.0201  -0.0227 4   ASP A C   
17  O O   . ASP A 4  ? 0.2542 0.2590 0.2253 -0.0091 0.0223  -0.0179 4   ASP A O   
18  C CB  . ASP A 4  ? 0.3886 0.3985 0.3416 -0.0069 0.0310  -0.0236 4   ASP A CB  
19  C CG  . ASP A 4  ? 0.3753 0.3950 0.3381 -0.0084 0.0363  -0.0263 4   ASP A CG  
20  O OD1 . ASP A 4  ? 0.3685 0.3911 0.3442 -0.0082 0.0334  -0.0276 4   ASP A OD1 
21  O OD2 . ASP A 4  ? 0.5065 0.5312 0.4640 -0.0097 0.0433  -0.0272 4   ASP A OD2 
22  N N   . TYR A 5  ? 0.2421 0.2485 0.2241 -0.0033 0.0151  -0.0251 5   TYR A N   
23  C CA  . TYR A 5  ? 0.2581 0.2635 0.2495 -0.0047 0.0129  -0.0215 5   TYR A CA  
24  C C   . TYR A 5  ? 0.2207 0.2314 0.2172 -0.0068 0.0170  -0.0204 5   TYR A C   
25  O O   . TYR A 5  ? 0.2238 0.2337 0.2227 -0.0088 0.0170  -0.0163 5   TYR A O   
26  C CB  . TYR A 5  ? 0.2611 0.2651 0.2621 -0.0021 0.0078  -0.0239 5   TYR A CB  
27  C CG  . TYR A 5  ? 0.2357 0.2341 0.2369 -0.0011 0.0025  -0.0235 5   TYR A CG  
28  C CD1 . TYR A 5  ? 0.2790 0.2740 0.2767 -0.0030 0.0017  -0.0191 5   TYR A CD1 
29  C CD2 . TYR A 5  ? 0.2915 0.2883 0.2978 0.0016  -0.0019 -0.0283 5   TYR A CD2 
30  C CE1 . TYR A 5  ? 0.2845 0.2757 0.2845 -0.0021 -0.0032 -0.0195 5   TYR A CE1 
31  C CE2 . TYR A 5  ? 0.2791 0.2712 0.2879 0.0022  -0.0070 -0.0286 5   TYR A CE2 
32  C CZ  . TYR A 5  ? 0.2340 0.2240 0.2401 0.0002  -0.0075 -0.0243 5   TYR A CZ  
33  O OH  . TYR A 5  ? 0.2984 0.2851 0.3089 0.0008  -0.0126 -0.0253 5   TYR A OH  
34  N N   . LEU A 6  ? 0.2218 0.2391 0.2209 -0.0061 0.0203  -0.0248 6   LEU A N   
35  C CA  . LEU A 6  ? 0.2359 0.2593 0.2414 -0.0080 0.0238  -0.0248 6   LEU A CA  
36  C C   . LEU A 6  ? 0.2399 0.2624 0.2398 -0.0125 0.0281  -0.0206 6   LEU A C   
37  O O   . LEU A 6  ? 0.2328 0.2567 0.2381 -0.0145 0.0284  -0.0186 6   LEU A O   
38  C CB  . LEU A 6  ? 0.2944 0.3262 0.3047 -0.0062 0.0267  -0.0312 6   LEU A CB  
39  C CG  . LEU A 6  ? 0.2884 0.3211 0.3077 -0.0017 0.0216  -0.0352 6   LEU A CG  
40  C CD1 . LEU A 6  ? 0.3710 0.4104 0.3920 0.0016  0.0233  -0.0427 6   LEU A CD1 
41  C CD2 . LEU A 6  ? 0.3903 0.4253 0.4189 -0.0015 0.0199  -0.0342 6   LEU A CD2 
42  N N   . LYS A 7  ? 0.2227 0.2421 0.2114 -0.0139 0.0311  -0.0192 7   LYS A N   
43  C CA  . LYS A 7  ? 0.2471 0.2631 0.2297 -0.0181 0.0345  -0.0143 7   LYS A CA  
44  C C   . LYS A 7  ? 0.2433 0.2524 0.2255 -0.0185 0.0298  -0.0099 7   LYS A C   
45  O O   . LYS A 7  ? 0.2565 0.2649 0.2408 -0.0214 0.0310  -0.0071 7   LYS A O   
46  C CB  . LYS A 7  ? 0.3037 0.3160 0.2719 -0.0184 0.0378  -0.0132 7   LYS A CB  
47  C CG  . LYS A 7  ? 0.4289 0.4370 0.3894 -0.0231 0.0429  -0.0081 7   LYS A CG  
48  C CD  . LYS A 7  ? 0.5396 0.5524 0.5113 -0.0274 0.0459  -0.0073 7   LYS A CD  
49  C CE  . LYS A 7  ? 0.6453 0.6514 0.6104 -0.0323 0.0492  -0.0016 7   LYS A CE  
50  N NZ  . LYS A 7  ? 0.6888 0.6998 0.6666 -0.0365 0.0517  -0.0019 7   LYS A NZ  
51  N N   . LEU A 8  ? 0.2424 0.2473 0.2231 -0.0155 0.0246  -0.0097 8   LEU A N   
52  C CA  . LEU A 8  ? 0.2156 0.2154 0.1965 -0.0155 0.0206  -0.0059 8   LEU A CA  
53  C C   . LEU A 8  ? 0.2195 0.2228 0.2106 -0.0155 0.0195  -0.0054 8   LEU A C   
54  O O   . LEU A 8  ? 0.2138 0.2152 0.2051 -0.0165 0.0185  -0.0024 8   LEU A O   
55  C CB  . LEU A 8  ? 0.2449 0.2409 0.2243 -0.0126 0.0155  -0.0065 8   LEU A CB  
56  C CG  . LEU A 8  ? 0.2494 0.2406 0.2169 -0.0116 0.0150  -0.0069 8   LEU A CG  
57  C CD1 . LEU A 8  ? 0.2555 0.2450 0.2249 -0.0082 0.0095  -0.0098 8   LEU A CD1 
58  C CD2 . LEU A 8  ? 0.2721 0.2572 0.2315 -0.0131 0.0148  -0.0026 8   LEU A CD2 
59  N N   . LEU A 9  ? 0.1911 0.1996 0.1902 -0.0137 0.0192  -0.0085 9   LEU A N   
60  C CA  . LEU A 9  ? 0.1974 0.2090 0.2046 -0.0128 0.0177  -0.0082 9   LEU A CA  
61  C C   . LEU A 9  ? 0.2143 0.2297 0.2240 -0.0153 0.0207  -0.0087 9   LEU A C   
62  O O   . LEU A 9  ? 0.2078 0.2233 0.2202 -0.0151 0.0190  -0.0072 9   LEU A O   
63  C CB  . LEU A 9  ? 0.1984 0.2130 0.2125 -0.0096 0.0159  -0.0114 9   LEU A CB  
64  C CG  . LEU A 9  ? 0.1773 0.1875 0.1919 -0.0074 0.0121  -0.0105 9   LEU A CG  
65  C CD1 . LEU A 9  ? 0.2127 0.2247 0.2339 -0.0044 0.0103  -0.0141 9   LEU A CD1 
66  C CD2 . LEU A 9  ? 0.2112 0.2181 0.2267 -0.0072 0.0099  -0.0056 9   LEU A CD2 
67  N N   . GLU A 10 ? 0.1975 0.2164 0.2064 -0.0177 0.0252  -0.0110 10  GLU A N   
68  C CA  . GLU A 10 ? 0.2096 0.2318 0.2220 -0.0213 0.0286  -0.0114 10  GLU A CA  
69  C C   . GLU A 10 ? 0.2043 0.2198 0.2112 -0.0238 0.0280  -0.0070 10  GLU A C   
70  O O   . GLU A 10 ? 0.2262 0.2428 0.2382 -0.0250 0.0272  -0.0069 10  GLU A O   
71  C CB  . GLU A 10 ? 0.2045 0.2313 0.2162 -0.0240 0.0348  -0.0138 10  GLU A CB  
72  C CG  . GLU A 10 ? 0.2804 0.3107 0.2971 -0.0289 0.0393  -0.0138 10  GLU A CG  
73  C CD  . GLU A 10 ? 0.4135 0.4484 0.4287 -0.0322 0.0468  -0.0151 10  GLU A CD  
74  O OE1 . GLU A 10 ? 0.5153 0.5510 0.5244 -0.0298 0.0481  -0.0166 10  GLU A OE1 
75  O OE2 . GLU A 10 ? 0.5145 0.5522 0.5346 -0.0372 0.0515  -0.0148 10  GLU A OE2 
76  N N   . GLU A 11 ? 0.2219 0.2304 0.2185 -0.0241 0.0278  -0.0038 11  GLU A N   
77  C CA  . GLU A 11 ? 0.2500 0.2511 0.2409 -0.0256 0.0264  0.0001  11  GLU A CA  
78  C C   . GLU A 11 ? 0.2215 0.2215 0.2156 -0.0227 0.0212  0.0010  11  GLU A C   
79  O O   . GLU A 11 ? 0.2377 0.2345 0.2312 -0.0234 0.0197  0.0028  11  GLU A O   
80  C CB  . GLU A 11 ? 0.3080 0.3017 0.2867 -0.0256 0.0266  0.0028  11  GLU A CB  
81  C CG  . GLU A 11 ? 0.3467 0.3395 0.3188 -0.0289 0.0324  0.0035  11  GLU A CG  
82  C CD  . GLU A 11 ? 0.4802 0.4696 0.4521 -0.0337 0.0357  0.0063  11  GLU A CD  
83  O OE1 . GLU A 11 ? 0.5281 0.5126 0.5008 -0.0337 0.0320  0.0082  11  GLU A OE1 
84  O OE2 . GLU A 11 ? 0.5318 0.5236 0.5034 -0.0375 0.0420  0.0064  11  GLU A OE2 
85  N N   . ALA A 12 ? 0.2256 0.2281 0.2229 -0.0191 0.0186  0.0001  12  ALA A N   
86  C CA  . ALA A 12 ? 0.2094 0.2121 0.2096 -0.0163 0.0148  0.0015  12  ALA A CA  
87  C C   . ALA A 12 ? 0.2329 0.2398 0.2394 -0.0159 0.0144  -0.0002 12  ALA A C   
88  O O   . ALA A 12 ? 0.2091 0.2145 0.2152 -0.0147 0.0122  0.0010  12  ALA A O   
89  C CB  . ALA A 12 ? 0.2170 0.2210 0.2200 -0.0133 0.0130  0.0014  12  ALA A CB  
90  N N   . LEU A 13 ? 0.2155 0.2279 0.2280 -0.0161 0.0160  -0.0035 13  LEU A N   
91  C CA  . LEU A 13 ? 0.2233 0.2402 0.2426 -0.0157 0.0150  -0.0061 13  LEU A CA  
92  C C   . LEU A 13 ? 0.2088 0.2233 0.2279 -0.0194 0.0160  -0.0059 13  LEU A C   
93  O O   . LEU A 13 ? 0.2158 0.2309 0.2378 -0.0181 0.0132  -0.0070 13  LEU A O   
94  C CB  . LEU A 13 ? 0.2133 0.2373 0.2404 -0.0154 0.0166  -0.0106 13  LEU A CB  
95  C CG  . LEU A 13 ? 0.2088 0.2345 0.2375 -0.0110 0.0145  -0.0113 13  LEU A CG  
96  C CD1 . LEU A 13 ? 0.2318 0.2645 0.2681 -0.0106 0.0159  -0.0164 13  LEU A CD1 
97  C CD2 . LEU A 13 ? 0.2268 0.2518 0.2556 -0.0065 0.0101  -0.0099 13  LEU A CD2 
98  N N   . LYS A 14 ? 0.2043 0.2153 0.2192 -0.0237 0.0199  -0.0045 14  LYS A N   
99  C CA  . LYS A 14 ? 0.2353 0.2426 0.2502 -0.0280 0.0213  -0.0037 14  LYS A CA  
100 C C   . LYS A 14 ? 0.2092 0.2097 0.2191 -0.0264 0.0172  -0.0012 14  LYS A C   
101 O O   . LYS A 14 ? 0.2190 0.2188 0.2331 -0.0269 0.0151  -0.0026 14  LYS A O   
102 C CB  . LYS A 14 ? 0.2984 0.3023 0.3074 -0.0325 0.0268  -0.0015 14  LYS A CB  
103 N N   . ILE A 15 ? 0.2358 0.2316 0.2375 -0.0241 0.0156  0.0017  15  ILE A N   
104 C CA  . ILE A 15 ? 0.2279 0.2184 0.2255 -0.0220 0.0117  0.0035  15  ILE A CA  
105 C C   . ILE A 15 ? 0.2393 0.2345 0.2418 -0.0176 0.0081  0.0015  15  ILE A C   
106 O O   . ILE A 15 ? 0.2174 0.2105 0.2202 -0.0164 0.0051  0.0006  15  ILE A O   
107 C CB  . ILE A 15 ? 0.2740 0.2594 0.2632 -0.0204 0.0106  0.0064  15  ILE A CB  
108 C CG1 . ILE A 15 ? 0.3080 0.2883 0.2936 -0.0182 0.0065  0.0075  15  ILE A CG1 
109 C CG2 . ILE A 15 ? 0.2534 0.2438 0.2445 -0.0172 0.0099  0.0062  15  ILE A CG2 
110 C CD1 . ILE A 15 ? 0.3523 0.3259 0.3367 -0.0209 0.0059  0.0078  15  ILE A CD1 
111 N N   . ALA A 16 ? 0.2013 0.2026 0.2072 -0.0149 0.0081  0.0005  16  ALA A N   
112 C CA  . ALA A 16 ? 0.2021 0.2075 0.2104 -0.0101 0.0050  -0.0007 16  ALA A CA  
113 C C   . ALA A 16 ? 0.2130 0.2210 0.2271 -0.0100 0.0032  -0.0048 16  ALA A C   
114 O O   . ALA A 16 ? 0.2060 0.2142 0.2196 -0.0066 -0.0003 -0.0060 16  ALA A O   
115 C CB  . ALA A 16 ? 0.2312 0.2411 0.2414 -0.0074 0.0055  -0.0003 16  ALA A CB  
116 N N   . ARG A 17 ? 0.2165 0.2276 0.2370 -0.0134 0.0054  -0.0074 17  ARG A N   
117 C CA  . ARG A 17 ? 0.2357 0.2502 0.2641 -0.0136 0.0033  -0.0121 17  ARG A CA  
118 C C   . ARG A 17 ? 0.1999 0.2083 0.2284 -0.0169 0.0023  -0.0123 17  ARG A C   
119 O O   . ARG A 17 ? 0.2333 0.2428 0.2664 -0.0150 -0.0018 -0.0160 17  ARG A O   
120 C CB  . ARG A 17 ? 0.2459 0.2667 0.2831 -0.0162 0.0060  -0.0156 17  ARG A CB  
121 C CG  . ARG A 17 ? 0.2392 0.2654 0.2771 -0.0112 0.0049  -0.0164 17  ARG A CG  
122 C CD  . ARG A 17 ? 0.2341 0.2672 0.2806 -0.0127 0.0072  -0.0203 17  ARG A CD  
123 N NE  . ARG A 17 ? 0.3024 0.3388 0.3489 -0.0066 0.0042  -0.0214 17  ARG A NE  
124 C CZ  . ARG A 17 ? 0.2567 0.2963 0.3056 -0.0059 0.0059  -0.0223 17  ARG A CZ  
125 N NH1 . ARG A 17 ? 0.2715 0.3125 0.3226 -0.0105 0.0108  -0.0229 17  ARG A NH1 
126 N NH2 . ARG A 17 ? 0.3389 0.3796 0.3872 0.0000  0.0025  -0.0228 17  ARG A NH2 
127 N N   . GLU A 18 ? 0.2120 0.2136 0.2351 -0.0211 0.0053  -0.0084 18  GLU A N   
128 C CA  . GLU A 18 ? 0.2637 0.2573 0.2852 -0.0235 0.0036  -0.0077 18  GLU A CA  
129 C C   . GLU A 18 ? 0.2198 0.2110 0.2368 -0.0178 -0.0018 -0.0080 18  GLU A C   
130 O O   . GLU A 18 ? 0.2096 0.1985 0.2298 -0.0171 -0.0057 -0.0110 18  GLU A O   
131 C CB  . GLU A 18 ? 0.2464 0.2318 0.2602 -0.0281 0.0075  -0.0027 18  GLU A CB  
132 C CG  . GLU A 18 ? 0.3389 0.3253 0.3568 -0.0346 0.0135  -0.0023 18  GLU A CG  
133 C CD  . GLU A 18 ? 0.4967 0.4755 0.5040 -0.0378 0.0175  0.0030  18  GLU A CD  
134 O OE1 . GLU A 18 ? 0.5365 0.5092 0.5340 -0.0347 0.0148  0.0059  18  GLU A OE1 
135 O OE2 . GLU A 18 ? 0.5598 0.5390 0.5683 -0.0430 0.0233  0.0042  18  GLU A OE2 
136 N N   . VAL A 19 ? 0.2077 0.2001 0.2180 -0.0137 -0.0021 -0.0056 19  VAL A N   
137 C CA  . VAL A 19 ? 0.1913 0.1832 0.1975 -0.0082 -0.0062 -0.0058 19  VAL A CA  
138 C C   . VAL A 19 ? 0.2112 0.2091 0.2218 -0.0033 -0.0098 -0.0104 19  VAL A C   
139 O O   . VAL A 19 ? 0.2089 0.2055 0.2189 0.0000  -0.0140 -0.0131 19  VAL A O   
140 C CB  . VAL A 19 ? 0.2237 0.2169 0.2241 -0.0055 -0.0049 -0.0022 19  VAL A CB  
141 C CG1 . VAL A 19 ? 0.2596 0.2564 0.2577 0.0009  -0.0077 -0.0029 19  VAL A CG1 
142 C CG2 . VAL A 19 ? 0.2029 0.1889 0.1978 -0.0085 -0.0038 0.0010  19  VAL A CG2 
143 N N   . LEU A 20 ? 0.1936 0.1984 0.2083 -0.0023 -0.0088 -0.0118 20  LEU A N   
144 C CA  . LEU A 20 ? 0.2329 0.2433 0.2505 0.0032  -0.0127 -0.0162 20  LEU A CA  
145 C C   . LEU A 20 ? 0.2633 0.2716 0.2872 0.0019  -0.0166 -0.0216 20  LEU A C   
146 O O   . LEU A 20 ? 0.3249 0.3344 0.3482 0.0072  -0.0215 -0.0255 20  LEU A O   
147 C CB  . LEU A 20 ? 0.2558 0.2725 0.2777 0.0038  -0.0114 -0.0174 20  LEU A CB  
148 C CG  . LEU A 20 ? 0.2343 0.2533 0.2500 0.0080  -0.0100 -0.0134 20  LEU A CG  
149 C CD1 . LEU A 20 ? 0.2555 0.2792 0.2759 0.0086  -0.0094 -0.0150 20  LEU A CD1 
150 C CD2 . LEU A 20 ? 0.2361 0.2567 0.2455 0.0152  -0.0131 -0.0134 20  LEU A CD2 
151 N N   . GLU A 21 ? 0.2150 0.2204 0.2455 -0.0053 -0.0142 -0.0220 21  GLU A N   
152 C CA  . GLU A 21 ? 0.2533 0.2565 0.2924 -0.0077 -0.0175 -0.0270 21  GLU A CA  
153 C C   . GLU A 21 ? 0.2102 0.2043 0.2450 -0.0076 -0.0204 -0.0262 21  GLU A C   
154 O O   . GLU A 21 ? 0.2465 0.2391 0.2860 -0.0057 -0.0259 -0.0316 21  GLU A O   
155 C CB  . GLU A 21 ? 0.3026 0.3064 0.3513 -0.0159 -0.0130 -0.0272 21  GLU A CB  
156 N N   . ASN A 22 ? 0.2140 0.2021 0.2398 -0.0088 -0.0178 -0.0205 22  ASN A N   
157 C CA  . ASN A 22 ? 0.2320 0.2101 0.2540 -0.0095 -0.0206 -0.0196 22  ASN A CA  
158 C C   . ASN A 22 ? 0.2080 0.1867 0.2233 -0.0016 -0.0251 -0.0208 22  ASN A C   
159 O O   . ASN A 22 ? 0.2322 0.2033 0.2456 -0.0006 -0.0289 -0.0218 22  ASN A O   
160 C CB  . ASN A 22 ? 0.2671 0.2373 0.2833 -0.0151 -0.0159 -0.0131 22  ASN A CB  
161 C CG  . ASN A 22 ? 0.3602 0.3283 0.3825 -0.0234 -0.0111 -0.0119 22  ASN A CG  
162 O OD1 . ASN A 22 ? 0.3826 0.3530 0.4157 -0.0259 -0.0122 -0.0162 22  ASN A OD1 
163 N ND2 . ASN A 22 ? 0.3608 0.3253 0.3769 -0.0273 -0.0058 -0.0064 22  ASN A ND2 
164 N N   . TYR A 23 ? 0.1814 0.1688 0.1933 0.0043  -0.0247 -0.0210 23  TYR A N   
165 C CA  . TYR A 23 ? 0.1693 0.1589 0.1744 0.0116  -0.0273 -0.0215 23  TYR A CA  
166 C C   . TYR A 23 ? 0.1862 0.1841 0.1914 0.0187  -0.0304 -0.0261 23  TYR A C   
167 O O   . TYR A 23 ? 0.1912 0.1957 0.1910 0.0236  -0.0285 -0.0240 23  TYR A O   
168 C CB  . TYR A 23 ? 0.2004 0.1916 0.1993 0.0117  -0.0230 -0.0156 23  TYR A CB  
169 C CG  . TYR A 23 ? 0.2226 0.2046 0.2189 0.0068  -0.0218 -0.0122 23  TYR A CG  
170 C CD1 . TYR A 23 ? 0.2345 0.2128 0.2320 0.0000  -0.0178 -0.0089 23  TYR A CD1 
171 C CD2 . TYR A 23 ? 0.2236 0.2009 0.2159 0.0098  -0.0250 -0.0124 23  TYR A CD2 
172 C CE1 . TYR A 23 ? 0.2361 0.2055 0.2293 -0.0037 -0.0171 -0.0055 23  TYR A CE1 
173 C CE2 . TYR A 23 ? 0.2877 0.2555 0.2764 0.0062  -0.0248 -0.0093 23  TYR A CE2 
174 C CZ  . TYR A 23 ? 0.2626 0.2261 0.2509 -0.0004 -0.0209 -0.0056 23  TYR A CZ  
175 O OH  . TYR A 23 ? 0.3931 0.3468 0.3760 -0.0032 -0.0209 -0.0021 23  TYR A OH  
176 N N   . PRO A 24 ? 0.1788 0.1765 0.1901 0.0199  -0.0353 -0.0325 24  PRO A N   
177 C CA  . PRO A 24 ? 0.1804 0.1859 0.1907 0.0277  -0.0391 -0.0374 24  PRO A CA  
178 C C   . PRO A 24 ? 0.2101 0.2191 0.2116 0.0363  -0.0410 -0.0383 24  PRO A C   
179 O O   . PRO A 24 ? 0.2295 0.2458 0.2261 0.0433  -0.0418 -0.0399 24  PRO A O   
180 C CB  . PRO A 24 ? 0.2220 0.2251 0.2422 0.0265  -0.0451 -0.0451 24  PRO A CB  
181 C CG  . PRO A 24 ? 0.2066 0.1990 0.2300 0.0202  -0.0454 -0.0440 24  PRO A CG  
182 C CD  . PRO A 24 ? 0.2009 0.1907 0.2202 0.0144  -0.0382 -0.0356 24  PRO A CD  
183 N N   . LEU A 25 ? 0.1898 0.1938 0.1883 0.0367  -0.0419 -0.0377 25  LEU A N   
184 C CA  . LEU A 25 ? 0.1894 0.1977 0.1806 0.0451  -0.0437 -0.0395 25  LEU A CA  
185 C C   . LEU A 25 ? 0.2055 0.2156 0.1915 0.0446  -0.0381 -0.0329 25  LEU A C   
186 O O   . LEU A 25 ? 0.2137 0.2264 0.1954 0.0501  -0.0391 -0.0341 25  LEU A O   
187 C CB  . LEU A 25 ? 0.2211 0.2237 0.2142 0.0482  -0.0508 -0.0464 25  LEU A CB  
188 C CG  . LEU A 25 ? 0.2287 0.2296 0.2289 0.0489  -0.0574 -0.0541 25  LEU A CG  
189 C CD1 . LEU A 25 ? 0.2547 0.2487 0.2572 0.0520  -0.0648 -0.0607 25  LEU A CD1 
190 C CD2 . LEU A 25 ? 0.2587 0.2696 0.2546 0.0569  -0.0587 -0.0574 25  LEU A CD2 
191 N N   . THR A 26 ? 0.1979 0.2074 0.1850 0.0384  -0.0325 -0.0266 26  THR A N   
192 C CA  . THR A 26 ? 0.2035 0.2147 0.1876 0.0373  -0.0277 -0.0208 26  THR A CA  
193 C C   . THR A 26 ? 0.1763 0.1939 0.1589 0.0368  -0.0222 -0.0157 26  THR A C   
194 O O   . THR A 26 ? 0.1808 0.1958 0.1662 0.0307  -0.0191 -0.0120 26  THR A O   
195 C CB  . THR A 26 ? 0.1803 0.1829 0.1666 0.0306  -0.0271 -0.0181 26  THR A CB  
196 O OG1 . THR A 26 ? 0.2191 0.2138 0.2066 0.0308  -0.0326 -0.0224 26  THR A OG1 
197 C CG2 . THR A 26 ? 0.2059 0.2111 0.1897 0.0314  -0.0241 -0.0143 26  THR A CG2 
198 N N   . PRO A 27 ? 0.1747 0.2000 0.1524 0.0433  -0.0208 -0.0154 27  PRO A N   
199 C CA  . PRO A 27 ? 0.2218 0.2516 0.1979 0.0430  -0.0162 -0.0105 27  PRO A CA  
200 C C   . PRO A 27 ? 0.1924 0.2214 0.1709 0.0375  -0.0109 -0.0041 27  PRO A C   
201 O O   . PRO A 27 ? 0.1962 0.2245 0.1763 0.0345  -0.0087 -0.0010 27  PRO A O   
202 C CB  . PRO A 27 ? 0.1973 0.2346 0.1658 0.0516  -0.0155 -0.0107 27  PRO A CB  
203 C CG  . PRO A 27 ? 0.1888 0.2258 0.1560 0.0568  -0.0217 -0.0184 27  PRO A CG  
204 C CD  . PRO A 27 ? 0.2031 0.2331 0.1762 0.0516  -0.0240 -0.0201 27  PRO A CD  
205 N N   . VAL A 28 ? 0.1809 0.2100 0.1605 0.0364  -0.0094 -0.0025 28  VAL A N   
206 C CA  . VAL A 28 ? 0.1716 0.2002 0.1546 0.0313  -0.0051 0.0027  28  VAL A CA  
207 C C   . VAL A 28 ? 0.1776 0.1990 0.1638 0.0247  -0.0058 0.0029  28  VAL A C   
208 O O   . VAL A 28 ? 0.1748 0.1958 0.1632 0.0211  -0.0028 0.0065  28  VAL A O   
209 C CB  . VAL A 28 ? 0.1975 0.2289 0.1821 0.0319  -0.0039 0.0034  28  VAL A CB  
210 C CG1 . VAL A 28 ? 0.1927 0.2176 0.1780 0.0308  -0.0085 -0.0005 28  VAL A CG1 
211 C CG2 . VAL A 28 ? 0.2190 0.2515 0.2082 0.0275  0.0005  0.0084  28  VAL A CG2 
212 N N   . MET A 29 ? 0.1927 0.2083 0.1795 0.0230  -0.0097 -0.0008 29  MET A N   
213 C CA  . MET A 29 ? 0.2005 0.2098 0.1899 0.0168  -0.0094 -0.0004 29  MET A CA  
214 C C   . MET A 29 ? 0.1672 0.1789 0.1585 0.0160  -0.0083 -0.0005 29  MET A C   
215 O O   . MET A 29 ? 0.1776 0.1882 0.1711 0.0119  -0.0057 0.0017  29  MET A O   
216 C CB  . MET A 29 ? 0.1855 0.1878 0.1751 0.0150  -0.0132 -0.0038 29  MET A CB  
217 C CG  . MET A 29 ? 0.2254 0.2230 0.2126 0.0156  -0.0152 -0.0037 29  MET A CG  
218 S SD  . MET A 29 ? 0.2278 0.2205 0.2139 0.0104  -0.0127 0.0005  29  MET A SD  
219 C CE  . MET A 29 ? 0.2520 0.2351 0.2375 0.0043  -0.0132 0.0003  29  MET A CE  
220 N N   . ARG A 30 ? 0.1703 0.1854 0.1611 0.0205  -0.0107 -0.0037 30  ARG A N   
221 C CA  . ARG A 30 ? 0.1653 0.1829 0.1582 0.0207  -0.0105 -0.0046 30  ARG A CA  
222 C C   . ARG A 30 ? 0.1840 0.2048 0.1750 0.0220  -0.0070 0.0003  30  ARG A C   
223 O O   . ARG A 30 ? 0.1745 0.1952 0.1684 0.0198  -0.0058 0.0009  30  ARG A O   
224 C CB  . ARG A 30 ? 0.1869 0.2072 0.1792 0.0261  -0.0150 -0.0098 30  ARG A CB  
225 C CG  . ARG A 30 ? 0.2175 0.2334 0.2141 0.0239  -0.0190 -0.0150 30  ARG A CG  
226 C CD  . ARG A 30 ? 0.2404 0.2588 0.2403 0.0273  -0.0240 -0.0214 30  ARG A CD  
227 N NE  . ARG A 30 ? 0.2259 0.2494 0.2192 0.0362  -0.0267 -0.0234 30  ARG A NE  
228 C CZ  . ARG A 30 ? 0.2067 0.2326 0.2010 0.0413  -0.0323 -0.0299 30  ARG A CZ  
229 N NH1 . ARG A 30 ? 0.2182 0.2425 0.2221 0.0377  -0.0356 -0.0352 30  ARG A NH1 
230 N NH2 . ARG A 30 ? 0.2610 0.2914 0.2470 0.0501  -0.0343 -0.0313 30  ARG A NH2 
231 N N   . ALA A 31 ? 0.1975 0.2213 0.1844 0.0253  -0.0050 0.0035  31  ALA A N   
232 C CA  . ALA A 31 ? 0.2024 0.2282 0.1882 0.0258  -0.0012 0.0089  31  ALA A CA  
233 C C   . ALA A 31 ? 0.1839 0.2063 0.1745 0.0197  0.0013  0.0116  31  ALA A C   
234 O O   . ALA A 31 ? 0.1843 0.2060 0.1766 0.0185  0.0027  0.0138  31  ALA A O   
235 C CB  . ALA A 31 ? 0.2075 0.2377 0.1894 0.0298  0.0014  0.0122  31  ALA A CB  
236 N N   . ALA A 32 ? 0.1672 0.1870 0.1596 0.0163  0.0011  0.0110  32  ALA A N   
237 C CA  . ALA A 32 ? 0.1593 0.1758 0.1553 0.0111  0.0027  0.0125  32  ALA A CA  
238 C C   . ALA A 32 ? 0.1582 0.1723 0.1561 0.0082  0.0022  0.0103  32  ALA A C   
239 O O   . ALA A 32 ? 0.1643 0.1778 0.1649 0.0062  0.0037  0.0118  32  ALA A O   
240 C CB  . ALA A 32 ? 0.1749 0.1885 0.1706 0.0090  0.0016  0.0115  32  ALA A CB  
241 N N   . ALA A 33 ? 0.1609 0.1741 0.1589 0.0080  0.0000  0.0065  33  ALA A N   
242 C CA  . ALA A 33 ? 0.1637 0.1761 0.1653 0.0050  0.0001  0.0040  33  ALA A CA  
243 C C   . ALA A 33 ? 0.1943 0.2100 0.1979 0.0074  0.0002  0.0041  33  ALA A C   
244 O O   . ALA A 33 ? 0.1801 0.1958 0.1870 0.0050  0.0017  0.0037  33  ALA A O   
245 C CB  . ALA A 33 ? 0.1697 0.1810 0.1727 0.0043  -0.0024 -0.0001 33  ALA A CB  
246 N N   . ARG A 34 ? 0.1750 0.1938 0.1760 0.0128  -0.0014 0.0042  34  ARG A N   
247 C CA  . ARG A 34 ? 0.2045 0.2253 0.2061 0.0160  -0.0020 0.0043  34  ARG A CA  
248 C C   . ARG A 34 ? 0.1796 0.1986 0.1812 0.0151  0.0007  0.0092  34  ARG A C   
249 O O   . ARG A 34 ? 0.1768 0.1954 0.1813 0.0152  0.0004  0.0087  34  ARG A O   
250 C CB  . ARG A 34 ? 0.2070 0.2304 0.2033 0.0228  -0.0045 0.0041  34  ARG A CB  
251 C CG  . ARG A 34 ? 0.2471 0.2726 0.2448 0.0248  -0.0085 -0.0022 34  ARG A CG  
252 C CD  . ARG A 34 ? 0.3127 0.3411 0.3044 0.0328  -0.0117 -0.0031 34  ARG A CD  
253 N NE  . ARG A 34 ? 0.3575 0.3875 0.3491 0.0353  -0.0159 -0.0089 34  ARG A NE  
254 C CZ  . ARG A 34 ? 0.3415 0.3718 0.3281 0.0379  -0.0162 -0.0087 34  ARG A CZ  
255 N NH1 . ARG A 34 ? 0.3298 0.3601 0.3115 0.0380  -0.0120 -0.0029 34  ARG A NH1 
256 N NH2 . ARG A 34 ? 0.3763 0.4074 0.3639 0.0404  -0.0209 -0.0149 34  ARG A NH2 
257 N N   . ALA A 35 ? 0.1758 0.1938 0.1755 0.0143  0.0029  0.0133  35  ALA A N   
258 C CA  . ALA A 35 ? 0.1896 0.2054 0.1912 0.0127  0.0053  0.0176  35  ALA A CA  
259 C C   . ALA A 35 ? 0.1782 0.1916 0.1846 0.0081  0.0055  0.0155  35  ALA A C   
260 O O   . ALA A 35 ? 0.1740 0.1857 0.1832 0.0077  0.0058  0.0164  35  ALA A O   
261 C CB  . ALA A 35 ? 0.1813 0.1978 0.1819 0.0124  0.0076  0.0217  35  ALA A CB  
262 N N   . ILE A 36 ? 0.1555 0.1684 0.1620 0.0049  0.0053  0.0127  36  ILE A N   
263 C CA  . ILE A 36 ? 0.1891 0.2000 0.1982 0.0011  0.0060  0.0105  36  ILE A CA  
264 C C   . ILE A 36 ? 0.1675 0.1802 0.1798 0.0014  0.0056  0.0072  36  ILE A C   
265 O O   . ILE A 36 ? 0.1887 0.2005 0.2038 0.0004  0.0062  0.0063  36  ILE A O   
266 C CB  . ILE A 36 ? 0.1674 0.1764 0.1742 -0.0020 0.0061  0.0090  36  ILE A CB  
267 C CG1 . ILE A 36 ? 0.1636 0.1706 0.1684 -0.0022 0.0060  0.0115  36  ILE A CG1 
268 C CG2 . ILE A 36 ? 0.1828 0.1903 0.1903 -0.0054 0.0074  0.0065  36  ILE A CG2 
269 C CD1 . ILE A 36 ? 0.2175 0.2219 0.2186 -0.0035 0.0051  0.0104  36  ILE A CD1 
270 N N   . ILE A 37 ? 0.1678 0.1833 0.1806 0.0033  0.0042  0.0045  37  ILE A N   
271 C CA  . ILE A 37 ? 0.1863 0.2049 0.2040 0.0039  0.0034  0.0004  37  ILE A CA  
272 C C   . ILE A 37 ? 0.1897 0.2078 0.2086 0.0074  0.0023  0.0019  37  ILE A C   
273 O O   . ILE A 37 ? 0.1826 0.2015 0.2056 0.0070  0.0025  -0.0007 37  ILE A O   
274 C CB  . ILE A 37 ? 0.1989 0.2211 0.2184 0.0056  0.0012  -0.0034 37  ILE A CB  
275 C CG1 . ILE A 37 ? 0.1780 0.1993 0.1978 0.0011  0.0024  -0.0049 37  ILE A CG1 
276 C CG2 . ILE A 37 ? 0.2069 0.2334 0.2326 0.0072  -0.0002 -0.0081 37  ILE A CG2 
277 C CD1 . ILE A 37 ? 0.2330 0.2559 0.2537 0.0030  -0.0005 -0.0077 37  ILE A CD1 
278 N N   . GLU A 38 ? 0.1809 0.1973 0.1957 0.0111  0.0014  0.0061  38  GLU A N   
279 C CA  . GLU A 38 ? 0.1861 0.1999 0.2009 0.0143  0.0005  0.0087  38  GLU A CA  
280 C C   . GLU A 38 ? 0.1693 0.1794 0.1870 0.0110  0.0021  0.0105  38  GLU A C   
281 O O   . GLU A 38 ? 0.1930 0.2011 0.2139 0.0123  0.0008  0.0096  38  GLU A O   
282 C CB  . GLU A 38 ? 0.2267 0.2392 0.2353 0.0186  0.0001  0.0139  38  GLU A CB  
283 C CG  . GLU A 38 ? 0.3720 0.3806 0.3792 0.0226  -0.0012 0.0171  38  GLU A CG  
284 C CD  . GLU A 38 ? 0.5881 0.5986 0.5981 0.0262  -0.0051 0.0116  38  GLU A CD  
285 O OE1 . GLU A 38 ? 0.6390 0.6455 0.6507 0.0280  -0.0066 0.0124  38  GLU A OE1 
286 O OE2 . GLU A 38 ? 0.6588 0.6744 0.6700 0.0272  -0.0070 0.0062  38  GLU A OE2 
287 N N   . ALA A 39 ? 0.1764 0.1853 0.1933 0.0075  0.0042  0.0125  39  ALA A N   
288 C CA  . ALA A 39 ? 0.1707 0.1763 0.1910 0.0048  0.0048  0.0134  39  ALA A CA  
289 C C   . ALA A 39 ? 0.1900 0.1964 0.2132 0.0029  0.0046  0.0080  39  ALA A C   
290 O O   . ALA A 39 ? 0.1617 0.1654 0.1884 0.0028  0.0038  0.0072  39  ALA A O   
291 C CB  . ALA A 39 ? 0.1565 0.1616 0.1756 0.0021  0.0063  0.0159  39  ALA A CB  
292 N N   . VAL A 40 ? 0.1695 0.1796 0.1918 0.0016  0.0054  0.0043  40  VAL A N   
293 C CA  . VAL A 40 ? 0.1691 0.1813 0.1940 0.0001  0.0062  -0.0008 40  VAL A CA  
294 C C   . VAL A 40 ? 0.1731 0.1869 0.2027 0.0035  0.0044  -0.0036 40  VAL A C   
295 O O   . VAL A 40 ? 0.1732 0.1867 0.2056 0.0036  0.0042  -0.0066 40  VAL A O   
296 C CB  . VAL A 40 ? 0.1574 0.1732 0.1811 -0.0025 0.0082  -0.0034 40  VAL A CB  
297 C CG1 . VAL A 40 ? 0.1975 0.2171 0.2247 -0.0038 0.0101  -0.0086 40  VAL A CG1 
298 C CG2 . VAL A 40 ? 0.1730 0.1856 0.1912 -0.0055 0.0094  -0.0008 40  VAL A CG2 
299 N N   . LYS A 41 ? 0.1602 0.1755 0.1904 0.0069  0.0025  -0.0032 41  LYS A N   
300 C CA  . LYS A 41 ? 0.1700 0.1859 0.2042 0.0111  -0.0003 -0.0059 41  LYS A CA  
301 C C   . LYS A 41 ? 0.1486 0.1580 0.1835 0.0124  -0.0018 -0.0030 41  LYS A C   
302 O O   . LYS A 41 ? 0.1734 0.1826 0.2127 0.0141  -0.0034 -0.0068 41  LYS A O   
303 C CB  . LYS A 41 ? 0.2001 0.2175 0.2329 0.0155  -0.0029 -0.0053 41  LYS A CB  
304 C CG  . LYS A 41 ? 0.1932 0.2112 0.2294 0.0208  -0.0068 -0.0084 41  LYS A CG  
305 C CD  . LYS A 41 ? 0.2813 0.3012 0.3149 0.0257  -0.0099 -0.0086 41  LYS A CD  
306 C CE  . LYS A 41 ? 0.3308 0.3504 0.3671 0.0320  -0.0147 -0.0117 41  LYS A CE  
307 N NZ  . LYS A 41 ? 0.3889 0.4106 0.4216 0.0375  -0.0185 -0.0124 41  LYS A NZ  
308 N N   . MET A 42 ? 0.1748 0.1789 0.2064 0.0114  -0.0012 0.0033  42  MET A N   
309 C CA  . MET A 42 ? 0.2015 0.1989 0.2355 0.0118  -0.0024 0.0064  42  MET A CA  
310 C C   . MET A 42 ? 0.1791 0.1757 0.2168 0.0089  -0.0022 0.0026  42  MET A C   
311 O O   . MET A 42 ? 0.1900 0.1828 0.2320 0.0104  -0.0046 0.0007  42  MET A O   
312 C CB  . MET A 42 ? 0.2041 0.1975 0.2352 0.0107  -0.0008 0.0140  42  MET A CB  
313 C CG  . MET A 42 ? 0.2169 0.2101 0.2426 0.0147  -0.0011 0.0183  42  MET A CG  
314 S SD  . MET A 42 ? 0.3304 0.3182 0.3563 0.0205  -0.0051 0.0187  42  MET A SD  
315 C CE  . MET A 42 ? 0.3972 0.3928 0.4224 0.0243  -0.0076 0.0113  42  MET A CE  
316 N N   . ALA A 43 ? 0.1576 0.1575 0.1932 0.0055  0.0002  0.0010  43  ALA A N   
317 C CA  . ALA A 43 ? 0.1824 0.1819 0.2193 0.0036  0.0001  -0.0030 43  ALA A CA  
318 C C   . ALA A 43 ? 0.1564 0.1592 0.1962 0.0057  -0.0006 -0.0096 43  ALA A C   
319 O O   . ALA A 43 ? 0.1650 0.1657 0.2079 0.0067  -0.0025 -0.0131 43  ALA A O   
320 C CB  . ALA A 43 ? 0.2012 0.2031 0.2332 0.0003  0.0026  -0.0032 43  ALA A CB  
321 N N   . LYS A 44 ? 0.1531 0.1619 0.1929 0.0067  0.0006  -0.0122 44  LYS A N   
322 C CA  . LYS A 44 ? 0.1616 0.1755 0.2056 0.0089  0.0004  -0.0190 44  LYS A CA  
323 C C   . LYS A 44 ? 0.1496 0.1600 0.1986 0.0137  -0.0040 -0.0203 44  LYS A C   
324 O O   . LYS A 44 ? 0.1874 0.2005 0.2406 0.0162  -0.0051 -0.0264 44  LYS A O   
325 C CB  . LYS A 44 ? 0.1902 0.2121 0.2349 0.0081  0.0030  -0.0216 44  LYS A CB  
326 C CG  . LYS A 44 ? 0.1935 0.2180 0.2337 0.0032  0.0075  -0.0212 44  LYS A CG  
327 C CD  . LYS A 44 ? 0.2553 0.2867 0.2981 0.0018  0.0098  -0.0233 44  LYS A CD  
328 C CE  . LYS A 44 ? 0.3551 0.3907 0.3959 -0.0025 0.0151  -0.0255 44  LYS A CE  
329 N NZ  . LYS A 44 ? 0.3073 0.3505 0.3537 -0.0043 0.0175  -0.0283 44  LYS A NZ  
330 N N   . LYS A 45 ? 0.1816 0.1862 0.2295 0.0155  -0.0063 -0.0144 45  LYS A N   
331 C CA  . LYS A 45 ? 0.1766 0.1758 0.2278 0.0203  -0.0107 -0.0143 45  LYS A CA  
332 C C   . LYS A 45 ? 0.2226 0.2140 0.2769 0.0200  -0.0129 -0.0139 45  LYS A C   
333 O O   . LYS A 45 ? 0.2064 0.1953 0.2652 0.0236  -0.0165 -0.0182 45  LYS A O   
334 C CB  . LYS A 45 ? 0.2595 0.2544 0.3067 0.0224  -0.0119 -0.0074 45  LYS A CB  
335 C CG  . LYS A 45 ? 0.2846 0.2714 0.3332 0.0275  -0.0165 -0.0054 45  LYS A CG  
336 C CD  . LYS A 45 ? 0.3176 0.3011 0.3597 0.0305  -0.0172 0.0013  45  LYS A CD  
337 C CE  . LYS A 45 ? 0.4311 0.4050 0.4727 0.0360  -0.0220 0.0040  45  LYS A CE  
338 N NZ  . LYS A 45 ? 0.4931 0.4698 0.5409 0.0405  -0.0264 -0.0047 45  LYS A NZ  
339 N N   . TYR A 46 ? 0.2123 0.2000 0.2650 0.0159  -0.0113 -0.0094 46  TYR A N   
340 C CA  . TYR A 46 ? 0.2114 0.1910 0.2687 0.0150  -0.0137 -0.0083 46  TYR A CA  
341 C C   . TYR A 46 ? 0.2462 0.2280 0.3045 0.0130  -0.0136 -0.0141 46  TYR A C   
342 O O   . TYR A 46 ? 0.2175 0.1947 0.2810 0.0144  -0.0173 -0.0179 46  TYR A O   
343 C CB  . TYR A 46 ? 0.2245 0.1980 0.2810 0.0122  -0.0126 0.0007  46  TYR A CB  
344 C CG  . TYR A 46 ? 0.2496 0.2189 0.3036 0.0150  -0.0130 0.0071  46  TYR A CG  
345 C CD1 . TYR A 46 ? 0.3268 0.2879 0.3838 0.0187  -0.0170 0.0081  46  TYR A CD1 
346 C CD2 . TYR A 46 ? 0.2701 0.2431 0.3176 0.0147  -0.0099 0.0119  46  TYR A CD2 
347 C CE1 . TYR A 46 ? 0.3782 0.3345 0.4307 0.0219  -0.0175 0.0144  46  TYR A CE1 
348 C CE2 . TYR A 46 ? 0.3442 0.3133 0.3875 0.0182  -0.0105 0.0176  46  TYR A CE2 
349 C CZ  . TYR A 46 ? 0.3647 0.3254 0.4100 0.0219  -0.0142 0.0191  46  TYR A CZ  
350 O OH  . TYR A 46 ? 0.4257 0.3816 0.4648 0.0260  -0.0151 0.0252  46  TYR A OH  
351 N N   . GLY A 47 ? 0.2072 0.1950 0.2605 0.0101  -0.0100 -0.0150 47  GLY A N   
352 C CA  . GLY A 47 ? 0.1990 0.1892 0.2509 0.0090  -0.0098 -0.0204 47  GLY A CA  
353 C C   . GLY A 47 ? 0.2183 0.2031 0.2721 0.0066  -0.0116 -0.0187 47  GLY A C   
354 O O   . GLY A 47 ? 0.2563 0.2424 0.3080 0.0066  -0.0123 -0.0236 47  GLY A O   
355 N N   . ASP A 48 ? 0.2015 0.1809 0.2593 0.0049  -0.0124 -0.0121 48  ASP A N   
356 C CA  . ASP A 48 ? 0.2132 0.1884 0.2758 0.0023  -0.0143 -0.0111 48  ASP A CA  
357 C C   . ASP A 48 ? 0.2061 0.1858 0.2628 0.0000  -0.0123 -0.0115 48  ASP A C   
358 O O   . ASP A 48 ? 0.2068 0.1903 0.2576 -0.0012 -0.0088 -0.0079 48  ASP A O   
359 C CB  . ASP A 48 ? 0.2679 0.2380 0.3359 0.0002  -0.0138 -0.0029 48  ASP A CB  
360 C CG  . ASP A 48 ? 0.3196 0.2826 0.3933 0.0024  -0.0164 -0.0014 48  ASP A CG  
361 O OD1 . ASP A 48 ? 0.2940 0.2578 0.3636 0.0056  -0.0160 -0.0011 48  ASP A OD1 
362 O OD2 . ASP A 48 ? 0.3304 0.2865 0.4129 0.0010  -0.0193 -0.0008 48  ASP A OD2 
363 N N   . GLU A 49 ? 0.2216 0.2002 0.2797 -0.0001 -0.0153 -0.0163 49  GLU A N   
364 C CA  . GLU A 49 ? 0.2174 0.1993 0.2680 -0.0011 -0.0143 -0.0176 49  GLU A CA  
365 C C   . GLU A 49 ? 0.1943 0.1768 0.2457 -0.0041 -0.0124 -0.0113 49  GLU A C   
366 O O   . GLU A 49 ? 0.2029 0.1886 0.2461 -0.0048 -0.0099 -0.0101 49  GLU A O   
367 C CB  . GLU A 49 ? 0.2426 0.2227 0.2941 0.0003  -0.0188 -0.0244 49  GLU A CB  
368 C CG  . GLU A 49 ? 0.2846 0.2672 0.3257 0.0004  -0.0181 -0.0258 49  GLU A CG  
369 C CD  . GLU A 49 ? 0.3464 0.3276 0.3859 0.0030  -0.0231 -0.0332 49  GLU A CD  
370 O OE1 . GLU A 49 ? 0.3241 0.3019 0.3737 0.0039  -0.0281 -0.0369 49  GLU A OE1 
371 O OE2 . GLU A 49 ? 0.4026 0.3854 0.4300 0.0045  -0.0223 -0.0353 49  GLU A OE2 
372 N N   . GLU A 50 ? 0.1993 0.1789 0.2606 -0.0059 -0.0134 -0.0074 50  GLU A N   
373 C CA  . GLU A 50 ? 0.1712 0.1530 0.2340 -0.0085 -0.0112 -0.0021 50  GLU A CA  
374 C C   . GLU A 50 ? 0.1815 0.1663 0.2375 -0.0083 -0.0066 0.0032  50  GLU A C   
375 O O   . GLU A 50 ? 0.2113 0.1996 0.2628 -0.0090 -0.0046 0.0053  50  GLU A O   
376 C CB  . GLU A 50 ? 0.2361 0.2149 0.3121 -0.0110 -0.0122 0.0011  50  GLU A CB  
377 C CG  . GLU A 50 ? 0.2739 0.2563 0.3537 -0.0134 -0.0104 0.0049  50  GLU A CG  
378 C CD  . GLU A 50 ? 0.3173 0.3012 0.4011 -0.0139 -0.0146 -0.0007 50  GLU A CD  
379 O OE1 . GLU A 50 ? 0.2674 0.2494 0.3480 -0.0117 -0.0187 -0.0073 50  GLU A OE1 
380 O OE2 . GLU A 50 ? 0.2848 0.2722 0.3751 -0.0158 -0.0139 0.0013  50  GLU A OE2 
381 N N   . LEU A 51 ? 0.1983 0.1817 0.2539 -0.0068 -0.0055 0.0048  51  LEU A N   
382 C CA  . LEU A 51 ? 0.2036 0.1901 0.2526 -0.0058 -0.0022 0.0083  51  LEU A CA  
383 C C   . LEU A 51 ? 0.1904 0.1810 0.2307 -0.0055 -0.0011 0.0049  51  LEU A C   
384 O O   . LEU A 51 ? 0.1889 0.1823 0.2244 -0.0059 0.0011  0.0075  51  LEU A O   
385 C CB  . LEU A 51 ? 0.2123 0.1963 0.2626 -0.0033 -0.0028 0.0089  51  LEU A CB  
386 C CG  . LEU A 51 ? 0.2249 0.2120 0.2689 -0.0010 -0.0010 0.0101  51  LEU A CG  
387 C CD1 . LEU A 51 ? 0.2831 0.2722 0.3239 -0.0015 0.0017  0.0160  51  LEU A CD1 
388 C CD2 . LEU A 51 ? 0.2230 0.2064 0.2696 0.0021  -0.0028 0.0104  51  LEU A CD2 
389 N N   . ILE A 52 ? 0.1895 0.1803 0.2275 -0.0046 -0.0023 -0.0008 52  ILE A N   
390 C CA  . ILE A 52 ? 0.1906 0.1845 0.2202 -0.0049 -0.0005 -0.0033 52  ILE A CA  
391 C C   . ILE A 52 ? 0.1855 0.1792 0.2110 -0.0065 -0.0004 -0.0018 52  ILE A C   
392 O O   . ILE A 52 ? 0.1813 0.1766 0.2007 -0.0072 0.0016  -0.0002 52  ILE A O   
393 C CB  . ILE A 52 ? 0.2014 0.1959 0.2292 -0.0035 -0.0013 -0.0096 52  ILE A CB  
394 C CG1 . ILE A 52 ? 0.1982 0.1941 0.2302 -0.0013 -0.0013 -0.0120 52  ILE A CG1 
395 C CG2 . ILE A 52 ? 0.1968 0.1936 0.2151 -0.0045 0.0014  -0.0111 52  ILE A CG2 
396 C CD1 . ILE A 52 ? 0.2207 0.2171 0.2526 0.0008  -0.0026 -0.0189 52  ILE A CD1 
397 N N   . LYS A 53 ? 0.1846 0.1761 0.2142 -0.0068 -0.0034 -0.0028 53  LYS A N   
398 C CA  . LYS A 53 ? 0.1957 0.1868 0.2217 -0.0075 -0.0045 -0.0025 53  LYS A CA  
399 C C   . LYS A 53 ? 0.1633 0.1565 0.1902 -0.0084 -0.0026 0.0026  53  LYS A C   
400 O O   . LYS A 53 ? 0.1910 0.1846 0.2118 -0.0084 -0.0023 0.0032  53  LYS A O   
401 C CB  . LYS A 53 ? 0.2053 0.1944 0.2381 -0.0073 -0.0088 -0.0053 53  LYS A CB  
402 C CG  . LYS A 53 ? 0.2324 0.2196 0.2610 -0.0054 -0.0116 -0.0115 53  LYS A CG  
403 C CD  . LYS A 53 ? 0.3886 0.3738 0.4263 -0.0050 -0.0168 -0.0152 53  LYS A CD  
404 C CE  . LYS A 53 ? 0.5097 0.4936 0.5396 -0.0024 -0.0206 -0.0208 53  LYS A CE  
405 N NZ  . LYS A 53 ? 0.4869 0.4701 0.5262 -0.0022 -0.0262 -0.0238 53  LYS A NZ  
406 N N   . LEU A 54 ? 0.1718 0.1659 0.2056 -0.0087 -0.0012 0.0063  54  LEU A N   
407 C CA  . LEU A 54 ? 0.1606 0.1576 0.1942 -0.0088 0.0010  0.0108  54  LEU A CA  
408 C C   . LEU A 54 ? 0.1844 0.1827 0.2095 -0.0079 0.0029  0.0112  54  LEU A C   
409 O O   . LEU A 54 ? 0.1926 0.1924 0.2141 -0.0077 0.0034  0.0123  54  LEU A O   
410 C CB  . LEU A 54 ? 0.1876 0.1847 0.2283 -0.0089 0.0027  0.0153  54  LEU A CB  
411 C CG  . LEU A 54 ? 0.1762 0.1725 0.2276 -0.0109 0.0017  0.0163  54  LEU A CG  
412 C CD1 . LEU A 54 ? 0.2182 0.2126 0.2752 -0.0112 0.0038  0.0214  54  LEU A CD1 
413 C CD2 . LEU A 54 ? 0.1805 0.1811 0.2342 -0.0115 0.0024  0.0174  54  LEU A CD2 
414 N N   . VAL A 55 ? 0.1851 0.1831 0.2081 -0.0073 0.0036  0.0096  55  VAL A N   
415 C CA  . VAL A 55 ? 0.1893 0.1892 0.2066 -0.0070 0.0053  0.0092  55  VAL A CA  
416 C C   . VAL A 55 ? 0.1782 0.1768 0.1889 -0.0083 0.0052  0.0072  55  VAL A C   
417 O O   . VAL A 55 ? 0.1823 0.1811 0.1890 -0.0084 0.0058  0.0082  55  VAL A O   
418 C CB  . VAL A 55 ? 0.2164 0.2173 0.2349 -0.0060 0.0059  0.0069  55  VAL A CB  
419 C CG1 . VAL A 55 ? 0.2665 0.2701 0.2815 -0.0062 0.0073  0.0057  55  VAL A CG1 
420 C CG2 . VAL A 55 ? 0.2587 0.2592 0.2825 -0.0041 0.0053  0.0093  55  VAL A CG2 
421 N N   . VAL A 56 ? 0.1898 0.1862 0.1985 -0.0088 0.0042  0.0045  56  VAL A N   
422 C CA  . VAL A 56 ? 0.1956 0.1894 0.1960 -0.0097 0.0043  0.0033  56  VAL A CA  
423 C C   . VAL A 56 ? 0.2005 0.1926 0.1987 -0.0094 0.0025  0.0052  56  VAL A C   
424 O O   . VAL A 56 ? 0.2086 0.1984 0.2002 -0.0100 0.0029  0.0060  56  VAL A O   
425 C CB  . VAL A 56 ? 0.2058 0.1978 0.2032 -0.0093 0.0035  -0.0003 56  VAL A CB  
426 C CG1 . VAL A 56 ? 0.2428 0.2310 0.2295 -0.0096 0.0033  -0.0006 56  VAL A CG1 
427 C CG2 . VAL A 56 ? 0.2394 0.2341 0.2386 -0.0093 0.0057  -0.0029 56  VAL A CG2 
428 N N   . GLU A 57 ? 0.1878 0.1809 0.1922 -0.0085 0.0003  0.0058  57  GLU A N   
429 C CA  . GLU A 57 ? 0.1623 0.1552 0.1665 -0.0077 -0.0017 0.0068  57  GLU A CA  
430 C C   . GLU A 57 ? 0.1959 0.1912 0.1999 -0.0073 0.0001  0.0095  57  GLU A C   
431 O O   . GLU A 57 ? 0.1789 0.1726 0.1784 -0.0064 -0.0011 0.0096  57  GLU A O   
432 C CB  . GLU A 57 ? 0.2003 0.1952 0.2135 -0.0074 -0.0038 0.0063  57  GLU A CB  
433 C CG  . GLU A 57 ? 0.1804 0.1771 0.1957 -0.0063 -0.0057 0.0067  57  GLU A CG  
434 C CD  . GLU A 57 ? 0.2451 0.2372 0.2512 -0.0048 -0.0091 0.0045  57  GLU A CD  
435 O OE1 . GLU A 57 ? 0.2319 0.2195 0.2301 -0.0048 -0.0099 0.0028  57  GLU A OE1 
436 O OE2 . GLU A 57 ? 0.2240 0.2169 0.2299 -0.0032 -0.0109 0.0046  57  GLU A OE2 
437 N N   . ALA A 58 ? 0.1635 0.1620 0.1716 -0.0071 0.0023  0.0112  58  ALA A N   
438 C CA  . ALA A 58 ? 0.1740 0.1749 0.1807 -0.0058 0.0035  0.0129  58  ALA A CA  
439 C C   . ALA A 58 ? 0.1660 0.1640 0.1659 -0.0064 0.0034  0.0115  58  ALA A C   
440 O O   . ALA A 58 ? 0.1794 0.1767 0.1764 -0.0054 0.0023  0.0116  58  ALA A O   
441 C CB  . ALA A 58 ? 0.1984 0.2022 0.2087 -0.0048 0.0055  0.0147  58  ALA A CB  
442 N N   . ALA A 59 ? 0.1757 0.1719 0.1736 -0.0083 0.0046  0.0100  59  ALA A N   
443 C CA  . ALA A 59 ? 0.2008 0.1942 0.1935 -0.0099 0.0053  0.0090  59  ALA A CA  
444 C C   . ALA A 59 ? 0.1977 0.1853 0.1835 -0.0103 0.0036  0.0095  59  ALA A C   
445 O O   . ALA A 59 ? 0.2110 0.1953 0.1930 -0.0110 0.0032  0.0098  59  ALA A O   
446 C CB  . ALA A 59 ? 0.1864 0.1806 0.1794 -0.0119 0.0078  0.0073  59  ALA A CB  
447 N N   . ARG A 60 ? 0.1933 0.1790 0.1775 -0.0097 0.0019  0.0090  60  ARG A N   
448 C CA  . ARG A 60 ? 0.2095 0.1891 0.1859 -0.0092 -0.0006 0.0092  60  ARG A CA  
449 C C   . ARG A 60 ? 0.2093 0.1889 0.1869 -0.0071 -0.0032 0.0099  60  ARG A C   
450 O O   . ARG A 60 ? 0.2310 0.2047 0.2023 -0.0068 -0.0049 0.0104  60  ARG A O   
451 C CB  . ARG A 60 ? 0.1985 0.1772 0.1744 -0.0079 -0.0030 0.0077  60  ARG A CB  
452 C CG  . ARG A 60 ? 0.2628 0.2340 0.2277 -0.0069 -0.0057 0.0074  60  ARG A CG  
453 C CD  . ARG A 60 ? 0.2639 0.2352 0.2300 -0.0044 -0.0098 0.0048  60  ARG A CD  
454 N NE  . ARG A 60 ? 0.2711 0.2476 0.2476 -0.0029 -0.0123 0.0041  60  ARG A NE  
455 C CZ  . ARG A 60 ? 0.3521 0.3277 0.3283 -0.0008 -0.0152 0.0043  60  ARG A CZ  
456 N NH1 . ARG A 60 ? 0.3854 0.3536 0.3508 0.0001  -0.0167 0.0054  60  ARG A NH1 
457 N NH2 . ARG A 60 ? 0.3632 0.3453 0.3501 0.0003  -0.0164 0.0036  60  ARG A NH2 
458 N N   . LEU A 61 ? 0.1995 0.1853 0.1850 -0.0054 -0.0035 0.0099  61  LEU A N   
459 C CA  . LEU A 61 ? 0.1842 0.1722 0.1716 -0.0027 -0.0053 0.0100  61  LEU A CA  
460 C C   . LEU A 61 ? 0.1852 0.1719 0.1701 -0.0026 -0.0048 0.0102  61  LEU A C   
461 O O   . LEU A 61 ? 0.2000 0.1832 0.1815 -0.0009 -0.0075 0.0095  61  LEU A O   
462 C CB  . LEU A 61 ? 0.1857 0.1815 0.1821 -0.0015 -0.0041 0.0107  61  LEU A CB  
463 C CG  . LEU A 61 ? 0.1651 0.1625 0.1668 -0.0015 -0.0056 0.0098  61  LEU A CG  
464 C CD1 . LEU A 61 ? 0.1912 0.1952 0.2026 -0.0021 -0.0029 0.0115  61  LEU A CD1 
465 C CD2 . LEU A 61 ? 0.2039 0.2010 0.2053 0.0010  -0.0095 0.0080  61  LEU A CD2 
466 N N   . LEU A 62 ? 0.1862 0.1754 0.1732 -0.0040 -0.0020 0.0105  62  LEU A N   
467 C CA  . LEU A 62 ? 0.1726 0.1613 0.1588 -0.0037 -0.0022 0.0097  62  LEU A CA  
468 C C   . LEU A 62 ? 0.1914 0.1719 0.1719 -0.0063 -0.0030 0.0095  62  LEU A C   
469 O O   . LEU A 62 ? 0.1948 0.1719 0.1738 -0.0055 -0.0052 0.0086  62  LEU A O   
470 C CB  . LEU A 62 ? 0.1833 0.1768 0.1735 -0.0042 0.0002  0.0093  62  LEU A CB  
471 C CG  . LEU A 62 ? 0.1829 0.1768 0.1738 -0.0034 -0.0008 0.0074  62  LEU A CG  
472 C CD1 . LEU A 62 ? 0.2363 0.2324 0.2267 0.0010  -0.0033 0.0068  62  LEU A CD1 
473 C CD2 . LEU A 62 ? 0.1990 0.1981 0.1942 -0.0032 0.0007  0.0063  62  LEU A CD2 
474 N N   . ARG A 63 ? 0.2260 0.2028 0.2029 -0.0092 -0.0012 0.0104  63  ARG A N   
475 C CA  . ARG A 63 ? 0.2250 0.1934 0.1951 -0.0121 -0.0009 0.0113  63  ARG A CA  
476 C C   . ARG A 63 ? 0.2440 0.2050 0.2080 -0.0099 -0.0051 0.0120  63  ARG A C   
477 O O   . ARG A 63 ? 0.2709 0.2248 0.2316 -0.0109 -0.0064 0.0126  63  ARG A O   
478 C CB  . ARG A 63 ? 0.2555 0.2225 0.2216 -0.0146 0.0022  0.0121  63  ARG A CB  
479 C CG  . ARG A 63 ? 0.2967 0.2559 0.2554 -0.0183 0.0045  0.0140  63  ARG A CG  
480 C CD  . ARG A 63 ? 0.3052 0.2656 0.2603 -0.0202 0.0085  0.0142  63  ARG A CD  
481 N NE  . ARG A 63 ? 0.3116 0.2810 0.2754 -0.0215 0.0119  0.0120  63  ARG A NE  
482 C CZ  . ARG A 63 ? 0.3206 0.2961 0.2887 -0.0195 0.0117  0.0100  63  ARG A CZ  
483 N NH1 . ARG A 63 ? 0.2868 0.2610 0.2523 -0.0167 0.0086  0.0099  63  ARG A NH1 
484 N NH2 . ARG A 63 ? 0.2973 0.2798 0.2728 -0.0203 0.0142  0.0080  63  ARG A NH2 
485 N N   . GLN A 64 ? 0.2617 0.2242 0.2253 -0.0068 -0.0076 0.0116  64  GLN A N   
486 C CA  . GLN A 64 ? 0.2562 0.2127 0.2150 -0.0037 -0.0124 0.0114  64  GLN A CA  
487 C C   . GLN A 64 ? 0.2740 0.2325 0.2370 -0.0009 -0.0149 0.0098  64  GLN A C   
488 O O   . GLN A 64 ? 0.2765 0.2274 0.2348 0.0006  -0.0187 0.0095  64  GLN A O   
489 C CB  . GLN A 64 ? 0.2718 0.2314 0.2317 -0.0008 -0.0149 0.0102  64  GLN A CB  
490 C CG  . GLN A 64 ? 0.3430 0.2959 0.2974 0.0028  -0.0206 0.0094  64  GLN A CG  
491 C CD  . GLN A 64 ? 0.3868 0.3436 0.3439 0.0057  -0.0236 0.0073  64  GLN A CD  
492 O OE1 . GLN A 64 ? 0.3449 0.3062 0.3053 0.0042  -0.0216 0.0070  64  GLN A OE1 
493 N NE2 . GLN A 64 ? 0.3888 0.3442 0.3456 0.0100  -0.0290 0.0053  64  GLN A NE2 
494 N N   . ALA A 65 ? 0.2559 0.2242 0.2266 0.0004  -0.0132 0.0085  65  ALA A N   
495 C CA  . ALA A 65 ? 0.2384 0.2094 0.2120 0.0036  -0.0153 0.0064  65  ALA A CA  
496 C C   . ALA A 65 ? 0.2679 0.2312 0.2390 0.0017  -0.0164 0.0060  65  ALA A C   
497 O O   . ALA A 65 ? 0.2663 0.2250 0.2358 0.0043  -0.0205 0.0043  65  ALA A O   
498 C CB  . ALA A 65 ? 0.2249 0.2068 0.2051 0.0051  -0.0125 0.0059  65  ALA A CB  
499 N N   . ALA A 66 ? 0.2492 0.2115 0.2210 -0.0029 -0.0130 0.0070  66  ALA A N   
500 C CA  . ALA A 66 ? 0.2571 0.2132 0.2290 -0.0057 -0.0134 0.0065  66  ALA A CA  
501 C C   . ALA A 66 ? 0.3328 0.2759 0.2971 -0.0079 -0.0150 0.0089  66  ALA A C   
502 O O   . ALA A 66 ? 0.3699 0.3055 0.3339 -0.0082 -0.0180 0.0081  66  ALA A O   
503 C CB  . ALA A 66 ? 0.3078 0.2682 0.2842 -0.0100 -0.0089 0.0065  66  ALA A CB  
504 N N   . LYS A 67 ? 0.3234 0.2628 0.2810 -0.0092 -0.0135 0.0118  67  LYS A N   
505 C CA  . LYS A 67 ? 0.3675 0.2936 0.3155 -0.0109 -0.0147 0.0150  67  LYS A CA  
506 C C   . LYS A 67 ? 0.3553 0.2746 0.2990 -0.0059 -0.0214 0.0140  67  LYS A C   
507 O O   . LYS A 67 ? 0.4458 0.3533 0.3849 -0.0064 -0.0242 0.0153  67  LYS A O   
508 C CB  . LYS A 67 ? 0.4413 0.3660 0.3819 -0.0125 -0.0116 0.0178  67  LYS A CB  
509 N N   . GLN A 68 ? 0.3635 0.2902 0.3093 -0.0009 -0.0239 0.0117  68  GLN A N   
510 C CA  . GLN A 68 ? 0.3356 0.2579 0.2786 0.0046  -0.0303 0.0100  68  GLN A CA  
511 C C   . GLN A 68 ? 0.3212 0.2492 0.2713 0.0089  -0.0335 0.0057  68  GLN A C   
512 O O   . GLN A 68 ? 0.3756 0.2993 0.3237 0.0138  -0.0392 0.0036  68  GLN A O   
513 C CB  . GLN A 68 ? 0.4903 0.4181 0.4327 0.0078  -0.0316 0.0091  68  GLN A CB  
514 N N   . GLY A 69 ? 0.2895 0.2267 0.2472 0.0079  -0.0303 0.0041  69  GLY A N   
515 C CA  . GLY A 69 ? 0.3019 0.2461 0.2653 0.0129  -0.0330 -0.0002 69  GLY A CA  
516 C C   . GLY A 69 ? 0.3193 0.2758 0.2870 0.0174  -0.0325 -0.0019 69  GLY A C   
517 O O   . GLY A 69 ? 0.3072 0.2697 0.2783 0.0227  -0.0347 -0.0056 69  GLY A O   
518 N N   . ASP A 70 ? 0.2959 0.2567 0.2643 0.0155  -0.0294 0.0004  70  ASP A N   
519 C CA  . ASP A 70 ? 0.2749 0.2469 0.2491 0.0186  -0.0285 -0.0009 70  ASP A CA  
520 C C   . ASP A 70 ? 0.3014 0.2849 0.2818 0.0184  -0.0236 -0.0006 70  ASP A C   
521 O O   . ASP A 70 ? 0.2560 0.2439 0.2390 0.0153  -0.0194 0.0018  70  ASP A O   
522 C CB  . ASP A 70 ? 0.3926 0.3632 0.3656 0.0165  -0.0280 0.0010  70  ASP A CB  
523 C CG  . ASP A 70 ? 0.5658 0.5248 0.5309 0.0179  -0.0335 0.0008  70  ASP A CG  
524 O OD1 . ASP A 70 ? 0.6167 0.5708 0.5796 0.0217  -0.0383 -0.0013 70  ASP A OD1 
525 O OD2 . ASP A 70 ? 0.5974 0.5520 0.5580 0.0158  -0.0333 0.0026  70  ASP A OD2 
526 N N   . LEU A 71 ? 0.2849 0.2729 0.2670 0.0224  -0.0245 -0.0033 71  LEU A N   
527 C CA  . LEU A 71 ? 0.2158 0.2131 0.2009 0.0233  -0.0205 -0.0030 71  LEU A CA  
528 C C   . LEU A 71 ? 0.2225 0.2303 0.2131 0.0233  -0.0159 -0.0008 71  LEU A C   
529 O O   . LEU A 71 ? 0.2422 0.2551 0.2345 0.0219  -0.0117 0.0016  71  LEU A O   
530 C CB  . LEU A 71 ? 0.2285 0.2289 0.2132 0.0290  -0.0233 -0.0071 71  LEU A CB  
531 C CG  . LEU A 71 ? 0.2264 0.2352 0.2119 0.0312  -0.0202 -0.0074 71  LEU A CG  
532 C CD1 . LEU A 71 ? 0.2469 0.2508 0.2313 0.0267  -0.0192 -0.0060 71  LEU A CD1 
533 C CD2 . LEU A 71 ? 0.2342 0.2459 0.2182 0.0379  -0.0238 -0.0125 71  LEU A CD2 
534 N N   . GLU A 72 ? 0.2133 0.2247 0.2074 0.0251  -0.0169 -0.0016 72  GLU A N   
535 C CA  . GLU A 72 ? 0.2205 0.2420 0.2220 0.0242  -0.0123 0.0005  72  GLU A CA  
536 C C   . GLU A 72 ? 0.2398 0.2584 0.2427 0.0187  -0.0098 0.0040  72  GLU A C   
537 O O   . GLU A 72 ? 0.2503 0.2753 0.2583 0.0173  -0.0053 0.0067  72  GLU A O   
538 C CB  . GLU A 72 ? 0.2530 0.2802 0.2603 0.0273  -0.0141 -0.0022 72  GLU A CB  
539 C CG  . GLU A 72 ? 0.3167 0.3386 0.3257 0.0248  -0.0172 -0.0024 72  GLU A CG  
540 C CD  . GLU A 72 ? 0.3284 0.3380 0.3291 0.0260  -0.0237 -0.0045 72  GLU A CD  
541 O OE1 . GLU A 72 ? 0.3346 0.3374 0.3285 0.0266  -0.0252 -0.0048 72  GLU A OE1 
542 O OE2 . GLU A 72 ? 0.4328 0.4389 0.4339 0.0264  -0.0276 -0.0060 72  GLU A OE2 
543 N N   . LEU A 73 ? 0.1990 0.2073 0.1966 0.0159  -0.0124 0.0040  73  LEU A N   
544 C CA  . LEU A 73 ? 0.2056 0.2113 0.2035 0.0112  -0.0102 0.0065  73  LEU A CA  
545 C C   . LEU A 73 ? 0.2026 0.2104 0.2003 0.0097  -0.0063 0.0086  73  LEU A C   
546 O O   . LEU A 73 ? 0.1984 0.2070 0.1987 0.0070  -0.0037 0.0106  73  LEU A O   
547 C CB  . LEU A 73 ? 0.2068 0.2016 0.1974 0.0091  -0.0131 0.0062  73  LEU A CB  
548 C CG  . LEU A 73 ? 0.2904 0.2815 0.2796 0.0109  -0.0178 0.0043  73  LEU A CG  
549 C CD1 . LEU A 73 ? 0.3632 0.3430 0.3430 0.0088  -0.0198 0.0050  73  LEU A CD1 
550 C CD2 . LEU A 73 ? 0.3418 0.3402 0.3396 0.0111  -0.0174 0.0036  73  LEU A CD2 
551 N N   . ALA A 74 ? 0.2067 0.2151 0.2015 0.0121  -0.0067 0.0075  74  ALA A N   
552 C CA  . ALA A 74 ? 0.2138 0.2246 0.2084 0.0116  -0.0038 0.0089  74  ALA A CA  
553 C C   . ALA A 74 ? 0.1980 0.2171 0.1971 0.0130  0.0001  0.0117  74  ALA A C   
554 O O   . ALA A 74 ? 0.2105 0.2302 0.2106 0.0114  0.0026  0.0141  74  ALA A O   
555 C CB  . ALA A 74 ? 0.2117 0.2219 0.2029 0.0145  -0.0060 0.0062  74  ALA A CB  
556 N N   . ARG A 75 ? 0.2038 0.2291 0.2058 0.0157  0.0009  0.0117  75  ARG A N   
557 C CA  . ARG A 75 ? 0.2184 0.2511 0.2252 0.0161  0.0057  0.0152  75  ARG A CA  
558 C C   . ARG A 75 ? 0.1851 0.2160 0.1979 0.0114  0.0071  0.0175  75  ARG A C   
559 O O   . ARG A 75 ? 0.2297 0.2624 0.2452 0.0100  0.0107  0.0213  75  ARG A O   
560 C CB  . ARG A 75 ? 0.3164 0.3570 0.3271 0.0193  0.0066  0.0141  75  ARG A CB  
561 C CG  . ARG A 75 ? 0.2706 0.3181 0.2774 0.0246  0.0088  0.0142  75  ARG A CG  
562 C CD  . ARG A 75 ? 0.2490 0.3064 0.2613 0.0275  0.0111  0.0133  75  ARG A CD  
563 N NE  . ARG A 75 ? 0.2744 0.3382 0.2940 0.0250  0.0174  0.0183  75  ARG A NE  
564 C CZ  . ARG A 75 ? 0.3237 0.3936 0.3413 0.0267  0.0233  0.0227  75  ARG A CZ  
565 N NH1 . ARG A 75 ? 0.3176 0.3886 0.3254 0.0320  0.0232  0.0220  75  ARG A NH1 
566 N NH2 . ARG A 75 ? 0.4091 0.4836 0.4345 0.0233  0.0292  0.0279  75  ARG A NH2 
567 N N   . GLN A 76 ? 0.1918 0.2186 0.2063 0.0094  0.0038  0.0153  76  GLN A N   
568 C CA  . GLN A 76 ? 0.1930 0.2176 0.2128 0.0055  0.0040  0.0162  76  GLN A CA  
569 C C   . GLN A 76 ? 0.1736 0.1927 0.1898 0.0031  0.0046  0.0173  76  GLN A C   
570 O O   . GLN A 76 ? 0.1806 0.1997 0.2015 0.0008  0.0064  0.0193  76  GLN A O   
571 C CB  . GLN A 76 ? 0.2073 0.2286 0.2278 0.0051  -0.0004 0.0129  76  GLN A CB  
572 C CG  . GLN A 76 ? 0.2192 0.2467 0.2453 0.0077  -0.0015 0.0109  76  GLN A CG  
573 C CD  . GLN A 76 ? 0.2093 0.2322 0.2342 0.0085  -0.0072 0.0070  76  GLN A CD  
574 O OE1 . GLN A 76 ? 0.3256 0.3428 0.3489 0.0062  -0.0093 0.0064  76  GLN A OE1 
575 N NE2 . GLN A 76 ? 0.2708 0.2958 0.2954 0.0122  -0.0100 0.0042  76  GLN A NE2 
576 N N   . ALA A 77 ? 0.1657 0.1803 0.1746 0.0035  0.0029  0.0156  77  ALA A N   
577 C CA  . ALA A 77 ? 0.1670 0.1781 0.1736 0.0016  0.0035  0.0159  77  ALA A CA  
578 C C   . ALA A 77 ? 0.1794 0.1940 0.1877 0.0027  0.0064  0.0186  77  ALA A C   
579 O O   . ALA A 77 ? 0.1909 0.2040 0.2017 0.0011  0.0075  0.0198  77  ALA A O   
580 C CB  . ALA A 77 ? 0.1852 0.1918 0.1855 0.0016  0.0017  0.0136  77  ALA A CB  
581 N N   . LEU A 78 ? 0.1815 0.2003 0.1878 0.0062  0.0073  0.0194  78  LEU A N   
582 C CA  . LEU A 78 ? 0.2001 0.2218 0.2060 0.0083  0.0100  0.0226  78  LEU A CA  
583 C C   . LEU A 78 ? 0.2077 0.2308 0.2199 0.0065  0.0131  0.0268  78  LEU A C   
584 O O   . LEU A 78 ? 0.2306 0.2516 0.2433 0.0061  0.0142  0.0294  78  LEU A O   
585 C CB  . LEU A 78 ? 0.2147 0.2413 0.2163 0.0131  0.0104  0.0224  78  LEU A CB  
586 C CG  . LEU A 78 ? 0.2085 0.2382 0.2068 0.0167  0.0131  0.0261  78  LEU A CG  
587 C CD1 . LEU A 78 ? 0.2724 0.2984 0.2680 0.0172  0.0113  0.0252  78  LEU A CD1 
588 C CD2 . LEU A 78 ? 0.2497 0.2848 0.2427 0.0221  0.0132  0.0250  78  LEU A CD2 
589 N N   . ALA A 79 ? 0.1940 0.2201 0.2117 0.0053  0.0139  0.0273  79  ALA A N   
590 C CA  . ALA A 79 ? 0.1976 0.2250 0.2235 0.0028  0.0169  0.0311  79  ALA A CA  
591 C C   . ALA A 79 ? 0.2089 0.2303 0.2384 -0.0007 0.0150  0.0302  79  ALA A C   
592 O O   . ALA A 79 ? 0.2200 0.2395 0.2531 -0.0019 0.0168  0.0337  79  ALA A O   
593 C CB  . ALA A 79 ? 0.2129 0.2455 0.2460 0.0020  0.0176  0.0304  79  ALA A CB  
594 N N   . ALA A 80 ? 0.1946 0.2125 0.2224 -0.0018 0.0113  0.0257  80  ALA A N   
595 C CA  . ALA A 80 ? 0.1692 0.1821 0.1995 -0.0044 0.0096  0.0240  80  ALA A CA  
596 C C   . ALA A 80 ? 0.1767 0.1868 0.2037 -0.0037 0.0101  0.0250  80  ALA A C   
597 O O   . ALA A 80 ? 0.1877 0.1950 0.2191 -0.0049 0.0100  0.0257  80  ALA A O   
598 C CB  . ALA A 80 ? 0.1924 0.2023 0.2189 -0.0051 0.0060  0.0194  80  ALA A CB  
599 N N   . ALA A 81 ? 0.1901 0.2010 0.2102 -0.0014 0.0101  0.0243  81  ALA A N   
600 C CA  . ALA A 81 ? 0.1767 0.1860 0.1945 -0.0001 0.0100  0.0243  81  ALA A CA  
601 C C   . ALA A 81 ? 0.2113 0.2206 0.2306 0.0016  0.0121  0.0293  81  ALA A C   
602 O O   . ALA A 81 ? 0.2266 0.2327 0.2472 0.0020  0.0115  0.0299  81  ALA A O   
603 C CB  . ALA A 81 ? 0.1805 0.1913 0.1924 0.0020  0.0091  0.0217  81  ALA A CB  
604 N N   . ARG A 82 ? 0.1988 0.2118 0.2176 0.0030  0.0146  0.0330  82  ARG A N   
605 C CA  . ARG A 82 ? 0.2268 0.2393 0.2460 0.0043  0.0176  0.0390  82  ARG A CA  
606 C C   . ARG A 82 ? 0.2194 0.2279 0.2475 0.0007  0.0183  0.0415  82  ARG A C   
607 O O   . ARG A 82 ? 0.2359 0.2401 0.2645 0.0012  0.0189  0.0453  82  ARG A O   
608 C CB  . ARG A 82 ? 0.2650 0.2830 0.2814 0.0066  0.0210  0.0425  82  ARG A CB  
609 C CG  . ARG A 82 ? 0.3032 0.3237 0.3098 0.0118  0.0201  0.0411  82  ARG A CG  
610 C CD  . ARG A 82 ? 0.3888 0.4161 0.3925 0.0144  0.0227  0.0420  82  ARG A CD  
611 N NE  . ARG A 82 ? 0.5396 0.5689 0.5333 0.0204  0.0219  0.0415  82  ARG A NE  
612 C CZ  . ARG A 82 ? 0.5980 0.6332 0.5872 0.0243  0.0231  0.0406  82  ARG A CZ  
613 N NH1 . ARG A 82 ? 0.6241 0.6642 0.6185 0.0227  0.0252  0.0403  82  ARG A NH1 
614 N NH2 . ARG A 82 ? 0.6025 0.6393 0.5824 0.0303  0.0215  0.0393  82  ARG A NH2 
615 N N   . GLN A 83 ? 0.2053 0.2147 0.2406 -0.0029 0.0175  0.0390  83  GLN A N   
616 C CA  . GLN A 83 ? 0.2114 0.2169 0.2563 -0.0063 0.0169  0.0397  83  GLN A CA  
617 C C   . GLN A 83 ? 0.2283 0.2279 0.2725 -0.0061 0.0134  0.0364  83  GLN A C   
618 O O   . GLN A 83 ? 0.2202 0.2149 0.2704 -0.0074 0.0129  0.0382  83  GLN A O   
619 C CB  . GLN A 83 ? 0.2670 0.2751 0.3193 -0.0092 0.0154  0.0360  83  GLN A CB  
620 C CG  . GLN A 83 ? 0.3357 0.3507 0.3918 -0.0095 0.0188  0.0386  83  GLN A CG  
621 C CD  . GLN A 83 ? 0.3900 0.4081 0.4507 -0.0106 0.0158  0.0334  83  GLN A CD  
622 O OE1 . GLN A 83 ? 0.4192 0.4344 0.4862 -0.0128 0.0124  0.0299  83  GLN A OE1 
623 N NE2 . GLN A 83 ? 0.3301 0.3539 0.3874 -0.0085 0.0166  0.0324  83  GLN A NE2 
624 N N   . ALA A 84 ? 0.2201 0.2203 0.2580 -0.0046 0.0112  0.0314  84  ALA A N   
625 C CA  . ALA A 84 ? 0.1893 0.1857 0.2266 -0.0039 0.0085  0.0279  84  ALA A CA  
626 C C   . ALA A 84 ? 0.1988 0.1925 0.2339 -0.0010 0.0089  0.0312  84  ALA A C   
627 O O   . ALA A 84 ? 0.2053 0.1942 0.2443 -0.0008 0.0072  0.0309  84  ALA A O   
628 C CB  . ALA A 84 ? 0.2299 0.2286 0.2612 -0.0034 0.0073  0.0225  84  ALA A CB  
629 N N   . LEU A 85 ? 0.2152 0.2116 0.2439 0.0018  0.0106  0.0341  85  LEU A N   
630 C CA  . LEU A 85 ? 0.2643 0.2579 0.2891 0.0057  0.0103  0.0376  85  LEU A CA  
631 C C   . LEU A 85 ? 0.2887 0.2767 0.3176 0.0046  0.0122  0.0442  85  LEU A C   
632 O O   . LEU A 85 ? 0.2618 0.2437 0.2909 0.0065  0.0104  0.0458  85  LEU A O   
633 C CB  . LEU A 85 ? 0.2365 0.2342 0.2525 0.0096  0.0114  0.0388  85  LEU A CB  
634 C CG  . LEU A 85 ? 0.2016 0.2036 0.2146 0.0106  0.0091  0.0321  85  LEU A CG  
635 C CD1 . LEU A 85 ? 0.2422 0.2485 0.2481 0.0143  0.0096  0.0326  85  LEU A CD1 
636 C CD2 . LEU A 85 ? 0.2429 0.2433 0.2570 0.0123  0.0059  0.0279  85  LEU A CD2 
637 N N   . ALA A 86 ? 0.2630 0.2530 0.2961 0.0016  0.0156  0.0483  86  ALA A N   
638 C CA  . ALA A 86 ? 0.2509 0.2357 0.2902 -0.0008 0.0182  0.0550  86  ALA A CA  
639 C C   . ALA A 86 ? 0.2813 0.2595 0.3300 -0.0036 0.0146  0.0520  86  ALA A C   
640 O O   . ALA A 86 ? 0.3183 0.2888 0.3698 -0.0035 0.0142  0.0562  86  ALA A O   
641 C CB  . ALA A 86 ? 0.2266 0.2168 0.2709 -0.0040 0.0228  0.0586  86  ALA A CB  
642 N N   . PHE A 87 ? 0.2252 0.2060 0.2781 -0.0055 0.0117  0.0447  87  PHE A N   
643 C CA  . PHE A 87 ? 0.2753 0.2507 0.3361 -0.0071 0.0078  0.0405  87  PHE A CA  
644 C C   . PHE A 87 ? 0.2674 0.2376 0.3246 -0.0033 0.0046  0.0388  87  PHE A C   
645 O O   . PHE A 87 ? 0.2586 0.2211 0.3216 -0.0034 0.0024  0.0397  87  PHE A O   
646 C CB  . PHE A 87 ? 0.2786 0.2582 0.3410 -0.0085 0.0053  0.0327  87  PHE A CB  
647 C CG  . PHE A 87 ? 0.3010 0.2763 0.3719 -0.0100 0.0011  0.0277  87  PHE A CG  
648 C CD1 . PHE A 87 ? 0.3299 0.3014 0.3993 -0.0075 -0.0023 0.0230  87  PHE A CD1 
649 C CD2 . PHE A 87 ? 0.3458 0.3210 0.4269 -0.0136 0.0004  0.0270  87  PHE A CD2 
650 C CE1 . PHE A 87 ? 0.3301 0.2978 0.4069 -0.0081 -0.0065 0.0176  87  PHE A CE1 
651 C CE2 . PHE A 87 ? 0.4203 0.3913 0.5094 -0.0144 -0.0043 0.0215  87  PHE A CE2 
652 C CZ  . PHE A 87 ? 0.3849 0.3518 0.4712 -0.0115 -0.0078 0.0168  87  PHE A CZ  
653 N N   . ALA A 88 ? 0.2420 0.2162 0.2904 0.0003  0.0042  0.0359  88  ALA A N   
654 C CA  . ALA A 88 ? 0.2610 0.2318 0.3065 0.0044  0.0010  0.0334  88  ALA A CA  
655 C C   . ALA A 88 ? 0.2813 0.2448 0.3250 0.0070  0.0012  0.0406  88  ALA A C   
656 O O   . ALA A 88 ? 0.3111 0.2675 0.3574 0.0091  -0.0023 0.0398  88  ALA A O   
657 C CB  . ALA A 88 ? 0.2794 0.2573 0.3177 0.0072  0.0008  0.0292  88  ALA A CB  
658 N N   . ARG A 89 ? 0.2797 0.2442 0.3178 0.0074  0.0050  0.0479  89  ARG A N   
659 C CA  . ARG A 89 ? 0.3133 0.2700 0.3477 0.0099  0.0060  0.0562  89  ARG A CA  
660 C C   . ARG A 89 ? 0.3111 0.2588 0.3553 0.0060  0.0061  0.0605  89  ARG A C   
661 O O   . ARG A 89 ? 0.3512 0.2889 0.3941 0.0084  0.0042  0.0647  89  ARG A O   
662 C CB  . ARG A 89 ? 0.3951 0.3559 0.4211 0.0111  0.0111  0.0630  89  ARG A CB  
663 C CG  . ARG A 89 ? 0.4556 0.4229 0.4711 0.0164  0.0098  0.0595  89  ARG A CG  
664 C CD  . ARG A 89 ? 0.5625 0.5332 0.5690 0.0183  0.0145  0.0660  89  ARG A CD  
665 N NE  . ARG A 89 ? 0.6976 0.6737 0.7103 0.0129  0.0195  0.0681  89  ARG A NE  
666 C CZ  . ARG A 89 ? 0.7660 0.7510 0.7765 0.0127  0.0210  0.0647  89  ARG A CZ  
667 N NH1 . ARG A 89 ? 0.7927 0.7824 0.8096 0.0084  0.0249  0.0662  89  ARG A NH1 
668 N NH2 . ARG A 89 ? 0.7569 0.7464 0.7599 0.0171  0.0183  0.0598  89  ARG A NH2 
669 N N   . ARG A 90 ? 0.3257 0.2760 0.3798 0.0003  0.0077  0.0592  90  ARG A N   
670 C CA  . ARG A 90 ? 0.3392 0.2809 0.4051 -0.0039 0.0070  0.0619  90  ARG A CA  
671 C C   . ARG A 90 ? 0.2892 0.2244 0.3599 -0.0021 0.0004  0.0549  90  ARG A C   
672 O O   . ARG A 90 ? 0.3182 0.2426 0.3939 -0.0021 -0.0018 0.0583  90  ARG A O   
673 C CB  . ARG A 90 ? 0.3780 0.3254 0.4546 -0.0099 0.0095  0.0608  90  ARG A CB  
674 C CG  . ARG A 90 ? 0.4599 0.4128 0.5348 -0.0121 0.0166  0.0686  90  ARG A CG  
675 C CD  . ARG A 90 ? 0.4227 0.3784 0.5123 -0.0185 0.0186  0.0686  90  ARG A CD  
676 N NE  . ARG A 90 ? 0.4231 0.3857 0.5166 -0.0194 0.0149  0.0589  90  ARG A NE  
677 C CZ  . ARG A 90 ? 0.4471 0.4195 0.5350 -0.0183 0.0163  0.0558  90  ARG A CZ  
678 N NH1 . ARG A 90 ? 0.4381 0.4153 0.5167 -0.0162 0.0212  0.0611  90  ARG A NH1 
679 N NH2 . ARG A 90 ? 0.4980 0.4746 0.5884 -0.0188 0.0126  0.0476  90  ARG A NH2 
680 N N   . VAL A 91 ? 0.3084 0.2501 0.3777 -0.0003 -0.0029 0.0453  91  VAL A N   
681 C CA  . VAL A 91 ? 0.3263 0.2636 0.3988 0.0025  -0.0088 0.0379  91  VAL A CA  
682 C C   . VAL A 91 ? 0.2952 0.2249 0.3623 0.0079  -0.0112 0.0410  91  VAL A C   
683 O O   . VAL A 91 ? 0.3297 0.2497 0.4023 0.0092  -0.0155 0.0402  91  VAL A O   
684 C CB  . VAL A 91 ? 0.3310 0.2780 0.4005 0.0039  -0.0102 0.0281  91  VAL A CB  
685 C CG1 . VAL A 91 ? 0.3214 0.2655 0.3930 0.0078  -0.0155 0.0203  91  VAL A CG1 
686 C CG2 . VAL A 91 ? 0.3295 0.2814 0.4040 -0.0007 -0.0093 0.0246  91  VAL A CG2 
687 N N   . ALA A 92 ? 0.2988 0.2322 0.3551 0.0115  -0.0092 0.0442  92  ALA A N   
688 C CA  . ALA A 92 ? 0.3091 0.2353 0.3591 0.0176  -0.0122 0.0471  92  ALA A CA  
689 C C   . ALA A 92 ? 0.3263 0.2393 0.3773 0.0168  -0.0113 0.0574  92  ALA A C   
690 O O   . ALA A 92 ? 0.3518 0.2543 0.4020 0.0209  -0.0159 0.0585  92  ALA A O   
691 C CB  . ALA A 92 ? 0.3675 0.3009 0.4057 0.0219  -0.0105 0.0480  92  ALA A CB  
692 N N   . GLY A 93 ? 0.3168 0.2297 0.3699 0.0113  -0.0055 0.0651  93  GLY A N   
693 C CA  . GLY A 93 ? 0.3122 0.2132 0.3669 0.0092  -0.0030 0.0762  93  GLY A CA  
694 C C   . GLY A 93 ? 0.3238 0.2152 0.3934 0.0047  -0.0060 0.0751  93  GLY A C   
695 O O   . GLY A 93 ? 0.3819 0.2597 0.4533 0.0043  -0.0064 0.0829  93  GLY A O   
696 N N   . LEU A 94 ? 0.3213 0.2189 0.4010 0.0016  -0.0085 0.0656  94  LEU A N   
697 C CA  . LEU A 94 ? 0.3444 0.2346 0.4394 -0.0026 -0.0119 0.0629  94  LEU A CA  
698 C C   . LEU A 94 ? 0.3233 0.2076 0.4214 0.0020  -0.0202 0.0537  94  LEU A C   
699 O O   . LEU A 94 ? 0.3516 0.2241 0.4597 0.0006  -0.0243 0.0539  94  LEU A O   
700 C CB  . LEU A 94 ? 0.3689 0.2690 0.4734 -0.0083 -0.0103 0.0573  94  LEU A CB  
701 C CG  . LEU A 94 ? 0.3871 0.2930 0.4949 -0.0142 -0.0028 0.0648  94  LEU A CG  
702 C CD1 . LEU A 94 ? 0.4604 0.3777 0.5745 -0.0174 -0.0030 0.0568  94  LEU A CD1 
703 C CD2 . LEU A 94 ? 0.3449 0.2398 0.4641 -0.0195 -0.0006 0.0738  94  LEU A CD2 
704 N N   . GLU A 95 ? 0.3468 0.2394 0.4373 0.0074  -0.0228 0.0453  95  GLU A N   
705 C CA  . GLU A 95 ? 0.3946 0.2848 0.4886 0.0120  -0.0299 0.0351  95  GLU A CA  
706 C C   . GLU A 95 ? 0.4348 0.3186 0.5207 0.0194  -0.0335 0.0363  95  GLU A C   
707 O O   . GLU A 95 ? 0.4683 0.3462 0.5585 0.0237  -0.0400 0.0300  95  GLU A O   
708 C CB  . GLU A 95 ? 0.3780 0.2824 0.4706 0.0127  -0.0301 0.0241  95  GLU A CB  
709 N N1  . EPE B .  ? 0.4115 0.3543 0.4097 0.0049  -0.0402 -0.0204 201 EPE A N1  
710 C C2  . EPE B .  ? 0.4554 0.3848 0.4534 0.0047  -0.0458 -0.0219 201 EPE A C2  
711 C C3  . EPE B .  ? 0.4899 0.4082 0.4796 0.0019  -0.0444 -0.0155 201 EPE A C3  
712 N N4  . EPE B .  ? 0.5092 0.4278 0.4968 -0.0051 -0.0371 -0.0094 201 EPE A N4  
713 C C5  . EPE B .  ? 0.4742 0.4063 0.4649 -0.0055 -0.0319 -0.0092 201 EPE A C5  
714 C C6  . EPE B .  ? 0.4415 0.3824 0.4411 -0.0033 -0.0340 -0.0154 201 EPE A C6  
715 C C7  . EPE B .  ? 0.5560 0.4622 0.5352 -0.0086 -0.0357 -0.0032 201 EPE A C7  
716 C C8  . EPE B .  ? 0.5785 0.4880 0.5539 -0.0137 -0.0281 0.0022  201 EPE A C8  
717 O O8  . EPE B .  ? 0.5938 0.5034 0.5758 -0.0209 -0.0235 0.0032  201 EPE A O8  
718 C C9  . EPE B .  ? 0.3430 0.2960 0.3468 0.0092  -0.0422 -0.0263 201 EPE A C9  
719 C C10 . EPE B .  ? 0.2751 0.2395 0.2735 0.0161  -0.0407 -0.0261 201 EPE A C10 
720 S S   . EPE B .  ? 0.2218 0.1977 0.2222 0.0247  -0.0444 -0.0333 201 EPE A S   
721 O O1S . EPE B .  ? 0.2126 0.1900 0.2081 0.0326  -0.0484 -0.0366 201 EPE A O1S 
722 O O2S . EPE B .  ? 0.2137 0.1863 0.2223 0.0228  -0.0488 -0.0389 201 EPE A O2S 
723 O O3S . EPE B .  ? 0.2002 0.1866 0.1989 0.0258  -0.0395 -0.0307 201 EPE A O3S 
# 
